data_6RYQ
#
_entry.id   6RYQ
#
_cell.length_a   1.000
_cell.length_b   1.000
_cell.length_c   1.000
_cell.angle_alpha   90.00
_cell.angle_beta   90.00
_cell.angle_gamma   90.00
#
_symmetry.space_group_name_H-M   'P 1'
#
_entity_poly.entity_id   1
_entity_poly.type   'polypeptide(L)'
_entity_poly.pdbx_seq_one_letter_code
;WLRRIGKGVKIIGGAALDHL
;
_entity_poly.pdbx_strand_id   A
#
# COMPACT_ATOMS: atom_id res chain seq x y z
N TRP A 1 9.15 11.12 6.54
CA TRP A 1 8.56 10.81 5.25
C TRP A 1 9.17 9.55 4.67
N LEU A 2 8.33 8.58 4.32
CA LEU A 2 8.80 7.33 3.75
C LEU A 2 9.33 7.56 2.34
N ARG A 3 8.42 7.83 1.41
CA ARG A 3 8.77 8.08 0.02
C ARG A 3 7.77 9.05 -0.58
N ARG A 4 6.64 9.19 0.10
CA ARG A 4 5.59 10.09 -0.33
C ARG A 4 4.57 10.26 0.80
N ILE A 5 4.96 9.82 1.99
CA ILE A 5 4.08 9.94 3.16
C ILE A 5 2.78 9.18 2.91
N GLY A 6 2.58 8.09 3.65
CA GLY A 6 1.39 7.29 3.50
C GLY A 6 1.40 6.49 2.21
N LYS A 7 2.50 5.79 1.97
CA LYS A 7 2.64 5.00 0.76
C LYS A 7 1.60 3.88 0.73
N GLY A 8 1.89 2.78 1.43
CA GLY A 8 0.99 1.66 1.49
C GLY A 8 -0.26 1.96 2.29
N VAL A 9 -1.42 1.66 1.73
CA VAL A 9 -2.69 1.91 2.41
C VAL A 9 -2.86 0.97 3.60
N LYS A 10 -3.52 -0.17 3.38
CA LYS A 10 -3.74 -1.14 4.45
C LYS A 10 -4.37 -2.41 3.88
N ILE A 11 -4.93 -2.30 2.67
CA ILE A 11 -5.59 -3.44 2.01
C ILE A 11 -5.19 -3.51 0.54
N ILE A 12 -5.19 -2.36 -0.12
CA ILE A 12 -4.84 -2.28 -1.54
C ILE A 12 -3.36 -2.01 -1.68
N GLY A 13 -2.98 -0.74 -1.83
CA GLY A 13 -1.58 -0.38 -1.89
C GLY A 13 -0.93 -0.87 -0.61
N GLY A 14 -1.79 -1.36 0.26
CA GLY A 14 -1.39 -1.92 1.53
C GLY A 14 -1.00 -3.37 1.35
N ALA A 15 -1.85 -4.13 0.65
CA ALA A 15 -1.53 -5.54 0.38
C ALA A 15 -0.70 -5.58 -0.90
N ALA A 16 -0.01 -4.47 -1.15
CA ALA A 16 0.82 -4.33 -2.33
C ALA A 16 -0.06 -4.11 -3.57
N LEU A 17 -1.02 -3.19 -3.44
CA LEU A 17 -1.93 -2.91 -4.57
C LEU A 17 -2.72 -4.17 -4.92
N ASP A 18 -2.95 -5.02 -3.93
CA ASP A 18 -3.69 -6.26 -4.15
C ASP A 18 -3.06 -7.06 -5.29
N HIS A 19 -1.81 -7.46 -5.11
CA HIS A 19 -1.11 -8.23 -6.13
C HIS A 19 -1.24 -7.57 -7.50
N LEU A 20 -1.04 -6.25 -7.54
CA LEU A 20 -1.14 -5.51 -8.79
C LEU A 20 -2.49 -5.80 -9.46
N TRP A 1 0.77 8.14 -13.83
CA TRP A 1 1.37 7.94 -12.52
C TRP A 1 0.56 8.65 -11.44
N LEU A 2 0.01 7.89 -10.51
CA LEU A 2 -0.78 8.47 -9.42
C LEU A 2 0.01 9.57 -8.73
N ARG A 3 0.79 9.17 -7.74
CA ARG A 3 1.62 10.10 -6.97
C ARG A 3 2.85 9.38 -6.46
N ARG A 4 2.79 8.06 -6.51
CA ARG A 4 3.88 7.21 -6.06
C ARG A 4 3.68 5.79 -6.59
N ILE A 5 2.60 5.61 -7.35
CA ILE A 5 2.30 4.30 -7.92
C ILE A 5 2.19 3.26 -6.79
N GLY A 6 1.33 3.53 -5.82
CA GLY A 6 1.14 2.61 -4.70
C GLY A 6 0.50 3.32 -3.52
N LYS A 7 -0.20 4.41 -3.79
CA LYS A 7 -0.87 5.16 -2.72
C LYS A 7 -1.75 4.23 -1.89
N GLY A 8 -2.64 3.51 -2.56
CA GLY A 8 -3.53 2.60 -1.88
C GLY A 8 -4.23 3.25 -0.70
N VAL A 9 -4.30 2.52 0.42
CA VAL A 9 -4.94 3.04 1.63
C VAL A 9 -4.26 2.47 2.87
N LYS A 10 -4.21 1.15 2.96
CA LYS A 10 -3.58 0.49 4.11
C LYS A 10 -3.30 -0.97 3.79
N ILE A 11 -4.33 -1.80 3.82
CA ILE A 11 -4.16 -3.22 3.54
C ILE A 11 -3.88 -3.43 2.06
N ILE A 12 -3.69 -2.34 1.34
CA ILE A 12 -3.41 -2.42 -0.08
C ILE A 12 -2.00 -2.94 -0.27
N GLY A 13 -1.03 -2.03 -0.28
CA GLY A 13 0.36 -2.42 -0.35
C GLY A 13 0.65 -3.27 0.86
N GLY A 14 -0.38 -3.36 1.71
CA GLY A 14 -0.32 -4.16 2.92
C GLY A 14 -0.68 -5.59 2.62
N ALA A 15 -1.67 -5.78 1.75
CA ALA A 15 -2.09 -7.12 1.34
C ALA A 15 -1.29 -7.50 0.12
N ALA A 16 -0.11 -6.88 0.01
CA ALA A 16 0.79 -7.09 -1.11
C ALA A 16 0.29 -6.29 -2.32
N LEU A 17 -0.26 -5.10 -2.07
CA LEU A 17 -0.76 -4.27 -3.15
C LEU A 17 -1.73 -5.07 -4.02
N ASP A 18 -2.47 -5.98 -3.38
CA ASP A 18 -3.43 -6.81 -4.10
C ASP A 18 -2.76 -7.59 -5.22
N HIS A 19 -2.52 -6.92 -6.35
CA HIS A 19 -1.88 -7.56 -7.49
C HIS A 19 -0.61 -8.27 -7.06
N LEU A 20 0.36 -7.50 -6.59
CA LEU A 20 1.64 -8.07 -6.13
C LEU A 20 1.42 -8.88 -4.87
N TRP A 1 12.86 -1.94 5.02
CA TRP A 1 12.02 -2.96 5.66
C TRP A 1 11.61 -2.50 7.06
N LEU A 2 10.56 -1.67 7.12
CA LEU A 2 10.08 -1.17 8.40
C LEU A 2 9.34 -2.27 9.17
N ARG A 3 8.09 -2.52 8.78
CA ARG A 3 7.27 -3.56 9.42
C ARG A 3 6.40 -4.23 8.37
N ARG A 4 6.27 -3.56 7.23
CA ARG A 4 5.48 -4.09 6.12
C ARG A 4 6.08 -3.62 4.80
N ILE A 5 7.31 -3.10 4.88
CA ILE A 5 7.99 -2.62 3.69
C ILE A 5 7.21 -1.46 3.05
N GLY A 6 7.13 -0.35 3.76
CA GLY A 6 6.41 0.81 3.26
C GLY A 6 4.91 0.62 3.32
N LYS A 7 4.30 1.07 4.41
CA LYS A 7 2.86 0.96 4.57
C LYS A 7 2.13 1.64 3.42
N GLY A 8 0.84 1.85 3.58
CA GLY A 8 0.04 2.50 2.55
C GLY A 8 -1.44 2.46 2.86
N VAL A 9 -2.22 2.00 1.88
CA VAL A 9 -3.67 1.92 2.05
C VAL A 9 -4.02 0.90 3.14
N LYS A 10 -3.03 0.13 3.57
CA LYS A 10 -3.22 -0.87 4.61
C LYS A 10 -4.00 -2.08 4.07
N ILE A 11 -4.69 -1.88 2.95
CA ILE A 11 -5.50 -2.93 2.31
C ILE A 11 -4.98 -3.27 0.91
N ILE A 12 -4.69 -2.24 0.14
CA ILE A 12 -4.22 -2.43 -1.25
C ILE A 12 -2.70 -2.39 -1.27
N GLY A 13 -2.11 -1.23 -1.61
CA GLY A 13 -0.68 -1.09 -1.59
C GLY A 13 -0.18 -1.46 -0.22
N GLY A 14 -1.16 -1.65 0.66
CA GLY A 14 -0.92 -2.05 2.02
C GLY A 14 -0.79 -3.55 2.10
N ALA A 15 -1.72 -4.28 1.46
CA ALA A 15 -1.64 -5.74 1.46
C ALA A 15 -0.71 -6.16 0.33
N ALA A 16 0.20 -5.26 -0.02
CA ALA A 16 1.15 -5.47 -1.09
C ALA A 16 0.50 -5.21 -2.44
N LEU A 17 -0.33 -4.17 -2.52
CA LEU A 17 -0.99 -3.85 -3.78
C LEU A 17 -1.78 -5.07 -4.28
N ASP A 18 -2.12 -5.96 -3.37
CA ASP A 18 -2.88 -7.16 -3.74
C ASP A 18 -2.17 -7.92 -4.85
N HIS A 19 -2.44 -7.52 -6.09
CA HIS A 19 -1.83 -8.17 -7.25
C HIS A 19 -0.32 -8.29 -7.06
N LEU A 20 0.29 -7.24 -6.50
CA LEU A 20 1.73 -7.24 -6.27
C LEU A 20 2.47 -7.47 -7.59
N TRP A 1 14.03 4.74 -3.54
CA TRP A 1 13.06 5.62 -2.89
C TRP A 1 12.01 6.10 -3.88
N LEU A 2 10.82 5.51 -3.81
CA LEU A 2 9.73 5.88 -4.71
C LEU A 2 9.37 7.35 -4.51
N ARG A 3 8.59 7.61 -3.46
CA ARG A 3 8.16 8.97 -3.14
C ARG A 3 7.97 9.09 -1.64
N ARG A 4 7.85 7.93 -0.98
CA ARG A 4 7.68 7.87 0.47
C ARG A 4 8.36 6.63 1.01
N ILE A 5 9.02 5.89 0.11
CA ILE A 5 9.71 4.66 0.51
C ILE A 5 8.73 3.64 1.07
N GLY A 6 8.29 3.84 2.31
CA GLY A 6 7.35 2.93 2.93
C GLY A 6 5.92 3.23 2.51
N LYS A 7 5.72 3.45 1.20
CA LYS A 7 4.39 3.74 0.69
C LYS A 7 3.46 2.56 0.89
N GLY A 8 2.19 2.85 1.09
CA GLY A 8 1.20 1.80 1.30
C GLY A 8 -0.13 2.36 1.76
N VAL A 9 -1.01 1.48 2.24
CA VAL A 9 -2.33 1.89 2.72
C VAL A 9 -2.71 1.09 3.96
N LYS A 10 -3.33 -0.08 3.76
CA LYS A 10 -3.74 -0.93 4.87
C LYS A 10 -4.21 -2.29 4.37
N ILE A 11 -4.71 -2.32 3.14
CA ILE A 11 -5.21 -3.56 2.54
C ILE A 11 -4.74 -3.68 1.09
N ILE A 12 -4.86 -2.59 0.35
CA ILE A 12 -4.45 -2.56 -1.05
C ILE A 12 -2.96 -2.31 -1.13
N GLY A 13 -2.56 -1.04 -1.28
CA GLY A 13 -1.15 -0.71 -1.28
C GLY A 13 -0.56 -1.20 0.01
N GLY A 14 -1.47 -1.64 0.87
CA GLY A 14 -1.13 -2.20 2.15
C GLY A 14 -0.71 -3.65 1.99
N ALA A 15 -1.50 -4.43 1.24
CA ALA A 15 -1.15 -5.82 0.99
C ALA A 15 -0.24 -5.86 -0.24
N ALA A 16 0.50 -4.77 -0.41
CA ALA A 16 1.40 -4.62 -1.53
C ALA A 16 0.58 -4.36 -2.80
N LEU A 17 -0.44 -3.52 -2.69
CA LEU A 17 -1.27 -3.22 -3.85
C LEU A 17 -2.04 -4.47 -4.28
N ASP A 18 -2.75 -5.07 -3.34
CA ASP A 18 -3.53 -6.28 -3.62
C ASP A 18 -2.64 -7.37 -4.21
N HIS A 19 -2.40 -7.29 -5.52
CA HIS A 19 -1.57 -8.27 -6.22
C HIS A 19 -0.86 -7.64 -7.40
N LEU A 20 -0.40 -6.40 -7.22
CA LEU A 20 0.29 -5.69 -8.28
C LEU A 20 -0.52 -5.73 -9.58
N TRP A 1 -5.77 15.45 -1.94
CA TRP A 1 -4.86 14.85 -2.92
C TRP A 1 -4.27 13.54 -2.39
N LEU A 2 -5.13 12.52 -2.28
CA LEU A 2 -4.70 11.21 -1.78
C LEU A 2 -4.20 11.30 -0.33
N ARG A 3 -4.13 12.52 0.19
CA ARG A 3 -3.66 12.78 1.55
C ARG A 3 -2.13 12.84 1.58
N ARG A 4 -1.49 11.82 1.01
CA ARG A 4 -0.04 11.79 0.98
C ARG A 4 0.44 10.71 0.01
N ILE A 5 -0.08 10.77 -1.22
CA ILE A 5 0.30 9.78 -2.24
C ILE A 5 0.20 8.37 -1.69
N GLY A 6 -1.01 7.91 -1.43
CA GLY A 6 -1.22 6.58 -0.91
C GLY A 6 -2.69 6.22 -0.85
N LYS A 7 -3.47 7.03 -0.15
CA LYS A 7 -4.91 6.78 -0.02
C LYS A 7 -5.15 5.39 0.54
N GLY A 8 -4.93 5.22 1.83
CA GLY A 8 -5.13 3.94 2.48
C GLY A 8 -4.24 2.86 1.90
N VAL A 9 -3.65 2.06 2.77
CA VAL A 9 -2.75 0.98 2.34
C VAL A 9 -2.72 -0.13 3.39
N LYS A 10 -3.75 -0.17 4.22
CA LYS A 10 -3.83 -1.19 5.28
C LYS A 10 -4.33 -2.50 4.69
N ILE A 11 -4.82 -2.44 3.45
CA ILE A 11 -5.33 -3.62 2.75
C ILE A 11 -4.87 -3.62 1.30
N ILE A 12 -4.83 -2.43 0.71
CA ILE A 12 -4.41 -2.28 -0.68
C ILE A 12 -2.90 -2.39 -0.73
N GLY A 13 -2.21 -1.26 -0.55
CA GLY A 13 -0.77 -1.28 -0.49
C GLY A 13 -0.38 -2.13 0.70
N GLY A 14 -1.44 -2.54 1.41
CA GLY A 14 -1.31 -3.39 2.57
C GLY A 14 -1.22 -4.83 2.14
N ALA A 15 -2.09 -5.24 1.21
CA ALA A 15 -2.06 -6.60 0.69
C ALA A 15 -1.09 -6.62 -0.48
N ALA A 16 -0.09 -5.74 -0.39
CA ALA A 16 0.90 -5.59 -1.43
C ALA A 16 0.28 -4.92 -2.65
N LEU A 17 -0.54 -3.90 -2.41
CA LEU A 17 -1.19 -3.19 -3.52
C LEU A 17 -2.10 -4.15 -4.29
N ASP A 18 -3.00 -4.82 -3.57
CA ASP A 18 -3.92 -5.76 -4.18
C ASP A 18 -3.17 -6.87 -4.90
N HIS A 19 -2.65 -6.56 -6.10
CA HIS A 19 -1.90 -7.54 -6.88
C HIS A 19 -1.02 -6.82 -7.90
N LEU A 20 -0.22 -5.87 -7.44
CA LEU A 20 0.66 -5.13 -8.32
C LEU A 20 -0.13 -4.54 -9.48
N TRP A 1 6.47 16.04 0.92
CA TRP A 1 5.38 15.11 0.65
C TRP A 1 5.62 14.37 -0.67
N LEU A 2 5.47 13.06 -0.64
CA LEU A 2 5.66 12.25 -1.84
C LEU A 2 4.61 12.59 -2.88
N ARG A 3 3.42 12.05 -2.69
CA ARG A 3 2.29 12.28 -3.59
C ARG A 3 1.02 11.81 -2.91
N ARG A 4 1.20 10.94 -1.93
CA ARG A 4 0.08 10.40 -1.17
C ARG A 4 0.60 9.82 0.14
N ILE A 5 1.91 10.03 0.40
CA ILE A 5 2.55 9.53 1.61
C ILE A 5 1.98 8.18 2.06
N GLY A 6 1.62 7.35 1.08
CA GLY A 6 1.07 6.04 1.37
C GLY A 6 -0.30 6.13 2.01
N LYS A 7 -1.17 6.97 1.43
CA LYS A 7 -2.52 7.13 1.96
C LYS A 7 -3.40 5.97 1.54
N GLY A 8 -3.97 5.28 2.53
CA GLY A 8 -4.84 4.15 2.24
C GLY A 8 -4.08 2.99 1.62
N VAL A 9 -3.38 2.22 2.46
CA VAL A 9 -2.61 1.08 1.98
C VAL A 9 -2.45 0.04 3.09
N LYS A 10 -3.41 0.03 4.02
CA LYS A 10 -3.38 -0.92 5.13
C LYS A 10 -3.85 -2.29 4.67
N ILE A 11 -4.47 -2.32 3.48
CA ILE A 11 -4.99 -3.56 2.90
C ILE A 11 -4.74 -3.59 1.41
N ILE A 12 -4.86 -2.43 0.78
CA ILE A 12 -4.64 -2.31 -0.66
C ILE A 12 -3.15 -2.36 -0.94
N GLY A 13 -2.50 -1.19 -0.90
CA GLY A 13 -1.06 -1.15 -1.05
C GLY A 13 -0.47 -1.95 0.09
N GLY A 14 -1.38 -2.37 0.96
CA GLY A 14 -1.04 -3.19 2.11
C GLY A 14 -0.95 -4.64 1.71
N ALA A 15 -1.92 -5.10 0.92
CA ALA A 15 -1.89 -6.48 0.44
C ALA A 15 -1.09 -6.50 -0.84
N ALA A 16 -0.17 -5.56 -0.94
CA ALA A 16 0.69 -5.41 -2.11
C ALA A 16 -0.12 -4.77 -3.25
N LEU A 17 -0.96 -3.80 -2.90
CA LEU A 17 -1.78 -3.14 -3.93
C LEU A 17 -2.64 -4.16 -4.66
N ASP A 18 -3.26 -5.06 -3.91
CA ASP A 18 -4.12 -6.09 -4.50
C ASP A 18 -3.35 -6.88 -5.55
N HIS A 19 -2.07 -7.11 -5.29
CA HIS A 19 -1.22 -7.84 -6.22
C HIS A 19 -1.34 -7.27 -7.63
N LEU A 20 -1.26 -5.95 -7.74
CA LEU A 20 -1.36 -5.28 -9.03
C LEU A 20 -2.67 -5.65 -9.72
N TRP A 1 6.85 12.96 -5.01
CA TRP A 1 6.30 13.41 -3.74
C TRP A 1 4.91 14.00 -3.94
N LEU A 2 3.90 13.13 -4.05
CA LEU A 2 2.53 13.58 -4.24
C LEU A 2 2.04 14.31 -3.00
N ARG A 3 1.78 13.55 -1.94
CA ARG A 3 1.30 14.10 -0.68
C ARG A 3 1.61 13.12 0.43
N ARG A 4 1.95 11.90 0.02
CA ARG A 4 2.30 10.83 0.96
C ARG A 4 3.32 9.91 0.32
N ILE A 5 3.80 10.30 -0.86
CA ILE A 5 4.79 9.51 -1.58
C ILE A 5 4.24 8.11 -1.87
N GLY A 6 3.07 8.07 -2.52
CA GLY A 6 2.44 6.80 -2.85
C GLY A 6 2.53 5.78 -1.72
N LYS A 7 2.18 6.22 -0.52
CA LYS A 7 2.21 5.34 0.64
C LYS A 7 1.01 4.39 0.65
N GLY A 8 1.28 3.10 0.59
CA GLY A 8 0.22 2.11 0.60
C GLY A 8 -0.69 2.25 1.80
N VAL A 9 -1.98 2.01 1.59
CA VAL A 9 -2.95 2.12 2.66
C VAL A 9 -2.69 1.05 3.73
N LYS A 10 -3.50 -0.02 3.73
CA LYS A 10 -3.35 -1.09 4.71
C LYS A 10 -3.85 -2.41 4.13
N ILE A 11 -4.71 -2.32 3.11
CA ILE A 11 -5.27 -3.52 2.47
C ILE A 11 -4.91 -3.56 0.99
N ILE A 12 -5.24 -2.50 0.26
CA ILE A 12 -4.97 -2.43 -1.18
C ILE A 12 -3.51 -2.13 -1.43
N GLY A 13 -3.17 -0.84 -1.64
CA GLY A 13 -1.79 -0.46 -1.83
C GLY A 13 -0.99 -0.95 -0.64
N GLY A 14 -1.77 -1.43 0.33
CA GLY A 14 -1.24 -2.00 1.54
C GLY A 14 -0.81 -3.43 1.31
N ALA A 15 -1.69 -4.24 0.67
CA ALA A 15 -1.32 -5.62 0.37
C ALA A 15 -0.63 -5.62 -0.99
N ALA A 16 0.01 -4.49 -1.28
CA ALA A 16 0.70 -4.30 -2.54
C ALA A 16 -0.31 -4.10 -3.66
N LEU A 17 -1.30 -3.22 -3.42
CA LEU A 17 -2.33 -2.96 -4.43
C LEU A 17 -3.13 -4.23 -4.71
N ASP A 18 -3.44 -4.98 -3.64
CA ASP A 18 -4.21 -6.22 -3.80
C ASP A 18 -3.53 -7.12 -4.82
N HIS A 19 -2.20 -7.03 -4.90
CA HIS A 19 -1.44 -7.85 -5.84
C HIS A 19 -2.02 -7.73 -7.24
N LEU A 20 -1.98 -6.52 -7.79
CA LEU A 20 -2.51 -6.28 -9.13
C LEU A 20 -2.02 -4.93 -9.65
N TRP A 1 7.67 14.29 -0.40
CA TRP A 1 6.95 13.53 -1.40
C TRP A 1 7.64 12.19 -1.65
N LEU A 2 7.17 11.47 -2.67
CA LEU A 2 7.76 10.18 -3.01
C LEU A 2 7.32 9.75 -4.42
N ARG A 3 6.05 9.38 -4.54
CA ARG A 3 5.49 8.95 -5.81
C ARG A 3 4.00 8.76 -5.64
N ARG A 4 3.59 8.62 -4.39
CA ARG A 4 2.20 8.44 -4.03
C ARG A 4 1.92 9.13 -2.69
N ILE A 5 2.98 9.65 -2.09
CA ILE A 5 2.85 10.35 -0.80
C ILE A 5 2.30 9.41 0.27
N GLY A 6 0.98 9.16 0.23
CA GLY A 6 0.35 8.29 1.20
C GLY A 6 1.01 6.93 1.26
N LYS A 7 1.52 6.47 0.12
CA LYS A 7 2.18 5.17 0.05
C LYS A 7 1.24 4.07 0.55
N GLY A 8 0.33 3.63 -0.31
CA GLY A 8 -0.61 2.59 0.05
C GLY A 8 -1.66 3.09 1.02
N VAL A 9 -2.23 2.17 1.81
CA VAL A 9 -3.25 2.52 2.79
C VAL A 9 -3.18 1.59 4.00
N LYS A 10 -3.76 0.40 3.87
CA LYS A 10 -3.75 -0.56 4.96
C LYS A 10 -4.25 -1.93 4.46
N ILE A 11 -4.93 -1.91 3.32
CA ILE A 11 -5.48 -3.13 2.72
C ILE A 11 -4.87 -3.37 1.33
N ILE A 12 -4.94 -2.36 0.48
CA ILE A 12 -4.41 -2.46 -0.88
C ILE A 12 -2.90 -2.42 -0.85
N GLY A 13 -2.29 -1.25 -1.10
CA GLY A 13 -0.85 -1.11 -1.03
C GLY A 13 -0.38 -1.65 0.30
N GLY A 14 -1.38 -1.89 1.15
CA GLY A 14 -1.16 -2.45 2.46
C GLY A 14 -0.95 -3.94 2.37
N ALA A 15 -1.83 -4.63 1.61
CA ALA A 15 -1.67 -6.07 1.43
C ALA A 15 -0.75 -6.30 0.25
N ALA A 16 0.12 -5.31 0.03
CA ALA A 16 1.07 -5.34 -1.09
C ALA A 16 0.35 -4.98 -2.39
N LEU A 17 -0.56 -4.00 -2.32
CA LEU A 17 -1.29 -3.60 -3.52
C LEU A 17 -2.18 -4.75 -4.01
N ASP A 18 -2.41 -5.72 -3.13
CA ASP A 18 -3.23 -6.88 -3.47
C ASP A 18 -2.70 -7.56 -4.72
N HIS A 19 -3.05 -7.04 -5.89
CA HIS A 19 -2.59 -7.63 -7.15
C HIS A 19 -1.07 -7.73 -7.16
N LEU A 20 -0.41 -6.58 -7.24
CA LEU A 20 1.07 -6.55 -7.27
C LEU A 20 1.61 -6.60 -5.84
N TRP A 1 9.35 12.86 -3.47
CA TRP A 1 8.15 12.18 -3.93
C TRP A 1 7.70 11.13 -2.93
N LEU A 2 6.51 10.58 -3.14
CA LEU A 2 5.99 9.55 -2.25
C LEU A 2 6.88 8.31 -2.27
N ARG A 3 7.86 8.33 -3.18
CA ARG A 3 8.80 7.22 -3.33
C ARG A 3 8.10 5.98 -3.91
N ARG A 4 7.19 5.40 -3.15
CA ARG A 4 6.46 4.22 -3.61
C ARG A 4 5.47 4.59 -4.71
N ILE A 5 5.28 5.88 -4.91
CA ILE A 5 4.35 6.36 -5.94
C ILE A 5 2.95 5.81 -5.70
N GLY A 6 2.41 6.05 -4.50
CA GLY A 6 1.08 5.57 -4.16
C GLY A 6 0.86 5.50 -2.66
N LYS A 7 1.94 5.29 -1.92
CA LYS A 7 1.86 5.20 -0.47
C LYS A 7 0.90 4.07 -0.07
N GLY A 8 1.47 2.94 0.32
CA GLY A 8 0.67 1.80 0.72
C GLY A 8 -0.37 2.17 1.77
N VAL A 9 -1.63 1.85 1.48
CA VAL A 9 -2.71 2.15 2.41
C VAL A 9 -2.65 1.22 3.62
N LYS A 10 -3.52 0.20 3.64
CA LYS A 10 -3.55 -0.74 4.75
C LYS A 10 -4.15 -2.07 4.29
N ILE A 11 -4.93 -2.04 3.21
CA ILE A 11 -5.57 -3.24 2.67
C ILE A 11 -5.08 -3.53 1.25
N ILE A 12 -5.14 -2.52 0.39
CA ILE A 12 -4.70 -2.69 -1.00
C ILE A 12 -3.21 -2.44 -1.10
N GLY A 13 -2.80 -1.23 -1.54
CA GLY A 13 -1.39 -0.90 -1.61
C GLY A 13 -0.75 -1.22 -0.28
N GLY A 14 -1.63 -1.49 0.67
CA GLY A 14 -1.26 -1.86 2.01
C GLY A 14 -0.88 -3.32 2.05
N ALA A 15 -1.74 -4.19 1.49
CA ALA A 15 -1.43 -5.62 1.45
C ALA A 15 -0.57 -5.88 0.22
N ALA A 16 0.19 -4.86 -0.16
CA ALA A 16 1.07 -4.93 -1.33
C ALA A 16 0.26 -4.75 -2.62
N LEU A 17 -0.75 -3.87 -2.58
CA LEU A 17 -1.55 -3.63 -3.78
C LEU A 17 -2.09 -4.96 -4.33
N ASP A 18 -2.43 -5.87 -3.43
CA ASP A 18 -2.96 -7.18 -3.83
C ASP A 18 -2.01 -7.87 -4.81
N HIS A 19 -2.16 -7.52 -6.09
CA HIS A 19 -1.31 -8.12 -7.13
C HIS A 19 0.16 -8.11 -6.71
N LEU A 20 0.71 -6.92 -6.52
CA LEU A 20 2.11 -6.80 -6.12
C LEU A 20 2.27 -7.22 -4.66
N TRP A 1 3.14 8.38 -0.22
CA TRP A 1 3.86 9.59 0.17
C TRP A 1 4.05 9.63 1.68
N LEU A 2 4.60 10.74 2.18
CA LEU A 2 4.84 10.90 3.60
C LEU A 2 5.58 9.68 4.15
N ARG A 3 4.83 8.68 4.57
CA ARG A 3 5.41 7.47 5.12
C ARG A 3 4.31 6.43 5.30
N ARG A 4 3.08 6.91 5.18
CA ARG A 4 1.92 6.05 5.32
C ARG A 4 0.67 6.76 4.81
N ILE A 5 0.82 8.04 4.43
CA ILE A 5 -0.31 8.82 3.91
C ILE A 5 -0.15 9.06 2.41
N GLY A 6 -0.16 7.97 1.65
CA GLY A 6 -0.02 8.06 0.20
C GLY A 6 0.34 6.73 -0.41
N LYS A 7 0.41 5.70 0.42
CA LYS A 7 0.76 4.37 -0.05
C LYS A 7 0.40 3.32 1.01
N GLY A 8 0.44 3.73 2.28
CA GLY A 8 0.11 2.82 3.36
C GLY A 8 -1.39 2.65 3.52
N VAL A 9 -2.04 2.23 2.44
CA VAL A 9 -3.48 2.02 2.47
C VAL A 9 -3.85 0.88 3.42
N LYS A 10 -2.87 0.02 3.69
CA LYS A 10 -3.08 -1.12 4.59
C LYS A 10 -3.94 -2.20 3.94
N ILE A 11 -4.69 -1.82 2.90
CA ILE A 11 -5.58 -2.75 2.19
C ILE A 11 -5.12 -3.01 0.77
N ILE A 12 -4.82 -1.93 0.05
CA ILE A 12 -4.38 -2.02 -1.35
C ILE A 12 -2.87 -1.99 -1.43
N GLY A 13 -2.28 -0.84 -1.78
CA GLY A 13 -0.83 -0.71 -1.82
C GLY A 13 -0.26 -1.21 -0.52
N GLY A 14 -1.18 -1.40 0.43
CA GLY A 14 -0.86 -1.91 1.73
C GLY A 14 -0.78 -3.42 1.69
N ALA A 15 -1.78 -4.07 1.08
CA ALA A 15 -1.75 -5.52 0.96
C ALA A 15 -0.93 -5.88 -0.26
N ALA A 16 -0.07 -4.94 -0.67
CA ALA A 16 0.78 -5.10 -1.84
C ALA A 16 0.00 -4.74 -3.11
N LEU A 17 -0.77 -3.66 -3.03
CA LEU A 17 -1.55 -3.24 -4.20
C LEU A 17 -2.56 -4.32 -4.59
N ASP A 18 -2.64 -5.36 -3.77
CA ASP A 18 -3.56 -6.47 -4.05
C ASP A 18 -3.34 -7.01 -5.46
N HIS A 19 -2.08 -7.06 -5.87
CA HIS A 19 -1.74 -7.56 -7.21
C HIS A 19 -2.59 -6.88 -8.27
N LEU A 20 -2.55 -5.55 -8.28
CA LEU A 20 -3.32 -4.78 -9.26
C LEU A 20 -4.79 -5.19 -9.20
N TRP A 1 -16.45 1.38 -3.88
CA TRP A 1 -15.71 2.48 -3.26
C TRP A 1 -16.67 3.47 -2.64
N LEU A 2 -16.56 3.65 -1.33
CA LEU A 2 -17.44 4.58 -0.61
C LEU A 2 -17.02 6.01 -0.93
N ARG A 3 -15.94 6.47 -0.30
CA ARG A 3 -15.44 7.83 -0.51
C ARG A 3 -13.92 7.81 -0.40
N ARG A 4 -13.39 6.70 0.12
CA ARG A 4 -11.95 6.54 0.28
C ARG A 4 -11.60 5.07 0.38
N ILE A 5 -12.60 4.21 0.15
CA ILE A 5 -12.39 2.77 0.21
C ILE A 5 -11.82 2.37 1.57
N GLY A 6 -12.49 2.82 2.64
CA GLY A 6 -12.05 2.50 3.99
C GLY A 6 -10.56 2.70 4.16
N LYS A 7 -10.05 3.83 3.67
CA LYS A 7 -8.62 4.12 3.77
C LYS A 7 -7.81 2.97 3.20
N GLY A 8 -7.49 3.05 1.91
CA GLY A 8 -6.72 2.02 1.25
C GLY A 8 -5.35 1.85 1.86
N VAL A 9 -4.35 1.59 1.01
CA VAL A 9 -2.98 1.40 1.47
C VAL A 9 -2.90 0.26 2.48
N LYS A 10 -3.28 0.54 3.73
CA LYS A 10 -3.24 -0.48 4.78
C LYS A 10 -3.83 -1.81 4.27
N ILE A 11 -4.58 -1.72 3.19
CA ILE A 11 -5.21 -2.90 2.58
C ILE A 11 -4.60 -3.19 1.21
N ILE A 12 -4.44 -2.14 0.42
CA ILE A 12 -3.88 -2.27 -0.92
C ILE A 12 -2.40 -2.52 -0.86
N GLY A 13 -1.59 -1.45 -0.90
CA GLY A 13 -0.16 -1.60 -0.76
C GLY A 13 0.12 -2.34 0.52
N GLY A 14 -0.97 -2.49 1.27
CA GLY A 14 -0.93 -3.20 2.54
C GLY A 14 -1.00 -4.69 2.30
N ALA A 15 -1.92 -5.11 1.42
CA ALA A 15 -2.03 -6.53 1.08
C ALA A 15 -1.04 -6.81 -0.03
N ALA A 16 0.06 -6.06 -0.01
CA ALA A 16 1.09 -6.17 -1.02
C ALA A 16 0.61 -5.56 -2.32
N LEU A 17 -0.15 -4.46 -2.24
CA LEU A 17 -0.65 -3.82 -3.45
C LEU A 17 -1.48 -4.83 -4.26
N ASP A 18 -2.41 -5.49 -3.57
CA ASP A 18 -3.26 -6.48 -4.22
C ASP A 18 -2.43 -7.56 -4.90
N HIS A 19 -1.96 -7.26 -6.12
CA HIS A 19 -1.14 -8.20 -6.86
C HIS A 19 -0.41 -7.50 -8.00
N LEU A 20 0.26 -6.41 -7.68
CA LEU A 20 1.00 -5.64 -8.69
C LEU A 20 0.10 -5.34 -9.89
N TRP A 1 -4.25 14.94 3.38
CA TRP A 1 -3.22 14.55 2.43
C TRP A 1 -3.82 13.74 1.29
N LEU A 2 -3.04 13.56 0.22
CA LEU A 2 -3.51 12.80 -0.93
C LEU A 2 -3.57 11.31 -0.60
N ARG A 3 -3.06 10.96 0.57
CA ARG A 3 -3.05 9.57 1.04
C ARG A 3 -2.02 8.75 0.26
N ARG A 4 -2.23 8.61 -1.05
CA ARG A 4 -1.31 7.86 -1.88
C ARG A 4 0.11 8.40 -1.72
N ILE A 5 0.22 9.68 -1.35
CA ILE A 5 1.53 10.29 -1.17
C ILE A 5 2.36 9.47 -0.18
N GLY A 6 1.69 8.92 0.83
CA GLY A 6 2.36 8.11 1.83
C GLY A 6 2.71 6.74 1.29
N LYS A 7 2.00 6.32 0.25
CA LYS A 7 2.24 5.02 -0.36
C LYS A 7 2.00 3.90 0.64
N GLY A 8 1.30 2.86 0.21
CA GLY A 8 1.00 1.73 1.07
C GLY A 8 -0.14 2.03 2.03
N VAL A 9 -1.35 1.69 1.64
CA VAL A 9 -2.52 1.93 2.48
C VAL A 9 -2.53 0.96 3.66
N LYS A 10 -3.21 -0.17 3.50
CA LYS A 10 -3.29 -1.17 4.57
C LYS A 10 -3.97 -2.44 4.06
N ILE A 11 -4.77 -2.30 3.00
CA ILE A 11 -5.50 -3.43 2.42
C ILE A 11 -5.25 -3.51 0.91
N ILE A 12 -5.30 -2.37 0.25
CA ILE A 12 -5.08 -2.32 -1.21
C ILE A 12 -3.61 -2.12 -1.49
N GLY A 13 -3.20 -0.87 -1.70
CA GLY A 13 -1.79 -0.59 -1.90
C GLY A 13 -1.03 -1.10 -0.70
N GLY A 14 -1.83 -1.52 0.28
CA GLY A 14 -1.34 -2.07 1.51
C GLY A 14 -1.02 -3.54 1.33
N ALA A 15 -1.97 -4.28 0.70
CA ALA A 15 -1.71 -5.70 0.43
C ALA A 15 -0.94 -5.80 -0.86
N ALA A 16 -0.13 -4.76 -1.12
CA ALA A 16 0.67 -4.69 -2.33
C ALA A 16 -0.22 -4.34 -3.52
N LEU A 17 -1.20 -3.46 -3.30
CA LEU A 17 -2.10 -3.08 -4.38
C LEU A 17 -2.69 -4.33 -5.05
N ASP A 18 -3.17 -5.26 -4.23
CA ASP A 18 -3.75 -6.50 -4.73
C ASP A 18 -2.83 -7.15 -5.75
N HIS A 19 -1.55 -7.26 -5.41
CA HIS A 19 -0.57 -7.86 -6.30
C HIS A 19 -0.66 -7.25 -7.70
N LEU A 20 -0.76 -5.92 -7.75
CA LEU A 20 -0.87 -5.23 -9.03
C LEU A 20 -2.01 -5.81 -9.85
N TRP A 1 7.90 9.19 -2.55
CA TRP A 1 7.51 7.85 -3.00
C TRP A 1 7.28 6.94 -1.80
N LEU A 2 6.26 7.26 -1.00
CA LEU A 2 5.94 6.47 0.18
C LEU A 2 7.07 6.49 1.21
N ARG A 3 8.20 7.10 0.82
CA ARG A 3 9.38 7.19 1.69
C ARG A 3 10.25 5.93 1.56
N ARG A 4 9.78 4.84 2.15
CA ARG A 4 10.52 3.58 2.11
C ARG A 4 10.12 2.75 0.89
N ILE A 5 9.31 3.34 0.02
CA ILE A 5 8.86 2.65 -1.19
C ILE A 5 8.19 1.32 -0.82
N GLY A 6 7.02 1.40 -0.20
CA GLY A 6 6.30 0.21 0.18
C GLY A 6 5.16 0.50 1.15
N LYS A 7 5.21 1.68 1.76
CA LYS A 7 4.18 2.09 2.72
C LYS A 7 2.91 2.52 1.98
N GLY A 8 2.06 1.54 1.64
CA GLY A 8 0.83 1.81 0.94
C GLY A 8 -0.27 2.28 1.88
N VAL A 9 -1.51 1.91 1.58
CA VAL A 9 -2.64 2.30 2.42
C VAL A 9 -2.64 1.53 3.73
N LYS A 10 -3.24 0.34 3.71
CA LYS A 10 -3.29 -0.49 4.92
C LYS A 10 -3.86 -1.86 4.58
N ILE A 11 -4.62 -1.94 3.50
CA ILE A 11 -5.24 -3.20 3.06
C ILE A 11 -5.04 -3.40 1.56
N ILE A 12 -5.40 -2.39 0.78
CA ILE A 12 -5.26 -2.46 -0.67
C ILE A 12 -3.81 -2.27 -1.06
N GLY A 13 -3.43 -1.02 -1.39
CA GLY A 13 -2.03 -0.73 -1.70
C GLY A 13 -1.20 -1.16 -0.52
N GLY A 14 -1.93 -1.52 0.54
CA GLY A 14 -1.36 -2.01 1.76
C GLY A 14 -0.99 -3.46 1.62
N ALA A 15 -1.92 -4.28 1.08
CA ALA A 15 -1.62 -5.69 0.86
C ALA A 15 -0.93 -5.81 -0.48
N ALA A 16 -0.20 -4.76 -0.84
CA ALA A 16 0.50 -4.69 -2.10
C ALA A 16 -0.49 -4.47 -3.24
N LEU A 17 -1.52 -3.64 -2.98
CA LEU A 17 -2.52 -3.36 -4.00
C LEU A 17 -3.16 -4.68 -4.47
N ASP A 18 -3.38 -5.58 -3.52
CA ASP A 18 -3.99 -6.87 -3.83
C ASP A 18 -3.12 -7.67 -4.81
N HIS A 19 -2.00 -7.08 -5.21
CA HIS A 19 -1.08 -7.74 -6.15
C HIS A 19 0.19 -6.92 -6.31
N LEU A 20 0.08 -5.79 -7.00
CA LEU A 20 1.23 -4.92 -7.23
C LEU A 20 1.64 -4.24 -5.92
N TRP A 1 15.40 5.89 -2.82
CA TRP A 1 14.37 5.78 -1.79
C TRP A 1 13.19 6.68 -2.12
N LEU A 2 12.02 6.08 -2.28
CA LEU A 2 10.82 6.83 -2.60
C LEU A 2 10.55 7.89 -1.53
N ARG A 3 9.95 7.46 -0.43
CA ARG A 3 9.65 8.36 0.68
C ARG A 3 9.34 7.54 1.91
N ARG A 4 9.07 6.25 1.67
CA ARG A 4 8.75 5.31 2.75
C ARG A 4 9.18 3.91 2.31
N ILE A 5 9.63 3.80 1.06
CA ILE A 5 10.07 2.52 0.52
C ILE A 5 9.01 1.44 0.76
N GLY A 6 7.74 1.84 0.66
CA GLY A 6 6.64 0.91 0.87
C GLY A 6 5.34 1.62 1.15
N LYS A 7 5.15 2.78 0.54
CA LYS A 7 3.94 3.56 0.75
C LYS A 7 2.70 2.74 0.34
N GLY A 8 1.75 2.64 1.25
CA GLY A 8 0.53 1.89 0.99
C GLY A 8 -0.50 2.08 2.08
N VAL A 9 -1.77 1.95 1.71
CA VAL A 9 -2.86 2.11 2.67
C VAL A 9 -2.78 1.01 3.73
N LYS A 10 -3.66 0.01 3.63
CA LYS A 10 -3.68 -1.09 4.59
C LYS A 10 -4.41 -2.30 4.00
N ILE A 11 -5.18 -2.06 2.94
CA ILE A 11 -5.96 -3.11 2.26
C ILE A 11 -5.51 -3.28 0.81
N ILE A 12 -5.42 -2.17 0.10
CA ILE A 12 -5.02 -2.20 -1.32
C ILE A 12 -3.52 -2.02 -1.43
N GLY A 13 -3.05 -0.80 -1.74
CA GLY A 13 -1.63 -0.53 -1.79
C GLY A 13 -1.00 -1.01 -0.51
N GLY A 14 -1.88 -1.33 0.42
CA GLY A 14 -1.51 -1.85 1.72
C GLY A 14 -1.23 -3.33 1.62
N ALA A 15 -2.16 -4.08 1.00
CA ALA A 15 -1.94 -5.52 0.82
C ALA A 15 -1.09 -5.71 -0.43
N ALA A 16 -0.28 -4.70 -0.73
CA ALA A 16 0.60 -4.72 -1.89
C ALA A 16 -0.18 -4.38 -3.16
N LEU A 17 -1.13 -3.44 -3.04
CA LEU A 17 -1.92 -3.05 -4.21
C LEU A 17 -2.55 -4.30 -4.86
N ASP A 18 -2.85 -5.29 -4.03
CA ASP A 18 -3.46 -6.53 -4.53
C ASP A 18 -2.67 -7.07 -5.73
N HIS A 19 -1.37 -7.25 -5.54
CA HIS A 19 -0.52 -7.77 -6.60
C HIS A 19 -0.70 -6.97 -7.88
N LEU A 20 -0.46 -5.66 -7.79
CA LEU A 20 -0.60 -4.78 -8.95
C LEU A 20 -1.97 -4.99 -9.61
N TRP A 1 3.22 4.62 -8.15
CA TRP A 1 2.64 5.71 -7.36
C TRP A 1 3.52 6.01 -6.16
N LEU A 2 3.40 7.24 -5.66
CA LEU A 2 4.16 7.67 -4.48
C LEU A 2 3.25 8.42 -3.52
N ARG A 3 2.00 8.63 -3.93
CA ARG A 3 1.04 9.32 -3.08
C ARG A 3 1.15 8.79 -1.66
N ARG A 4 1.72 7.58 -1.55
CA ARG A 4 1.94 6.92 -0.27
C ARG A 4 3.43 6.63 -0.11
N ILE A 5 4.20 6.76 -1.20
CA ILE A 5 5.63 6.51 -1.13
C ILE A 5 5.90 5.07 -0.70
N GLY A 6 5.35 4.11 -1.44
CA GLY A 6 5.54 2.70 -1.14
C GLY A 6 5.13 2.34 0.27
N LYS A 7 4.55 3.30 1.00
CA LYS A 7 4.12 3.05 2.37
C LYS A 7 2.89 2.15 2.38
N GLY A 8 2.11 2.20 1.30
CA GLY A 8 0.92 1.39 1.20
C GLY A 8 -0.24 1.96 2.00
N VAL A 9 -1.46 1.67 1.56
CA VAL A 9 -2.64 2.17 2.25
C VAL A 9 -2.84 1.43 3.57
N LYS A 10 -3.43 0.23 3.50
CA LYS A 10 -3.67 -0.56 4.71
C LYS A 10 -4.13 -1.97 4.34
N ILE A 11 -4.69 -2.12 3.15
CA ILE A 11 -5.19 -3.41 2.67
C ILE A 11 -4.74 -3.66 1.24
N ILE A 12 -4.92 -2.65 0.39
CA ILE A 12 -4.52 -2.76 -1.01
C ILE A 12 -3.03 -2.55 -1.14
N GLY A 13 -2.61 -1.29 -1.39
CA GLY A 13 -1.19 -0.97 -1.44
C GLY A 13 -0.58 -1.41 -0.13
N GLY A 14 -1.48 -1.78 0.77
CA GLY A 14 -1.12 -2.26 2.08
C GLY A 14 -0.73 -3.72 2.02
N ALA A 15 -1.56 -4.54 1.34
CA ALA A 15 -1.23 -5.95 1.18
C ALA A 15 -0.37 -6.10 -0.05
N ALA A 16 0.38 -5.03 -0.34
CA ALA A 16 1.26 -4.98 -1.50
C ALA A 16 0.44 -4.76 -2.76
N LEU A 17 -0.55 -3.87 -2.69
CA LEU A 17 -1.39 -3.59 -3.85
C LEU A 17 -2.11 -4.86 -4.30
N ASP A 18 -2.33 -5.77 -3.36
CA ASP A 18 -3.01 -7.03 -3.65
C ASP A 18 -2.27 -7.81 -4.73
N HIS A 19 -2.44 -7.40 -5.98
CA HIS A 19 -1.80 -8.08 -7.10
C HIS A 19 -0.31 -8.29 -6.81
N LEU A 20 0.42 -7.19 -6.65
CA LEU A 20 1.84 -7.25 -6.37
C LEU A 20 2.09 -7.64 -4.91
N TRP A 1 -12.63 12.82 2.49
CA TRP A 1 -11.46 11.94 2.55
C TRP A 1 -10.21 12.75 2.89
N LEU A 2 -9.48 12.31 3.91
CA LEU A 2 -8.26 12.99 4.33
C LEU A 2 -7.33 13.18 3.15
N ARG A 3 -6.58 12.13 2.84
CA ARG A 3 -5.64 12.13 1.72
C ARG A 3 -5.51 10.73 1.19
N ARG A 4 -6.06 9.78 1.95
CA ARG A 4 -6.02 8.38 1.56
C ARG A 4 -6.83 7.54 2.54
N ILE A 5 -7.55 8.20 3.45
CA ILE A 5 -8.36 7.47 4.43
C ILE A 5 -9.32 6.53 3.72
N GLY A 6 -9.93 7.03 2.64
CA GLY A 6 -10.89 6.23 1.88
C GLY A 6 -10.18 5.26 0.95
N LYS A 7 -8.89 5.08 1.16
CA LYS A 7 -8.12 4.16 0.33
C LYS A 7 -6.71 4.00 0.88
N GLY A 8 -6.61 3.75 2.18
CA GLY A 8 -5.31 3.58 2.81
C GLY A 8 -4.68 2.25 2.45
N VAL A 9 -3.36 2.23 2.36
CA VAL A 9 -2.64 1.01 2.02
C VAL A 9 -2.59 0.05 3.20
N LYS A 10 -3.63 0.08 4.03
CA LYS A 10 -3.70 -0.80 5.20
C LYS A 10 -4.21 -2.17 4.80
N ILE A 11 -4.73 -2.27 3.57
CA ILE A 11 -5.27 -3.53 3.06
C ILE A 11 -4.88 -3.71 1.59
N ILE A 12 -4.92 -2.63 0.84
CA ILE A 12 -4.58 -2.66 -0.58
C ILE A 12 -3.08 -2.73 -0.71
N GLY A 13 -2.42 -1.56 -0.77
CA GLY A 13 -0.97 -1.53 -0.80
C GLY A 13 -0.47 -2.20 0.46
N GLY A 14 -1.46 -2.53 1.29
CA GLY A 14 -1.22 -3.21 2.54
C GLY A 14 -1.10 -4.70 2.31
N ALA A 15 -2.02 -5.25 1.51
CA ALA A 15 -1.97 -6.68 1.18
C ALA A 15 -1.06 -6.84 -0.02
N ALA A 16 -0.12 -5.90 -0.14
CA ALA A 16 0.82 -5.89 -1.26
C ALA A 16 0.14 -5.36 -2.51
N LEU A 17 -0.73 -4.37 -2.34
CA LEU A 17 -1.43 -3.80 -3.49
C LEU A 17 -2.24 -4.88 -4.21
N ASP A 18 -2.64 -5.91 -3.47
CA ASP A 18 -3.41 -7.00 -4.05
C ASP A 18 -2.68 -7.63 -5.24
N HIS A 19 -2.82 -7.01 -6.40
CA HIS A 19 -2.16 -7.50 -7.60
C HIS A 19 -0.68 -7.79 -7.34
N LEU A 20 0.06 -6.76 -6.97
CA LEU A 20 1.48 -6.91 -6.68
C LEU A 20 1.68 -7.69 -5.38
N TRP A 1 10.54 8.10 -4.80
CA TRP A 1 10.07 6.98 -3.99
C TRP A 1 8.59 7.14 -3.67
N LEU A 2 8.03 6.15 -2.97
CA LEU A 2 6.63 6.19 -2.60
C LEU A 2 6.39 7.22 -1.50
N ARG A 3 7.49 7.79 -0.99
CA ARG A 3 7.42 8.78 0.07
C ARG A 3 6.88 8.17 1.36
N ARG A 4 5.57 7.95 1.40
CA ARG A 4 4.94 7.37 2.59
C ARG A 4 5.23 5.87 2.66
N ILE A 5 6.19 5.41 1.86
CA ILE A 5 6.54 4.01 1.84
C ILE A 5 5.29 3.15 1.63
N GLY A 6 4.78 3.14 0.40
CA GLY A 6 3.59 2.37 0.09
C GLY A 6 2.33 3.12 0.46
N LYS A 7 1.94 4.07 -0.37
CA LYS A 7 0.74 4.87 -0.12
C LYS A 7 -0.49 3.97 -0.06
N GLY A 8 -1.60 4.43 -0.65
CA GLY A 8 -2.84 3.66 -0.65
C GLY A 8 -3.56 3.77 0.67
N VAL A 9 -4.57 2.92 0.86
CA VAL A 9 -5.35 2.93 2.10
C VAL A 9 -4.58 2.23 3.21
N LYS A 10 -4.38 0.93 3.07
CA LYS A 10 -3.67 0.15 4.07
C LYS A 10 -3.39 -1.25 3.56
N ILE A 11 -4.45 -1.98 3.21
CA ILE A 11 -4.29 -3.34 2.70
C ILE A 11 -3.84 -3.32 1.25
N ILE A 12 -3.55 -2.14 0.74
CA ILE A 12 -3.10 -2.01 -0.65
C ILE A 12 -1.71 -2.59 -0.76
N GLY A 13 -0.70 -1.74 -0.53
CA GLY A 13 0.66 -2.22 -0.52
C GLY A 13 0.78 -3.25 0.57
N GLY A 14 -0.34 -3.40 1.29
CA GLY A 14 -0.44 -4.37 2.36
C GLY A 14 -0.82 -5.71 1.80
N ALA A 15 -1.71 -5.71 0.80
CA ALA A 15 -2.12 -6.96 0.15
C ALA A 15 -1.25 -7.14 -1.07
N ALA A 16 -0.04 -6.58 -0.98
CA ALA A 16 0.92 -6.62 -2.07
C ALA A 16 0.51 -5.64 -3.16
N LEU A 17 0.00 -4.47 -2.75
CA LEU A 17 -0.42 -3.47 -3.72
C LEU A 17 -1.63 -3.99 -4.51
N ASP A 18 -2.58 -4.60 -3.81
CA ASP A 18 -3.77 -5.14 -4.46
C ASP A 18 -3.38 -6.12 -5.55
N HIS A 19 -2.30 -6.86 -5.32
CA HIS A 19 -1.83 -7.83 -6.30
C HIS A 19 -1.66 -7.19 -7.66
N LEU A 20 -0.83 -6.15 -7.71
CA LEU A 20 -0.59 -5.44 -8.97
C LEU A 20 0.61 -4.51 -8.83
N TRP A 1 9.78 5.50 -6.61
CA TRP A 1 8.42 5.55 -6.06
C TRP A 1 8.09 6.97 -5.61
N LEU A 2 6.80 7.28 -5.58
CA LEU A 2 6.33 8.60 -5.15
C LEU A 2 6.49 8.76 -3.65
N ARG A 3 6.82 7.66 -2.97
CA ARG A 3 6.99 7.67 -1.51
C ARG A 3 5.64 7.72 -0.82
N ARG A 4 4.71 8.50 -1.38
CA ARG A 4 3.38 8.61 -0.82
C ARG A 4 2.58 7.35 -1.07
N ILE A 5 2.77 6.78 -2.26
CA ILE A 5 2.07 5.54 -2.63
C ILE A 5 2.71 4.35 -1.94
N GLY A 6 4.03 4.39 -1.80
CA GLY A 6 4.76 3.31 -1.16
C GLY A 6 4.37 3.15 0.30
N LYS A 7 3.89 4.23 0.89
CA LYS A 7 3.48 4.20 2.29
C LYS A 7 2.50 3.06 2.54
N GLY A 8 1.77 2.68 1.49
CA GLY A 8 0.81 1.60 1.60
C GLY A 8 -0.43 2.02 2.36
N VAL A 9 -1.60 1.74 1.78
CA VAL A 9 -2.86 2.10 2.42
C VAL A 9 -3.10 1.23 3.66
N LYS A 10 -3.64 0.04 3.46
CA LYS A 10 -3.91 -0.87 4.56
C LYS A 10 -4.33 -2.24 4.05
N ILE A 11 -4.85 -2.28 2.81
CA ILE A 11 -5.31 -3.52 2.19
C ILE A 11 -4.73 -3.65 0.78
N ILE A 12 -4.83 -2.58 0.01
CA ILE A 12 -4.32 -2.57 -1.36
C ILE A 12 -2.83 -2.31 -1.36
N GLY A 13 -2.43 -1.03 -1.51
CA GLY A 13 -1.03 -0.69 -1.43
C GLY A 13 -0.50 -1.17 -0.10
N GLY A 14 -1.45 -1.62 0.71
CA GLY A 14 -1.19 -2.17 2.02
C GLY A 14 -0.77 -3.62 1.90
N ALA A 15 -1.52 -4.41 1.12
CA ALA A 15 -1.15 -5.81 0.92
C ALA A 15 -0.25 -5.89 -0.29
N ALA A 16 0.50 -4.80 -0.50
CA ALA A 16 1.40 -4.68 -1.62
C ALA A 16 0.61 -4.45 -2.91
N LEU A 17 -0.34 -3.50 -2.86
CA LEU A 17 -1.18 -3.19 -4.02
C LEU A 17 -2.03 -4.40 -4.39
N ASP A 18 -2.71 -4.95 -3.39
CA ASP A 18 -3.57 -6.11 -3.60
C ASP A 18 -2.76 -7.29 -4.15
N HIS A 19 -2.44 -7.24 -5.44
CA HIS A 19 -1.66 -8.32 -6.05
C HIS A 19 -1.06 -7.84 -7.38
N LEU A 20 -0.83 -6.54 -7.48
CA LEU A 20 -0.25 -5.97 -8.70
C LEU A 20 1.21 -6.43 -8.84
N TRP A 1 11.31 -0.12 6.93
CA TRP A 1 10.05 0.56 6.74
C TRP A 1 9.84 0.91 5.27
N LEU A 2 8.62 1.31 4.92
CA LEU A 2 8.32 1.67 3.54
C LEU A 2 9.09 2.92 3.14
N ARG A 3 9.77 3.53 4.12
CA ARG A 3 10.55 4.75 3.88
C ARG A 3 9.64 5.94 3.57
N ARG A 4 9.01 5.91 2.40
CA ARG A 4 8.11 6.99 2.01
C ARG A 4 6.87 7.01 2.90
N ILE A 5 6.68 5.92 3.67
CA ILE A 5 5.55 5.79 4.59
C ILE A 5 4.29 6.44 4.02
N GLY A 6 3.97 6.12 2.77
CA GLY A 6 2.80 6.69 2.12
C GLY A 6 2.37 5.86 0.92
N LYS A 7 3.32 5.21 0.27
CA LYS A 7 3.01 4.39 -0.90
C LYS A 7 2.40 3.06 -0.47
N GLY A 8 1.53 3.11 0.53
CA GLY A 8 0.88 1.91 1.03
C GLY A 8 -0.27 2.24 1.96
N VAL A 9 -1.48 1.83 1.57
CA VAL A 9 -2.65 2.09 2.39
C VAL A 9 -2.62 1.25 3.66
N LYS A 10 -3.26 0.08 3.63
CA LYS A 10 -3.28 -0.80 4.80
C LYS A 10 -3.89 -2.16 4.44
N ILE A 11 -4.70 -2.19 3.39
CA ILE A 11 -5.37 -3.43 2.96
C ILE A 11 -5.16 -3.67 1.47
N ILE A 12 -5.32 -2.63 0.67
CA ILE A 12 -5.16 -2.74 -0.79
C ILE A 12 -3.73 -2.45 -1.17
N GLY A 13 -3.42 -1.19 -1.51
CA GLY A 13 -2.05 -0.82 -1.80
C GLY A 13 -1.21 -1.13 -0.59
N GLY A 14 -1.95 -1.50 0.46
CA GLY A 14 -1.36 -1.89 1.73
C GLY A 14 -0.94 -3.34 1.69
N ALA A 15 -1.83 -4.21 1.22
CA ALA A 15 -1.49 -5.63 1.09
C ALA A 15 -0.76 -5.83 -0.22
N ALA A 16 -0.11 -4.76 -0.67
CA ALA A 16 0.62 -4.77 -1.93
C ALA A 16 -0.35 -4.64 -3.10
N LEU A 17 -1.37 -3.78 -2.95
CA LEU A 17 -2.34 -3.60 -4.03
C LEU A 17 -2.97 -4.94 -4.39
N ASP A 18 -2.94 -5.88 -3.45
CA ASP A 18 -3.52 -7.20 -3.68
C ASP A 18 -2.89 -7.88 -4.90
N HIS A 19 -1.80 -7.31 -5.40
CA HIS A 19 -1.11 -7.89 -6.56
C HIS A 19 0.22 -7.18 -6.80
N LEU A 20 0.20 -5.85 -6.71
CA LEU A 20 1.41 -5.07 -6.93
C LEU A 20 1.82 -5.13 -8.40
N TRP A 1 7.11 13.80 0.24
CA TRP A 1 7.13 12.38 -0.05
C TRP A 1 7.55 11.58 1.19
N LEU A 2 6.83 10.51 1.48
CA LEU A 2 7.14 9.68 2.63
C LEU A 2 8.45 8.94 2.42
N ARG A 3 8.41 7.92 1.56
CA ARG A 3 9.59 7.12 1.24
C ARG A 3 9.54 6.72 -0.22
N ARG A 4 8.36 6.89 -0.81
CA ARG A 4 8.15 6.56 -2.22
C ARG A 4 6.76 7.04 -2.64
N ILE A 5 6.20 7.97 -1.86
CA ILE A 5 4.87 8.50 -2.16
C ILE A 5 3.83 7.38 -2.11
N GLY A 6 3.19 7.23 -0.95
CA GLY A 6 2.19 6.20 -0.79
C GLY A 6 2.80 4.82 -0.70
N LYS A 7 3.73 4.66 0.24
CA LYS A 7 4.40 3.37 0.42
C LYS A 7 3.37 2.25 0.50
N GLY A 8 2.15 2.59 0.87
CA GLY A 8 1.09 1.60 0.98
C GLY A 8 -0.18 2.21 1.55
N VAL A 9 -1.03 1.36 2.13
CA VAL A 9 -2.29 1.80 2.71
C VAL A 9 -2.64 0.97 3.95
N LYS A 10 -3.28 -0.17 3.73
CA LYS A 10 -3.65 -1.05 4.83
C LYS A 10 -4.18 -2.38 4.31
N ILE A 11 -4.67 -2.37 3.07
CA ILE A 11 -5.22 -3.58 2.45
C ILE A 11 -4.80 -3.67 0.99
N ILE A 12 -4.85 -2.54 0.30
CA ILE A 12 -4.48 -2.48 -1.12
C ILE A 12 -2.99 -2.23 -1.22
N GLY A 13 -2.58 -0.96 -1.30
CA GLY A 13 -1.17 -0.63 -1.32
C GLY A 13 -0.56 -1.16 -0.03
N GLY A 14 -1.48 -1.64 0.81
CA GLY A 14 -1.15 -2.23 2.08
C GLY A 14 -0.76 -3.67 1.90
N ALA A 15 -1.55 -4.42 1.12
CA ALA A 15 -1.21 -5.82 0.84
C ALA A 15 -0.27 -5.83 -0.34
N ALA A 16 0.45 -4.71 -0.50
CA ALA A 16 1.38 -4.54 -1.61
C ALA A 16 0.62 -4.26 -2.89
N LEU A 17 -0.42 -3.41 -2.82
CA LEU A 17 -1.21 -3.10 -4.01
C LEU A 17 -2.02 -4.34 -4.40
N ASP A 18 -2.76 -4.89 -3.44
CA ASP A 18 -3.58 -6.07 -3.69
C ASP A 18 -2.70 -7.24 -4.14
N HIS A 19 -2.28 -7.22 -5.40
CA HIS A 19 -1.43 -8.28 -5.93
C HIS A 19 -0.71 -7.80 -7.18
N LEU A 20 -0.06 -6.66 -7.09
CA LEU A 20 0.67 -6.09 -8.22
C LEU A 20 -0.24 -6.03 -9.45
N TRP A 1 3.69 5.72 4.14
CA TRP A 1 4.21 6.65 5.13
C TRP A 1 4.40 5.95 6.47
N LEU A 2 4.70 6.74 7.50
CA LEU A 2 4.87 6.22 8.85
C LEU A 2 4.14 7.08 9.85
N ARG A 3 3.54 8.17 9.37
CA ARG A 3 2.77 9.07 10.23
C ARG A 3 1.86 8.24 11.14
N ARG A 4 1.65 6.98 10.73
CA ARG A 4 0.83 6.04 11.48
C ARG A 4 1.58 4.72 11.64
N ILE A 5 2.76 4.61 11.02
CA ILE A 5 3.54 3.37 11.13
C ILE A 5 2.75 2.19 10.58
N GLY A 6 2.89 1.94 9.28
CA GLY A 6 2.19 0.85 8.63
C GLY A 6 2.39 0.85 7.14
N LYS A 7 2.43 2.06 6.55
CA LYS A 7 2.61 2.19 5.12
C LYS A 7 1.50 1.47 4.36
N GLY A 8 1.21 1.95 3.16
CA GLY A 8 0.17 1.35 2.34
C GLY A 8 -1.21 1.60 2.89
N VAL A 9 -2.23 1.25 2.10
CA VAL A 9 -3.61 1.43 2.53
C VAL A 9 -4.00 0.37 3.56
N LYS A 10 -2.99 -0.36 4.05
CA LYS A 10 -3.20 -1.41 5.05
C LYS A 10 -4.03 -2.57 4.49
N ILE A 11 -4.66 -2.35 3.33
CA ILE A 11 -5.49 -3.37 2.70
C ILE A 11 -5.11 -3.57 1.24
N ILE A 12 -4.88 -2.46 0.53
CA ILE A 12 -4.51 -2.51 -0.88
C ILE A 12 -2.99 -2.46 -1.01
N GLY A 13 -2.44 -1.26 -1.21
CA GLY A 13 -1.00 -1.12 -1.25
C GLY A 13 -0.44 -1.63 0.04
N GLY A 14 -1.37 -1.92 0.94
CA GLY A 14 -1.07 -2.46 2.25
C GLY A 14 -0.91 -3.96 2.15
N ALA A 15 -1.86 -4.63 1.48
CA ALA A 15 -1.76 -6.07 1.30
C ALA A 15 -0.86 -6.34 0.10
N ALA A 16 0.05 -5.39 -0.14
CA ALA A 16 0.98 -5.47 -1.26
C ALA A 16 0.27 -5.09 -2.56
N LEU A 17 -0.60 -4.08 -2.50
CA LEU A 17 -1.32 -3.66 -3.70
C LEU A 17 -2.00 -4.87 -4.35
N ASP A 18 -2.56 -5.75 -3.52
CA ASP A 18 -3.23 -6.95 -4.01
C ASP A 18 -2.31 -7.73 -4.95
N HIS A 19 -2.26 -7.33 -6.21
CA HIS A 19 -1.42 -8.00 -7.19
C HIS A 19 0.02 -8.12 -6.68
N LEU A 20 0.68 -6.97 -6.53
CA LEU A 20 2.05 -6.95 -6.04
C LEU A 20 2.51 -5.52 -5.80
N TRP A 1 10.85 7.24 -2.43
CA TRP A 1 10.73 6.74 -1.07
C TRP A 1 9.60 7.47 -0.34
N LEU A 2 9.37 7.06 0.91
CA LEU A 2 8.31 7.68 1.71
C LEU A 2 8.44 7.25 3.17
N ARG A 3 7.89 6.07 3.47
CA ARG A 3 7.94 5.51 4.81
C ARG A 3 7.89 4.00 4.72
N ARG A 4 7.29 3.53 3.64
CA ARG A 4 7.15 2.08 3.37
C ARG A 4 7.57 1.80 1.93
N ILE A 5 7.95 2.86 1.21
CA ILE A 5 8.38 2.71 -0.18
C ILE A 5 7.24 2.13 -1.01
N GLY A 6 6.88 2.85 -2.08
CA GLY A 6 5.81 2.40 -2.96
C GLY A 6 4.45 2.57 -2.32
N LYS A 7 4.31 3.59 -1.49
CA LYS A 7 3.05 3.86 -0.82
C LYS A 7 2.57 2.63 -0.06
N GLY A 8 1.46 2.77 0.66
CA GLY A 8 0.92 1.66 1.43
C GLY A 8 -0.19 2.11 2.36
N VAL A 9 -1.42 1.71 2.05
CA VAL A 9 -2.57 2.08 2.87
C VAL A 9 -2.66 1.19 4.11
N LYS A 10 -3.25 0.01 3.96
CA LYS A 10 -3.39 -0.91 5.08
C LYS A 10 -3.88 -2.27 4.60
N ILE A 11 -4.60 -2.28 3.47
CA ILE A 11 -5.13 -3.52 2.90
C ILE A 11 -4.87 -3.57 1.40
N ILE A 12 -5.13 -2.47 0.71
CA ILE A 12 -4.91 -2.40 -0.73
C ILE A 12 -3.43 -2.21 -1.01
N GLY A 13 -2.97 -0.95 -1.10
CA GLY A 13 -1.56 -0.68 -1.27
C GLY A 13 -0.84 -1.30 -0.11
N GLY A 14 -1.66 -1.77 0.83
CA GLY A 14 -1.18 -2.45 2.01
C GLY A 14 -0.87 -3.89 1.70
N ALA A 15 -1.79 -4.57 1.00
CA ALA A 15 -1.55 -5.96 0.62
C ALA A 15 -0.78 -5.94 -0.69
N ALA A 16 0.02 -4.90 -0.86
CA ALA A 16 0.80 -4.71 -2.06
C ALA A 16 -0.11 -4.29 -3.21
N LEU A 17 -1.08 -3.42 -2.93
CA LEU A 17 -2.00 -2.96 -3.97
C LEU A 17 -2.74 -4.16 -4.57
N ASP A 18 -3.33 -4.97 -3.71
CA ASP A 18 -4.07 -6.15 -4.16
C ASP A 18 -3.13 -7.18 -4.79
N HIS A 19 -2.68 -6.89 -6.01
CA HIS A 19 -1.77 -7.78 -6.72
C HIS A 19 -0.99 -7.03 -7.79
N LEU A 20 -0.60 -5.80 -7.48
CA LEU A 20 0.15 -4.98 -8.42
C LEU A 20 -0.58 -4.90 -9.76
N TRP A 1 4.37 13.46 -1.35
CA TRP A 1 4.49 12.59 -2.52
C TRP A 1 5.85 11.91 -2.56
N LEU A 2 5.99 10.84 -1.79
CA LEU A 2 7.26 10.12 -1.74
C LEU A 2 7.46 9.31 -3.03
N ARG A 3 6.99 8.06 -3.02
CA ARG A 3 7.11 7.18 -4.19
C ARG A 3 5.78 6.46 -4.41
N ARG A 4 4.89 6.55 -3.43
CA ARG A 4 3.58 5.91 -3.51
C ARG A 4 2.54 6.72 -2.77
N ILE A 5 2.94 7.94 -2.35
CA ILE A 5 2.04 8.81 -1.62
C ILE A 5 1.57 8.16 -0.32
N GLY A 6 2.15 8.60 0.80
CA GLY A 6 1.79 8.05 2.09
C GLY A 6 1.92 6.54 2.12
N LYS A 7 3.01 6.03 1.55
CA LYS A 7 3.27 4.58 1.50
C LYS A 7 1.97 3.78 1.29
N GLY A 8 2.00 2.50 1.61
CA GLY A 8 0.84 1.65 1.45
C GLY A 8 -0.31 2.07 2.35
N VAL A 9 -1.52 1.78 1.91
CA VAL A 9 -2.70 2.13 2.69
C VAL A 9 -2.85 1.19 3.89
N LYS A 10 -3.53 0.06 3.68
CA LYS A 10 -3.73 -0.91 4.74
C LYS A 10 -4.32 -2.21 4.20
N ILE A 11 -5.00 -2.10 3.05
CA ILE A 11 -5.65 -3.27 2.42
C ILE A 11 -5.07 -3.51 1.01
N ILE A 12 -5.00 -2.44 0.23
CA ILE A 12 -4.48 -2.53 -1.14
C ILE A 12 -2.99 -2.26 -1.15
N GLY A 13 -2.58 -1.03 -1.48
CA GLY A 13 -1.16 -0.67 -1.43
C GLY A 13 -0.61 -1.06 -0.07
N GLY A 14 -1.56 -1.38 0.80
CA GLY A 14 -1.27 -1.83 2.14
C GLY A 14 -0.89 -3.29 2.13
N ALA A 15 -1.71 -4.12 1.48
CA ALA A 15 -1.40 -5.55 1.38
C ALA A 15 -0.49 -5.74 0.18
N ALA A 16 0.27 -4.68 -0.13
CA ALA A 16 1.18 -4.69 -1.26
C ALA A 16 0.39 -4.52 -2.56
N LEU A 17 -0.56 -3.59 -2.56
CA LEU A 17 -1.38 -3.35 -3.76
C LEU A 17 -2.26 -4.57 -4.04
N ASP A 18 -2.32 -5.48 -3.07
CA ASP A 18 -3.12 -6.69 -3.22
C ASP A 18 -2.67 -7.50 -4.44
N HIS A 19 -3.07 -7.05 -5.62
CA HIS A 19 -2.70 -7.75 -6.86
C HIS A 19 -1.26 -7.41 -7.25
N LEU A 20 -0.52 -6.82 -6.32
CA LEU A 20 0.88 -6.46 -6.59
C LEU A 20 0.97 -5.60 -7.84
N TRP A 1 15.57 0.82 6.19
CA TRP A 1 14.51 -0.03 6.74
C TRP A 1 13.17 0.34 6.11
N LEU A 2 13.13 0.35 4.77
CA LEU A 2 11.90 0.69 4.04
C LEU A 2 11.48 2.13 4.29
N ARG A 3 12.15 2.79 5.24
CA ARG A 3 11.86 4.19 5.57
C ARG A 3 10.45 4.38 6.12
N ARG A 4 9.60 3.37 5.97
CA ARG A 4 8.22 3.46 6.47
C ARG A 4 7.64 2.06 6.70
N ILE A 5 8.52 1.11 7.05
CA ILE A 5 8.08 -0.26 7.29
C ILE A 5 7.11 -0.73 6.21
N GLY A 6 7.61 -0.91 5.00
CA GLY A 6 6.78 -1.35 3.89
C GLY A 6 5.67 -0.37 3.61
N LYS A 7 6.01 0.73 2.93
CA LYS A 7 5.02 1.75 2.60
C LYS A 7 3.81 1.11 1.91
N GLY A 8 2.62 1.62 2.25
CA GLY A 8 1.40 1.10 1.66
C GLY A 8 0.17 1.69 2.32
N VAL A 9 -1.00 1.45 1.73
CA VAL A 9 -2.25 1.96 2.26
C VAL A 9 -2.59 1.28 3.59
N LYS A 10 -3.26 0.13 3.51
CA LYS A 10 -3.63 -0.60 4.72
C LYS A 10 -4.19 -1.98 4.35
N ILE A 11 -4.72 -2.10 3.14
CA ILE A 11 -5.29 -3.36 2.66
C ILE A 11 -4.91 -3.60 1.21
N ILE A 12 -5.01 -2.55 0.40
CA ILE A 12 -4.68 -2.65 -1.02
C ILE A 12 -3.18 -2.42 -1.19
N GLY A 13 -2.78 -1.17 -1.46
CA GLY A 13 -1.37 -0.84 -1.54
C GLY A 13 -0.73 -1.23 -0.23
N GLY A 14 -1.62 -1.60 0.70
CA GLY A 14 -1.23 -2.04 2.01
C GLY A 14 -0.83 -3.50 1.98
N ALA A 15 -1.66 -4.33 1.33
CA ALA A 15 -1.33 -5.74 1.21
C ALA A 15 -0.45 -5.92 -0.03
N ALA A 16 0.31 -4.86 -0.31
CA ALA A 16 1.19 -4.83 -1.47
C ALA A 16 0.37 -4.66 -2.75
N LEU A 17 -0.65 -3.79 -2.68
CA LEU A 17 -1.49 -3.56 -3.86
C LEU A 17 -2.11 -4.88 -4.31
N ASP A 18 -2.17 -5.84 -3.39
CA ASP A 18 -2.75 -7.15 -3.67
C ASP A 18 -2.04 -7.81 -4.85
N HIS A 19 -2.38 -7.39 -6.07
CA HIS A 19 -1.77 -7.95 -7.27
C HIS A 19 -0.25 -8.02 -7.13
N LEU A 20 0.39 -6.88 -6.91
CA LEU A 20 1.83 -6.83 -6.76
C LEU A 20 2.27 -5.48 -6.19
N TRP A 1 9.23 12.41 8.98
CA TRP A 1 8.01 11.76 8.53
C TRP A 1 8.33 10.61 7.58
N LEU A 2 7.37 9.73 7.36
CA LEU A 2 7.56 8.59 6.47
C LEU A 2 8.09 9.06 5.11
N ARG A 3 8.02 10.38 4.88
CA ARG A 3 8.48 10.98 3.64
C ARG A 3 7.47 10.73 2.52
N ARG A 4 6.95 9.51 2.44
CA ARG A 4 5.98 9.14 1.41
C ARG A 4 4.56 9.49 1.87
N ILE A 5 4.45 9.96 3.11
CA ILE A 5 3.15 10.32 3.66
C ILE A 5 2.18 9.15 3.53
N GLY A 6 2.44 8.08 4.27
CA GLY A 6 1.58 6.91 4.23
C GLY A 6 1.79 6.09 2.96
N LYS A 7 2.92 5.40 2.89
CA LYS A 7 3.23 4.57 1.73
C LYS A 7 2.07 3.64 1.41
N GLY A 8 2.00 2.52 2.13
CA GLY A 8 0.94 1.56 1.92
C GLY A 8 -0.40 2.06 2.42
N VAL A 9 -1.47 1.68 1.74
CA VAL A 9 -2.81 2.09 2.13
C VAL A 9 -3.23 1.42 3.44
N LYS A 10 -3.78 0.23 3.33
CA LYS A 10 -4.22 -0.52 4.52
C LYS A 10 -4.62 -1.94 4.13
N ILE A 11 -5.01 -2.12 2.87
CA ILE A 11 -5.42 -3.44 2.36
C ILE A 11 -4.82 -3.68 0.98
N ILE A 12 -4.94 -2.67 0.11
CA ILE A 12 -4.41 -2.78 -1.25
C ILE A 12 -2.91 -2.56 -1.22
N GLY A 13 -2.47 -1.30 -1.42
CA GLY A 13 -1.06 -0.98 -1.33
C GLY A 13 -0.57 -1.42 0.03
N GLY A 14 -1.56 -1.80 0.84
CA GLY A 14 -1.35 -2.29 2.18
C GLY A 14 -0.94 -3.75 2.14
N ALA A 15 -1.70 -4.57 1.38
CA ALA A 15 -1.35 -5.98 1.25
C ALA A 15 -0.38 -6.12 0.10
N ALA A 16 0.37 -5.04 -0.13
CA ALA A 16 1.35 -4.99 -1.21
C ALA A 16 0.62 -4.78 -2.55
N LEU A 17 -0.36 -3.87 -2.56
CA LEU A 17 -1.11 -3.59 -3.78
C LEU A 17 -1.92 -4.82 -4.20
N ASP A 18 -2.11 -5.74 -3.25
CA ASP A 18 -2.87 -6.96 -3.52
C ASP A 18 -2.25 -7.76 -4.66
N HIS A 19 -2.49 -7.31 -5.90
CA HIS A 19 -1.95 -8.00 -7.06
C HIS A 19 -0.43 -8.17 -6.93
N LEU A 20 0.29 -7.06 -6.91
CA LEU A 20 1.74 -7.11 -6.78
C LEU A 20 2.13 -7.65 -5.41
N TRP A 1 5.75 12.95 -5.03
CA TRP A 1 6.07 11.54 -5.24
C TRP A 1 5.40 11.03 -6.51
N LEU A 2 5.63 9.75 -6.82
CA LEU A 2 5.04 9.15 -8.02
C LEU A 2 3.53 8.95 -7.81
N ARG A 3 3.06 9.26 -6.60
CA ARG A 3 1.65 9.12 -6.24
C ARG A 3 1.34 7.67 -5.91
N ARG A 4 2.24 6.76 -6.30
CA ARG A 4 2.05 5.34 -6.04
C ARG A 4 3.39 4.60 -6.05
N ILE A 5 4.45 5.32 -5.68
CA ILE A 5 5.78 4.73 -5.66
C ILE A 5 5.82 3.55 -4.69
N GLY A 6 5.06 3.67 -3.60
CA GLY A 6 5.00 2.61 -2.61
C GLY A 6 4.14 3.00 -1.43
N LYS A 7 3.34 4.04 -1.61
CA LYS A 7 2.45 4.51 -0.55
C LYS A 7 1.42 3.44 -0.19
N GLY A 8 1.77 2.58 0.75
CA GLY A 8 0.88 1.52 1.17
C GLY A 8 -0.29 2.04 1.99
N VAL A 9 -1.50 1.74 1.55
CA VAL A 9 -2.70 2.19 2.26
C VAL A 9 -2.81 1.50 3.62
N LYS A 10 -3.40 0.31 3.64
CA LYS A 10 -3.55 -0.43 4.88
C LYS A 10 -4.06 -1.84 4.59
N ILE A 11 -4.74 -2.01 3.45
CA ILE A 11 -5.29 -3.31 3.05
C ILE A 11 -4.93 -3.61 1.60
N ILE A 12 -5.21 -2.67 0.72
CA ILE A 12 -4.92 -2.84 -0.70
C ILE A 12 -3.44 -2.60 -0.95
N GLY A 13 -3.07 -1.35 -1.32
CA GLY A 13 -1.67 -1.02 -1.50
C GLY A 13 -0.93 -1.37 -0.23
N GLY A 14 -1.75 -1.69 0.76
CA GLY A 14 -1.27 -2.10 2.06
C GLY A 14 -0.86 -3.56 2.03
N ALA A 15 -1.73 -4.42 1.49
CA ALA A 15 -1.38 -5.84 1.37
C ALA A 15 -0.58 -6.03 0.09
N ALA A 16 0.12 -4.97 -0.30
CA ALA A 16 0.92 -4.97 -1.50
C ALA A 16 0.03 -4.79 -2.73
N LEU A 17 -1.00 -3.94 -2.61
CA LEU A 17 -1.90 -3.73 -3.74
C LEU A 17 -2.50 -5.04 -4.22
N ASP A 18 -2.32 -6.09 -3.41
CA ASP A 18 -2.85 -7.41 -3.75
C ASP A 18 -2.28 -7.90 -5.09
N HIS A 19 -2.83 -7.38 -6.18
CA HIS A 19 -2.37 -7.78 -7.51
C HIS A 19 -0.86 -7.68 -7.61
N LEU A 20 -0.30 -6.58 -7.11
CA LEU A 20 1.15 -6.37 -7.16
C LEU A 20 1.54 -5.21 -6.23
N TRP A 1 13.63 -1.81 7.94
CA TRP A 1 12.44 -2.65 7.80
C TRP A 1 11.36 -1.92 7.01
N LEU A 2 11.73 -1.44 5.82
CA LEU A 2 10.77 -0.72 4.96
C LEU A 2 10.29 0.56 5.63
N ARG A 3 10.68 0.75 6.89
CA ARG A 3 10.29 1.94 7.65
C ARG A 3 8.79 1.95 7.90
N ARG A 4 8.01 2.25 6.86
CA ARG A 4 6.56 2.28 6.99
C ARG A 4 6.00 0.87 7.12
N ILE A 5 6.88 -0.11 7.34
CA ILE A 5 6.49 -1.51 7.50
C ILE A 5 5.30 -1.87 6.60
N GLY A 6 5.17 -1.17 5.48
CA GLY A 6 4.08 -1.42 4.55
C GLY A 6 3.73 -0.18 3.74
N LYS A 7 4.69 0.30 2.97
CA LYS A 7 4.48 1.49 2.15
C LYS A 7 3.20 1.34 1.33
N GLY A 8 2.09 1.86 1.85
CA GLY A 8 0.82 1.77 1.15
C GLY A 8 -0.33 2.28 2.00
N VAL A 9 -1.55 1.91 1.61
CA VAL A 9 -2.74 2.35 2.34
C VAL A 9 -2.90 1.54 3.63
N LYS A 10 -3.48 0.35 3.51
CA LYS A 10 -3.70 -0.50 4.67
C LYS A 10 -4.17 -1.89 4.25
N ILE A 11 -4.82 -1.96 3.08
CA ILE A 11 -5.35 -3.23 2.56
C ILE A 11 -4.79 -3.48 1.15
N ILE A 12 -4.98 -2.52 0.27
CA ILE A 12 -4.50 -2.65 -1.11
C ILE A 12 -2.99 -2.46 -1.15
N GLY A 13 -2.52 -1.25 -1.50
CA GLY A 13 -1.10 -0.97 -1.51
C GLY A 13 -0.53 -1.39 -0.17
N GLY A 14 -1.46 -1.67 0.73
CA GLY A 14 -1.14 -2.14 2.06
C GLY A 14 -0.79 -3.60 2.03
N ALA A 15 -1.62 -4.42 1.36
CA ALA A 15 -1.32 -5.84 1.23
C ALA A 15 -0.43 -6.02 0.02
N ALA A 16 0.35 -4.98 -0.28
CA ALA A 16 1.24 -4.97 -1.42
C ALA A 16 0.44 -4.76 -2.71
N LEU A 17 -0.56 -3.88 -2.64
CA LEU A 17 -1.38 -3.62 -3.83
C LEU A 17 -2.09 -4.91 -4.26
N ASP A 18 -2.30 -5.81 -3.31
CA ASP A 18 -2.97 -7.07 -3.58
C ASP A 18 -2.23 -7.85 -4.66
N HIS A 19 -2.41 -7.46 -5.92
CA HIS A 19 -1.75 -8.14 -7.03
C HIS A 19 -0.25 -8.26 -6.77
N LEU A 20 0.43 -7.13 -6.71
CA LEU A 20 1.86 -7.11 -6.47
C LEU A 20 2.16 -7.51 -5.03
N TRP A 1 5.50 1.10 6.44
CA TRP A 1 6.00 1.91 5.33
C TRP A 1 5.13 1.72 4.09
N LEU A 2 5.26 2.63 3.14
CA LEU A 2 4.48 2.55 1.90
C LEU A 2 5.00 1.41 1.03
N ARG A 3 6.09 0.79 1.47
CA ARG A 3 6.69 -0.33 0.73
C ARG A 3 7.20 0.13 -0.64
N ARG A 4 6.28 0.38 -1.57
CA ARG A 4 6.67 0.81 -2.90
C ARG A 4 7.18 2.25 -2.88
N ILE A 5 7.30 2.83 -1.69
CA ILE A 5 7.78 4.20 -1.55
C ILE A 5 7.09 5.13 -2.56
N GLY A 6 5.85 5.51 -2.27
CA GLY A 6 5.11 6.38 -3.16
C GLY A 6 3.64 6.42 -2.80
N LYS A 7 3.10 5.27 -2.40
CA LYS A 7 1.68 5.20 -2.04
C LYS A 7 1.37 3.87 -1.37
N GLY A 8 0.38 3.89 -0.47
CA GLY A 8 0.00 2.69 0.24
C GLY A 8 -1.11 2.95 1.24
N VAL A 9 -1.64 1.88 1.82
CA VAL A 9 -2.72 2.00 2.80
C VAL A 9 -2.60 0.88 3.85
N LYS A 10 -3.39 -0.16 3.67
CA LYS A 10 -3.36 -1.29 4.60
C LYS A 10 -4.11 -2.49 4.02
N ILE A 11 -5.00 -2.21 3.06
CA ILE A 11 -5.82 -3.25 2.42
C ILE A 11 -5.41 -3.47 0.96
N ILE A 12 -5.29 -2.37 0.22
CA ILE A 12 -4.94 -2.45 -1.21
C ILE A 12 -3.45 -2.24 -1.38
N GLY A 13 -3.02 -1.02 -1.78
CA GLY A 13 -1.60 -0.72 -1.92
C GLY A 13 -0.90 -1.14 -0.65
N GLY A 14 -1.73 -1.43 0.34
CA GLY A 14 -1.26 -1.90 1.63
C GLY A 14 -1.00 -3.38 1.59
N ALA A 15 -1.96 -4.15 1.05
CA ALA A 15 -1.77 -5.59 0.94
C ALA A 15 -0.98 -5.87 -0.33
N ALA A 16 -0.24 -4.85 -0.77
CA ALA A 16 0.57 -4.92 -1.98
C ALA A 16 -0.29 -4.63 -3.21
N LEU A 17 -1.20 -3.66 -3.09
CA LEU A 17 -2.05 -3.30 -4.23
C LEU A 17 -2.80 -4.54 -4.73
N ASP A 18 -2.85 -5.58 -3.90
CA ASP A 18 -3.53 -6.82 -4.28
C ASP A 18 -2.98 -7.31 -5.62
N HIS A 19 -1.79 -6.85 -5.97
CA HIS A 19 -1.16 -7.24 -7.22
C HIS A 19 -2.07 -6.89 -8.41
N LEU A 20 -2.30 -5.60 -8.61
CA LEU A 20 -3.16 -5.14 -9.71
C LEU A 20 -2.97 -3.65 -9.94
N TRP A 1 13.59 -3.22 0.17
CA TRP A 1 12.83 -3.56 1.37
C TRP A 1 13.11 -2.53 2.48
N LEU A 2 12.12 -1.68 2.75
CA LEU A 2 12.26 -0.66 3.79
C LEU A 2 12.05 -1.27 5.16
N ARG A 3 10.80 -1.60 5.47
CA ARG A 3 10.44 -2.19 6.75
C ARG A 3 9.20 -3.06 6.56
N ARG A 4 8.45 -2.73 5.51
CA ARG A 4 7.22 -3.46 5.18
C ARG A 4 7.24 -3.84 3.69
N ILE A 5 8.30 -3.45 3.00
CA ILE A 5 8.44 -3.75 1.58
C ILE A 5 7.28 -3.15 0.80
N GLY A 6 7.49 -1.95 0.27
CA GLY A 6 6.47 -1.27 -0.49
C GLY A 6 5.21 -1.03 0.32
N LYS A 7 5.31 -0.17 1.33
CA LYS A 7 4.17 0.14 2.18
C LYS A 7 3.10 0.87 1.38
N GLY A 8 1.95 1.10 2.02
CA GLY A 8 0.86 1.78 1.35
C GLY A 8 -0.29 2.08 2.29
N VAL A 9 -1.52 2.00 1.77
CA VAL A 9 -2.70 2.28 2.57
C VAL A 9 -2.81 1.28 3.74
N LYS A 10 -3.49 0.16 3.49
CA LYS A 10 -3.65 -0.86 4.53
C LYS A 10 -4.29 -2.12 3.94
N ILE A 11 -5.05 -1.96 2.86
CA ILE A 11 -5.75 -3.07 2.21
C ILE A 11 -5.16 -3.35 0.83
N ILE A 12 -5.05 -2.31 0.01
CA ILE A 12 -4.53 -2.45 -1.35
C ILE A 12 -3.03 -2.28 -1.36
N GLY A 13 -2.54 -1.08 -1.75
CA GLY A 13 -1.11 -0.81 -1.72
C GLY A 13 -0.58 -1.17 -0.36
N GLY A 14 -1.53 -1.39 0.54
CA GLY A 14 -1.25 -1.80 1.90
C GLY A 14 -0.95 -3.28 1.94
N ALA A 15 -1.83 -4.09 1.32
CA ALA A 15 -1.57 -5.54 1.27
C ALA A 15 -0.67 -5.82 0.09
N ALA A 16 0.14 -4.83 -0.26
CA ALA A 16 1.06 -4.92 -1.38
C ALA A 16 0.30 -4.75 -2.69
N LEU A 17 -0.62 -3.79 -2.73
CA LEU A 17 -1.40 -3.55 -3.94
C LEU A 17 -2.22 -4.78 -4.31
N ASP A 18 -2.27 -5.75 -3.40
CA ASP A 18 -3.02 -6.99 -3.63
C ASP A 18 -2.52 -7.70 -4.89
N HIS A 19 -1.46 -7.16 -5.48
CA HIS A 19 -0.88 -7.75 -6.69
C HIS A 19 0.56 -7.32 -6.84
N LEU A 20 0.95 -6.32 -6.06
CA LEU A 20 2.31 -5.81 -6.10
C LEU A 20 2.73 -5.49 -7.53
N TRP A 1 0.63 11.84 3.29
CA TRP A 1 -0.19 11.04 4.22
C TRP A 1 -1.32 10.36 3.46
N LEU A 2 -2.05 9.50 4.17
CA LEU A 2 -3.16 8.77 3.57
C LEU A 2 -4.25 9.75 3.13
N ARG A 3 -4.09 11.00 3.55
CA ARG A 3 -5.04 12.06 3.22
C ARG A 3 -6.34 11.88 3.99
N ARG A 4 -7.07 10.81 3.70
CA ARG A 4 -8.33 10.54 4.39
C ARG A 4 -8.06 10.05 5.80
N ILE A 5 -6.80 9.78 6.10
CA ILE A 5 -6.41 9.29 7.42
C ILE A 5 -7.13 7.98 7.74
N GLY A 6 -6.87 6.97 6.93
CA GLY A 6 -7.50 5.67 7.13
C GLY A 6 -7.32 4.76 5.94
N LYS A 7 -7.99 5.08 4.84
CA LYS A 7 -7.89 4.28 3.62
C LYS A 7 -6.79 4.82 2.71
N GLY A 8 -5.82 3.96 2.39
CA GLY A 8 -4.73 4.37 1.53
C GLY A 8 -3.96 3.17 0.99
N VAL A 9 -3.34 2.42 1.90
CA VAL A 9 -2.56 1.24 1.51
C VAL A 9 -2.50 0.24 2.67
N LYS A 10 -3.48 0.32 3.57
CA LYS A 10 -3.52 -0.57 4.72
C LYS A 10 -3.96 -1.97 4.28
N ILE A 11 -4.62 -2.02 3.12
CA ILE A 11 -5.12 -3.29 2.57
C ILE A 11 -4.79 -3.38 1.08
N ILE A 12 -4.85 -2.26 0.41
CA ILE A 12 -4.56 -2.21 -1.02
C ILE A 12 -3.07 -2.32 -1.23
N GLY A 13 -2.37 -1.18 -1.21
CA GLY A 13 -0.93 -1.21 -1.30
C GLY A 13 -0.42 -1.97 -0.10
N GLY A 14 -1.40 -2.33 0.75
CA GLY A 14 -1.15 -3.09 1.95
C GLY A 14 -1.08 -4.56 1.63
N ALA A 15 -2.03 -5.03 0.79
CA ALA A 15 -2.03 -6.42 0.37
C ALA A 15 -1.18 -6.54 -0.86
N ALA A 16 -0.20 -5.63 -0.95
CA ALA A 16 0.71 -5.58 -2.09
C ALA A 16 0.00 -4.95 -3.28
N LEU A 17 -0.84 -3.94 -3.02
CA LEU A 17 -1.57 -3.29 -4.11
C LEU A 17 -2.35 -4.33 -4.92
N ASP A 18 -3.09 -5.18 -4.20
CA ASP A 18 -3.89 -6.22 -4.85
C ASP A 18 -3.05 -6.97 -5.88
N HIS A 19 -1.75 -7.07 -5.63
CA HIS A 19 -0.85 -7.77 -6.54
C HIS A 19 -0.99 -7.23 -7.96
N LEU A 20 -0.74 -5.95 -8.13
CA LEU A 20 -0.86 -5.32 -9.44
C LEU A 20 -2.22 -5.63 -10.06
N TRP A 1 12.01 -3.74 9.51
CA TRP A 1 11.34 -3.41 8.26
C TRP A 1 10.11 -2.54 8.50
N LEU A 2 9.69 -1.81 7.47
CA LEU A 2 8.53 -0.94 7.60
C LEU A 2 7.24 -1.76 7.67
N ARG A 3 7.36 -3.06 7.40
CA ARG A 3 6.23 -3.98 7.42
C ARG A 3 5.25 -3.69 6.28
N ARG A 4 5.19 -2.44 5.83
CA ARG A 4 4.29 -2.06 4.73
C ARG A 4 5.00 -2.21 3.39
N ILE A 5 6.32 -2.35 3.44
CA ILE A 5 7.10 -2.50 2.21
C ILE A 5 6.77 -1.36 1.25
N GLY A 6 7.62 -0.34 1.24
CA GLY A 6 7.43 0.81 0.36
C GLY A 6 6.19 1.60 0.74
N LYS A 7 5.78 1.49 2.01
CA LYS A 7 4.61 2.22 2.49
C LYS A 7 3.37 1.79 1.70
N GLY A 8 2.20 1.89 2.34
CA GLY A 8 0.96 1.52 1.69
C GLY A 8 -0.25 2.03 2.45
N VAL A 9 -1.43 1.79 1.88
CA VAL A 9 -2.67 2.24 2.52
C VAL A 9 -2.93 1.44 3.80
N LYS A 10 -3.47 0.23 3.64
CA LYS A 10 -3.76 -0.62 4.78
C LYS A 10 -4.19 -2.01 4.33
N ILE A 11 -4.72 -2.08 3.11
CA ILE A 11 -5.19 -3.35 2.54
C ILE A 11 -4.74 -3.47 1.09
N ILE A 12 -4.93 -2.41 0.32
CA ILE A 12 -4.54 -2.41 -1.09
C ILE A 12 -3.04 -2.24 -1.19
N GLY A 13 -2.57 -0.99 -1.33
CA GLY A 13 -1.14 -0.75 -1.35
C GLY A 13 -0.56 -1.29 -0.07
N GLY A 14 -1.49 -1.69 0.80
CA GLY A 14 -1.18 -2.27 2.08
C GLY A 14 -0.82 -3.73 1.91
N ALA A 15 -1.65 -4.47 1.14
CA ALA A 15 -1.35 -5.88 0.88
C ALA A 15 -0.43 -5.94 -0.32
N ALA A 16 0.36 -4.87 -0.47
CA ALA A 16 1.29 -4.75 -1.57
C ALA A 16 0.50 -4.45 -2.85
N LEU A 17 -0.51 -3.59 -2.74
CA LEU A 17 -1.32 -3.24 -3.90
C LEU A 17 -2.06 -4.49 -4.41
N ASP A 18 -2.76 -5.16 -3.51
CA ASP A 18 -3.50 -6.38 -3.87
C ASP A 18 -2.55 -7.43 -4.43
N HIS A 19 -2.15 -7.26 -5.68
CA HIS A 19 -1.25 -8.23 -6.31
C HIS A 19 -0.70 -7.66 -7.62
N LEU A 20 -0.13 -6.46 -7.54
CA LEU A 20 0.44 -5.81 -8.73
C LEU A 20 1.33 -4.65 -8.31
N TRP A 1 10.33 4.84 -5.42
CA TRP A 1 10.99 5.92 -4.69
C TRP A 1 11.07 5.59 -3.21
N LEU A 2 11.80 6.41 -2.45
CA LEU A 2 11.96 6.19 -1.02
C LEU A 2 12.44 4.76 -0.77
N ARG A 3 11.49 3.85 -0.63
CA ARG A 3 11.80 2.45 -0.38
C ARG A 3 10.52 1.64 -0.45
N ARG A 4 9.41 2.33 -0.22
CA ARG A 4 8.09 1.70 -0.25
C ARG A 4 7.06 2.73 -0.74
N ILE A 5 7.52 3.95 -0.98
CA ILE A 5 6.64 5.02 -1.44
C ILE A 5 5.46 5.19 -0.48
N GLY A 6 5.73 5.81 0.67
CA GLY A 6 4.69 6.03 1.65
C GLY A 6 4.17 4.74 2.25
N LYS A 7 5.07 3.84 2.62
CA LYS A 7 4.68 2.56 3.20
C LYS A 7 3.60 1.89 2.35
N GLY A 8 2.34 2.10 2.73
CA GLY A 8 1.22 1.52 2.00
C GLY A 8 -0.10 2.02 2.54
N VAL A 9 -1.18 1.69 1.83
CA VAL A 9 -2.52 2.11 2.26
C VAL A 9 -2.90 1.43 3.57
N LYS A 10 -3.45 0.23 3.48
CA LYS A 10 -3.86 -0.51 4.67
C LYS A 10 -4.27 -1.93 4.31
N ILE A 11 -4.77 -2.10 3.08
CA ILE A 11 -5.21 -3.42 2.60
C ILE A 11 -4.70 -3.63 1.18
N ILE A 12 -4.92 -2.64 0.33
CA ILE A 12 -4.47 -2.72 -1.07
C ILE A 12 -2.98 -2.49 -1.13
N GLY A 13 -2.56 -1.24 -1.37
CA GLY A 13 -1.14 -0.90 -1.37
C GLY A 13 -0.55 -1.36 -0.05
N GLY A 14 -1.48 -1.74 0.83
CA GLY A 14 -1.15 -2.25 2.14
C GLY A 14 -0.74 -3.70 2.05
N ALA A 15 -1.55 -4.50 1.34
CA ALA A 15 -1.21 -5.92 1.16
C ALA A 15 -0.32 -6.04 -0.07
N ALA A 16 0.42 -4.96 -0.32
CA ALA A 16 1.31 -4.89 -1.47
C ALA A 16 0.50 -4.65 -2.75
N LEU A 17 -0.50 -3.76 -2.65
CA LEU A 17 -1.34 -3.47 -3.82
C LEU A 17 -2.10 -4.72 -4.26
N ASP A 18 -2.42 -5.58 -3.29
CA ASP A 18 -3.15 -6.81 -3.58
C ASP A 18 -2.42 -7.65 -4.62
N HIS A 19 -2.59 -7.29 -5.88
CA HIS A 19 -1.94 -8.02 -6.97
C HIS A 19 -0.45 -8.21 -6.68
N LEU A 20 0.28 -7.09 -6.64
CA LEU A 20 1.72 -7.14 -6.37
C LEU A 20 1.97 -7.46 -4.90
N TRP A 1 5.47 10.96 9.26
CA TRP A 1 4.44 9.93 9.18
C TRP A 1 5.03 8.61 8.69
N LEU A 2 6.15 8.22 9.28
CA LEU A 2 6.84 6.99 8.92
C LEU A 2 7.45 7.10 7.52
N ARG A 3 7.15 8.22 6.85
CA ARG A 3 7.66 8.48 5.50
C ARG A 3 6.91 7.64 4.47
N ARG A 4 7.00 6.32 4.60
CA ARG A 4 6.33 5.42 3.67
C ARG A 4 4.82 5.42 3.92
N ILE A 5 4.39 6.22 4.89
CA ILE A 5 2.96 6.31 5.21
C ILE A 5 2.39 4.90 5.45
N GLY A 6 2.89 4.24 6.49
CA GLY A 6 2.43 2.91 6.82
C GLY A 6 2.49 1.97 5.63
N LYS A 7 3.36 2.28 4.69
CA LYS A 7 3.52 1.45 3.49
C LYS A 7 2.16 1.23 2.82
N GLY A 8 1.85 2.07 1.83
CA GLY A 8 0.59 1.96 1.12
C GLY A 8 -0.59 2.34 1.99
N VAL A 9 -1.78 1.93 1.58
CA VAL A 9 -2.99 2.24 2.33
C VAL A 9 -3.11 1.34 3.56
N LYS A 10 -3.64 0.13 3.37
CA LYS A 10 -3.79 -0.81 4.47
C LYS A 10 -4.24 -2.17 3.95
N ILE A 11 -4.78 -2.19 2.73
CA ILE A 11 -5.25 -3.43 2.11
C ILE A 11 -4.87 -3.47 0.64
N ILE A 12 -5.08 -2.36 -0.05
CA ILE A 12 -4.74 -2.27 -1.47
C ILE A 12 -3.25 -2.08 -1.63
N GLY A 13 -2.81 -0.81 -1.70
CA GLY A 13 -1.39 -0.53 -1.76
C GLY A 13 -0.76 -1.12 -0.52
N GLY A 14 -1.65 -1.61 0.33
CA GLY A 14 -1.28 -2.26 1.57
C GLY A 14 -0.93 -3.70 1.31
N ALA A 15 -1.77 -4.42 0.55
CA ALA A 15 -1.47 -5.81 0.22
C ALA A 15 -0.65 -5.81 -1.06
N ALA A 16 0.10 -4.72 -1.23
CA ALA A 16 0.93 -4.54 -2.40
C ALA A 16 0.05 -4.22 -3.60
N LEU A 17 -0.88 -3.28 -3.41
CA LEU A 17 -1.80 -2.88 -4.49
C LEU A 17 -2.68 -4.07 -4.87
N ASP A 18 -3.13 -4.81 -3.86
CA ASP A 18 -4.00 -5.97 -4.09
C ASP A 18 -3.39 -6.90 -5.13
N HIS A 19 -2.07 -7.11 -5.03
CA HIS A 19 -1.38 -7.98 -5.98
C HIS A 19 -1.71 -7.59 -7.42
N LEU A 20 -1.85 -6.30 -7.66
CA LEU A 20 -2.17 -5.81 -8.99
C LEU A 20 -1.04 -6.16 -9.96
N TRP A 1 6.48 -3.10 -6.92
CA TRP A 1 6.84 -2.00 -6.03
C TRP A 1 5.62 -1.51 -5.27
N LEU A 2 5.83 -0.60 -4.33
CA LEU A 2 4.75 -0.06 -3.53
C LEU A 2 3.91 0.90 -4.36
N ARG A 3 4.42 1.25 -5.55
CA ARG A 3 3.75 2.18 -6.47
C ARG A 3 3.77 3.61 -5.96
N ARG A 4 3.55 3.80 -4.65
CA ARG A 4 3.56 5.13 -4.07
C ARG A 4 4.99 5.56 -3.73
N ILE A 5 5.92 4.61 -3.83
CA ILE A 5 7.32 4.89 -3.53
C ILE A 5 7.47 5.38 -2.10
N GLY A 6 7.16 4.51 -1.14
CA GLY A 6 7.26 4.86 0.26
C GLY A 6 6.63 3.81 1.16
N LYS A 7 5.30 3.74 1.13
CA LYS A 7 4.56 2.77 1.94
C LYS A 7 3.30 2.31 1.21
N GLY A 8 2.23 2.06 1.96
CA GLY A 8 0.98 1.61 1.37
C GLY A 8 -0.21 1.90 2.27
N VAL A 9 -1.40 1.52 1.82
CA VAL A 9 -2.60 1.75 2.61
C VAL A 9 -2.59 0.87 3.86
N LYS A 10 -3.33 -0.24 3.84
CA LYS A 10 -3.39 -1.13 5.00
C LYS A 10 -3.77 -2.55 4.54
N ILE A 11 -4.60 -2.63 3.51
CA ILE A 11 -5.05 -3.92 2.97
C ILE A 11 -4.85 -3.97 1.46
N ILE A 12 -5.30 -2.92 0.79
CA ILE A 12 -5.18 -2.83 -0.66
C ILE A 12 -3.76 -2.50 -1.04
N GLY A 13 -3.45 -1.19 -1.21
CA GLY A 13 -2.10 -0.77 -1.50
C GLY A 13 -1.21 -1.30 -0.40
N GLY A 14 -1.89 -1.82 0.61
CA GLY A 14 -1.26 -2.42 1.76
C GLY A 14 -0.80 -3.83 1.44
N ALA A 15 -1.70 -4.63 0.83
CA ALA A 15 -1.34 -5.99 0.44
C ALA A 15 -0.69 -5.92 -0.94
N ALA A 16 -0.09 -4.76 -1.22
CA ALA A 16 0.57 -4.52 -2.49
C ALA A 16 -0.48 -4.20 -3.56
N LEU A 17 -1.52 -3.45 -3.17
CA LEU A 17 -2.56 -3.09 -4.13
C LEU A 17 -3.17 -4.37 -4.72
N ASP A 18 -3.47 -5.33 -3.85
CA ASP A 18 -4.06 -6.59 -4.29
C ASP A 18 -3.26 -7.18 -5.45
N HIS A 19 -1.96 -6.94 -5.44
CA HIS A 19 -1.08 -7.47 -6.49
C HIS A 19 -1.64 -7.12 -7.88
N LEU A 20 -1.78 -5.83 -8.15
CA LEU A 20 -2.30 -5.38 -9.44
C LEU A 20 -2.17 -3.86 -9.57
N TRP A 1 8.22 10.61 4.50
CA TRP A 1 7.19 9.79 5.14
C TRP A 1 5.88 9.88 4.38
N LEU A 2 5.27 8.72 4.10
CA LEU A 2 4.01 8.67 3.38
C LEU A 2 2.86 9.14 4.27
N ARG A 3 2.49 8.29 5.22
CA ARG A 3 1.41 8.60 6.14
C ARG A 3 1.60 7.80 7.42
N ARG A 4 2.53 6.86 7.36
CA ARG A 4 2.84 6.01 8.50
C ARG A 4 4.24 5.42 8.33
N ILE A 5 4.89 5.77 7.21
CA ILE A 5 6.23 5.29 6.90
C ILE A 5 6.43 3.83 7.36
N GLY A 6 6.21 2.90 6.44
CA GLY A 6 6.35 1.49 6.75
C GLY A 6 5.63 0.62 5.74
N LYS A 7 4.61 1.19 5.10
CA LYS A 7 3.84 0.46 4.10
C LYS A 7 2.91 1.41 3.34
N GLY A 8 2.20 0.88 2.36
CA GLY A 8 1.28 1.68 1.58
C GLY A 8 0.04 2.05 2.35
N VAL A 9 -1.13 1.70 1.81
CA VAL A 9 -2.39 2.02 2.46
C VAL A 9 -2.58 1.12 3.70
N LYS A 10 -3.23 -0.02 3.51
CA LYS A 10 -3.48 -0.95 4.62
C LYS A 10 -4.05 -2.26 4.10
N ILE A 11 -4.74 -2.21 2.96
CA ILE A 11 -5.37 -3.40 2.36
C ILE A 11 -5.01 -3.49 0.88
N ILE A 12 -5.16 -2.37 0.17
CA ILE A 12 -4.86 -2.32 -1.26
C ILE A 12 -3.38 -2.02 -1.46
N GLY A 13 -3.03 -0.74 -1.66
CA GLY A 13 -1.64 -0.36 -1.78
C GLY A 13 -0.91 -0.85 -0.55
N GLY A 14 -1.72 -1.33 0.38
CA GLY A 14 -1.25 -1.89 1.62
C GLY A 14 -0.82 -3.33 1.41
N ALA A 15 -1.71 -4.12 0.77
CA ALA A 15 -1.35 -5.51 0.48
C ALA A 15 -0.61 -5.54 -0.84
N ALA A 16 0.03 -4.42 -1.14
CA ALA A 16 0.77 -4.27 -2.39
C ALA A 16 -0.19 -4.04 -3.54
N LEU A 17 -1.15 -3.12 -3.35
CA LEU A 17 -2.14 -2.82 -4.38
C LEU A 17 -2.97 -4.06 -4.67
N ASP A 18 -2.85 -5.06 -3.82
CA ASP A 18 -3.59 -6.31 -4.00
C ASP A 18 -3.31 -6.90 -5.37
N HIS A 19 -2.03 -7.09 -5.68
CA HIS A 19 -1.64 -7.66 -6.97
C HIS A 19 -2.24 -6.83 -8.12
N LEU A 20 -1.95 -5.54 -8.13
CA LEU A 20 -2.46 -4.66 -9.17
C LEU A 20 -3.96 -4.86 -9.35
N TRP A 1 9.32 -6.01 10.71
CA TRP A 1 9.52 -4.70 10.07
C TRP A 1 9.44 -4.84 8.55
N LEU A 2 8.42 -4.25 7.96
CA LEU A 2 8.24 -4.32 6.51
C LEU A 2 9.37 -3.56 5.81
N ARG A 3 9.35 -2.24 5.94
CA ARG A 3 10.35 -1.38 5.33
C ARG A 3 10.12 0.04 5.81
N ARG A 4 8.89 0.30 6.21
CA ARG A 4 8.48 1.60 6.72
C ARG A 4 7.31 1.43 7.66
N ILE A 5 6.98 0.17 7.97
CA ILE A 5 5.88 -0.14 8.87
C ILE A 5 4.57 0.41 8.31
N GLY A 6 3.69 -0.49 7.89
CA GLY A 6 2.40 -0.09 7.34
C GLY A 6 2.55 0.67 6.04
N LYS A 7 3.29 0.10 5.10
CA LYS A 7 3.50 0.74 3.81
C LYS A 7 2.18 0.84 3.04
N GLY A 8 2.08 1.84 2.17
CA GLY A 8 0.87 2.04 1.39
C GLY A 8 -0.31 2.42 2.26
N VAL A 9 -1.50 2.00 1.85
CA VAL A 9 -2.71 2.32 2.60
C VAL A 9 -2.77 1.48 3.89
N LYS A 10 -3.33 0.28 3.79
CA LYS A 10 -3.43 -0.60 4.95
C LYS A 10 -3.91 -1.99 4.52
N ILE A 11 -4.61 -2.04 3.39
CA ILE A 11 -5.14 -3.31 2.86
C ILE A 11 -4.82 -3.43 1.38
N ILE A 12 -5.05 -2.35 0.64
CA ILE A 12 -4.79 -2.34 -0.79
C ILE A 12 -3.30 -2.17 -1.04
N GLY A 13 -2.84 -0.92 -1.21
CA GLY A 13 -1.42 -0.67 -1.35
C GLY A 13 -0.72 -1.23 -0.14
N GLY A 14 -1.57 -1.65 0.79
CA GLY A 14 -1.13 -2.26 2.03
C GLY A 14 -0.82 -3.72 1.81
N ALA A 15 -1.72 -4.44 1.13
CA ALA A 15 -1.46 -5.85 0.82
C ALA A 15 -0.67 -5.91 -0.47
N ALA A 16 0.10 -4.85 -0.70
CA ALA A 16 0.91 -4.74 -1.89
C ALA A 16 0.03 -4.37 -3.09
N LEU A 17 -0.95 -3.49 -2.85
CA LEU A 17 -1.85 -3.09 -3.94
C LEU A 17 -2.61 -4.31 -4.48
N ASP A 18 -3.18 -5.08 -3.56
CA ASP A 18 -3.93 -6.27 -3.95
C ASP A 18 -3.05 -7.25 -4.72
N HIS A 19 -2.81 -6.96 -5.99
CA HIS A 19 -1.97 -7.82 -6.84
C HIS A 19 -1.46 -7.04 -8.03
N LEU A 20 -0.77 -5.93 -7.78
CA LEU A 20 -0.22 -5.11 -8.84
C LEU A 20 -1.31 -4.71 -9.83
N TRP A 1 13.12 3.08 7.71
CA TRP A 1 12.95 1.72 7.24
C TRP A 1 12.26 0.85 8.29
N LEU A 2 10.96 0.60 8.09
CA LEU A 2 10.20 -0.21 9.03
C LEU A 2 10.65 -1.66 8.96
N ARG A 3 10.30 -2.31 7.86
CA ARG A 3 10.66 -3.71 7.64
C ARG A 3 10.62 -4.00 6.15
N ARG A 4 9.85 -3.18 5.44
CA ARG A 4 9.70 -3.29 4.00
C ARG A 4 9.43 -1.92 3.40
N ILE A 5 9.49 -0.89 4.26
CA ILE A 5 9.24 0.49 3.82
C ILE A 5 8.06 0.56 2.84
N GLY A 6 7.23 -0.46 2.85
CA GLY A 6 6.07 -0.50 1.97
C GLY A 6 4.98 0.45 2.44
N LYS A 7 4.66 0.39 3.73
CA LYS A 7 3.64 1.24 4.30
C LYS A 7 2.32 1.10 3.54
N GLY A 8 2.21 1.80 2.41
CA GLY A 8 1.01 1.74 1.61
C GLY A 8 -0.20 2.22 2.37
N VAL A 9 -1.39 1.83 1.90
CA VAL A 9 -2.63 2.23 2.55
C VAL A 9 -2.86 1.41 3.81
N LYS A 10 -3.43 0.22 3.66
CA LYS A 10 -3.71 -0.64 4.81
C LYS A 10 -4.17 -2.02 4.34
N ILE A 11 -4.72 -2.07 3.13
CA ILE A 11 -5.22 -3.32 2.56
C ILE A 11 -4.73 -3.48 1.12
N ILE A 12 -4.92 -2.43 0.33
CA ILE A 12 -4.49 -2.45 -1.08
C ILE A 12 -3.00 -2.27 -1.16
N GLY A 13 -2.54 -1.02 -1.37
CA GLY A 13 -1.11 -0.75 -1.38
C GLY A 13 -0.53 -1.26 -0.09
N GLY A 14 -1.45 -1.62 0.79
CA GLY A 14 -1.12 -2.18 2.08
C GLY A 14 -0.76 -3.64 1.94
N ALA A 15 -1.58 -4.40 1.21
CA ALA A 15 -1.27 -5.82 0.98
C ALA A 15 -0.37 -5.90 -0.24
N ALA A 16 0.40 -4.83 -0.44
CA ALA A 16 1.30 -4.73 -1.58
C ALA A 16 0.51 -4.45 -2.85
N LEU A 17 -0.51 -3.59 -2.73
CA LEU A 17 -1.34 -3.27 -3.89
C LEU A 17 -2.07 -4.53 -4.36
N ASP A 18 -2.72 -5.22 -3.42
CA ASP A 18 -3.46 -6.44 -3.74
C ASP A 18 -2.53 -7.49 -4.35
N HIS A 19 -2.20 -7.32 -5.62
CA HIS A 19 -1.32 -8.26 -6.31
C HIS A 19 -0.70 -7.60 -7.54
N LEU A 20 -0.24 -6.36 -7.37
CA LEU A 20 0.37 -5.63 -8.48
C LEU A 20 -0.55 -5.63 -9.70
N TRP A 1 10.30 10.38 -3.48
CA TRP A 1 9.95 8.98 -3.22
C TRP A 1 9.35 8.84 -1.82
N LEU A 2 8.16 8.23 -1.76
CA LEU A 2 7.50 8.04 -0.48
C LEU A 2 8.31 7.09 0.41
N ARG A 3 8.10 5.80 0.20
CA ARG A 3 8.81 4.78 0.96
C ARG A 3 8.57 3.42 0.32
N ARG A 4 7.54 3.37 -0.52
CA ARG A 4 7.17 2.16 -1.23
C ARG A 4 6.56 2.53 -2.59
N ILE A 5 6.46 3.85 -2.84
CA ILE A 5 5.90 4.34 -4.09
C ILE A 5 4.48 3.79 -4.29
N GLY A 6 3.55 4.25 -3.46
CA GLY A 6 2.17 3.81 -3.54
C GLY A 6 1.38 4.14 -2.30
N LYS A 7 2.07 4.68 -1.29
CA LYS A 7 1.42 5.04 -0.04
C LYS A 7 0.61 3.86 0.49
N GLY A 8 1.31 2.84 0.98
CA GLY A 8 0.65 1.66 1.52
C GLY A 8 -0.43 2.02 2.51
N VAL A 9 -1.68 1.73 2.16
CA VAL A 9 -2.81 2.04 3.03
C VAL A 9 -2.89 1.01 4.16
N LYS A 10 -3.52 -0.13 3.90
CA LYS A 10 -3.65 -1.17 4.92
C LYS A 10 -4.19 -2.46 4.30
N ILE A 11 -4.92 -2.32 3.19
CA ILE A 11 -5.51 -3.47 2.50
C ILE A 11 -4.99 -3.57 1.05
N ILE A 12 -5.24 -2.53 0.27
CA ILE A 12 -4.81 -2.51 -1.12
C ILE A 12 -3.32 -2.24 -1.21
N GLY A 13 -2.92 -0.98 -1.47
CA GLY A 13 -1.51 -0.63 -1.50
C GLY A 13 -0.87 -1.12 -0.22
N GLY A 14 -1.75 -1.52 0.67
CA GLY A 14 -1.36 -2.07 1.95
C GLY A 14 -0.93 -3.52 1.78
N ALA A 15 -1.75 -4.32 1.08
CA ALA A 15 -1.38 -5.71 0.82
C ALA A 15 -0.53 -5.75 -0.44
N ALA A 16 0.18 -4.65 -0.66
CA ALA A 16 1.04 -4.50 -1.82
C ALA A 16 0.18 -4.23 -3.06
N LEU A 17 -0.87 -3.42 -2.89
CA LEU A 17 -1.75 -3.10 -4.02
C LEU A 17 -2.44 -4.39 -4.49
N ASP A 18 -2.99 -5.14 -3.55
CA ASP A 18 -3.69 -6.38 -3.88
C ASP A 18 -2.78 -7.30 -4.69
N HIS A 19 -2.75 -7.08 -6.00
CA HIS A 19 -1.92 -7.90 -6.89
C HIS A 19 -1.71 -7.19 -8.22
N LEU A 20 -1.29 -5.94 -8.15
CA LEU A 20 -1.04 -5.14 -9.36
C LEU A 20 -2.26 -5.20 -10.28
N TRP A 1 5.85 -5.36 6.40
CA TRP A 1 6.29 -4.04 5.99
C TRP A 1 5.84 -3.73 4.57
N LEU A 2 5.83 -2.46 4.22
CA LEU A 2 5.43 -2.05 2.87
C LEU A 2 6.45 -2.51 1.84
N ARG A 3 7.54 -3.09 2.35
CA ARG A 3 8.62 -3.60 1.49
C ARG A 3 9.47 -2.45 0.96
N ARG A 4 8.84 -1.53 0.22
CA ARG A 4 9.56 -0.38 -0.33
C ARG A 4 9.64 0.75 0.68
N ILE A 5 8.83 0.64 1.74
CA ILE A 5 8.82 1.67 2.79
C ILE A 5 8.69 3.06 2.18
N GLY A 6 7.56 3.31 1.51
CA GLY A 6 7.34 4.60 0.88
C GLY A 6 5.89 4.76 0.43
N LYS A 7 5.14 3.66 0.43
CA LYS A 7 3.75 3.71 0.01
C LYS A 7 2.98 2.49 0.51
N GLY A 8 1.77 2.72 0.99
CA GLY A 8 0.93 1.64 1.51
C GLY A 8 -0.13 2.16 2.46
N VAL A 9 -1.40 1.94 2.12
CA VAL A 9 -2.50 2.40 2.97
C VAL A 9 -2.73 1.44 4.14
N LYS A 10 -3.18 0.23 3.86
CA LYS A 10 -3.43 -0.76 4.91
C LYS A 10 -3.89 -2.09 4.29
N ILE A 11 -4.66 -2.00 3.20
CA ILE A 11 -5.19 -3.19 2.52
C ILE A 11 -4.72 -3.25 1.08
N ILE A 12 -4.92 -2.17 0.33
CA ILE A 12 -4.52 -2.14 -1.07
C ILE A 12 -3.02 -2.01 -1.18
N GLY A 13 -2.51 -0.78 -1.39
CA GLY A 13 -1.07 -0.56 -1.43
C GLY A 13 -0.46 -1.17 -0.20
N GLY A 14 -1.36 -1.54 0.71
CA GLY A 14 -1.00 -2.18 1.95
C GLY A 14 -0.71 -3.65 1.71
N ALA A 15 -1.60 -4.33 0.98
CA ALA A 15 -1.38 -5.73 0.65
C ALA A 15 -0.59 -5.79 -0.64
N ALA A 16 0.25 -4.77 -0.82
CA ALA A 16 1.06 -4.65 -2.02
C ALA A 16 0.19 -4.26 -3.20
N LEU A 17 -0.75 -3.33 -2.97
CA LEU A 17 -1.64 -2.90 -4.04
C LEU A 17 -2.53 -4.06 -4.49
N ASP A 18 -3.22 -4.66 -3.52
CA ASP A 18 -4.11 -5.78 -3.80
C ASP A 18 -3.33 -6.98 -4.36
N HIS A 19 -2.93 -6.89 -5.63
CA HIS A 19 -2.18 -7.96 -6.26
C HIS A 19 -1.30 -7.40 -7.38
N LEU A 20 -0.66 -6.26 -7.12
CA LEU A 20 0.21 -5.64 -8.10
C LEU A 20 -0.54 -5.42 -9.42
N TRP A 1 6.66 10.58 9.78
CA TRP A 1 5.58 11.10 8.97
C TRP A 1 6.02 11.26 7.52
N LEU A 2 5.57 10.35 6.66
CA LEU A 2 5.93 10.40 5.24
C LEU A 2 5.18 11.53 4.53
N ARG A 3 3.89 11.33 4.34
CA ARG A 3 3.05 12.32 3.68
C ARG A 3 1.61 12.15 4.14
N ARG A 4 1.36 11.01 4.79
CA ARG A 4 0.04 10.69 5.31
C ARG A 4 0.17 9.86 6.59
N ILE A 5 1.42 9.63 7.00
CA ILE A 5 1.68 8.85 8.20
C ILE A 5 1.04 7.46 8.09
N GLY A 6 1.31 6.79 6.97
CA GLY A 6 0.77 5.46 6.74
C GLY A 6 -0.71 5.37 7.03
N LYS A 7 -1.42 6.48 6.83
CA LYS A 7 -2.87 6.51 7.07
C LYS A 7 -3.63 5.93 5.89
N GLY A 8 -3.14 4.81 5.36
CA GLY A 8 -3.78 4.17 4.22
C GLY A 8 -3.10 2.87 3.83
N VAL A 9 -3.33 2.46 2.58
CA VAL A 9 -2.75 1.21 2.04
C VAL A 9 -2.66 0.13 3.11
N LYS A 10 -3.77 -0.11 3.80
CA LYS A 10 -3.82 -1.14 4.85
C LYS A 10 -4.31 -2.46 4.27
N ILE A 11 -4.90 -2.39 3.08
CA ILE A 11 -5.44 -3.58 2.40
C ILE A 11 -4.93 -3.64 0.96
N ILE A 12 -4.99 -2.52 0.26
CA ILE A 12 -4.55 -2.47 -1.13
C ILE A 12 -3.05 -2.47 -1.18
N GLY A 13 -2.42 -1.27 -1.19
CA GLY A 13 -0.98 -1.19 -1.16
C GLY A 13 -0.51 -1.89 0.10
N GLY A 14 -1.51 -2.26 0.89
CA GLY A 14 -1.30 -2.99 2.12
C GLY A 14 -1.12 -4.46 1.85
N ALA A 15 -1.98 -5.01 0.97
CA ALA A 15 -1.85 -6.42 0.61
C ALA A 15 -0.88 -6.50 -0.56
N ALA A 16 0.05 -5.54 -0.58
CA ALA A 16 1.04 -5.45 -1.63
C ALA A 16 0.38 -4.92 -2.91
N LEU A 17 -0.57 -3.98 -2.75
CA LEU A 17 -1.24 -3.42 -3.91
C LEU A 17 -1.94 -4.54 -4.70
N ASP A 18 -2.65 -5.40 -3.98
CA ASP A 18 -3.36 -6.51 -4.61
C ASP A 18 -2.41 -7.35 -5.47
N HIS A 19 -2.18 -6.91 -6.70
CA HIS A 19 -1.28 -7.61 -7.62
C HIS A 19 -0.78 -6.67 -8.70
N LEU A 20 -0.24 -5.53 -8.28
CA LEU A 20 0.28 -4.55 -9.24
C LEU A 20 -0.78 -4.21 -10.27
N TRP A 1 -7.62 8.59 8.95
CA TRP A 1 -6.56 9.41 8.37
C TRP A 1 -5.19 8.77 8.62
N LEU A 2 -4.45 8.54 7.54
CA LEU A 2 -3.13 7.93 7.65
C LEU A 2 -2.14 8.95 8.21
N ARG A 3 -1.58 9.77 7.31
CA ARG A 3 -0.63 10.79 7.69
C ARG A 3 -0.60 11.87 6.63
N ARG A 4 -1.14 11.52 5.45
CA ARG A 4 -1.21 12.44 4.32
C ARG A 4 -2.42 12.10 3.47
N ILE A 5 -3.17 11.09 3.91
CA ILE A 5 -4.37 10.67 3.18
C ILE A 5 -4.03 10.38 1.72
N GLY A 6 -3.30 9.29 1.49
CA GLY A 6 -2.93 8.92 0.14
C GLY A 6 -1.86 7.84 0.13
N LYS A 7 -0.75 8.10 0.81
CA LYS A 7 0.34 7.14 0.87
C LYS A 7 -0.10 5.87 1.59
N GLY A 8 0.24 4.72 1.01
CA GLY A 8 -0.14 3.45 1.61
C GLY A 8 -1.63 3.34 1.83
N VAL A 9 -2.09 2.15 2.23
CA VAL A 9 -3.50 1.91 2.48
C VAL A 9 -3.67 0.86 3.58
N LYS A 10 -2.63 0.06 3.79
CA LYS A 10 -2.66 -0.99 4.81
C LYS A 10 -3.57 -2.15 4.41
N ILE A 11 -4.46 -1.90 3.45
CA ILE A 11 -5.42 -2.91 2.97
C ILE A 11 -5.21 -3.24 1.49
N ILE A 12 -5.06 -2.21 0.68
CA ILE A 12 -4.88 -2.38 -0.77
C ILE A 12 -3.40 -2.33 -1.12
N GLY A 13 -2.90 -1.18 -1.57
CA GLY A 13 -1.48 -1.04 -1.85
C GLY A 13 -0.71 -1.44 -0.61
N GLY A 14 -1.48 -1.62 0.44
CA GLY A 14 -0.97 -2.04 1.73
C GLY A 14 -0.83 -3.54 1.76
N ALA A 15 -1.88 -4.25 1.32
CA ALA A 15 -1.80 -5.71 1.27
C ALA A 15 -1.07 -6.10 -0.01
N ALA A 16 -0.21 -5.19 -0.47
CA ALA A 16 0.55 -5.40 -1.69
C ALA A 16 -0.33 -5.14 -2.90
N LEU A 17 -1.22 -4.15 -2.79
CA LEU A 17 -2.12 -3.83 -3.91
C LEU A 17 -2.82 -5.10 -4.41
N ASP A 18 -3.07 -6.03 -3.48
CA ASP A 18 -3.74 -7.27 -3.83
C ASP A 18 -3.06 -7.96 -5.01
N HIS A 19 -1.89 -7.46 -5.38
CA HIS A 19 -1.15 -8.04 -6.50
C HIS A 19 0.27 -7.48 -6.55
N LEU A 20 0.40 -6.17 -6.31
CA LEU A 20 1.71 -5.53 -6.33
C LEU A 20 1.64 -4.16 -5.67
N TRP A 1 14.78 -4.55 0.10
CA TRP A 1 13.63 -3.66 0.11
C TRP A 1 12.55 -4.19 1.05
N LEU A 2 11.69 -3.30 1.52
CA LEU A 2 10.61 -3.69 2.43
C LEU A 2 9.53 -4.45 1.67
N ARG A 3 9.60 -4.39 0.34
CA ARG A 3 8.62 -5.06 -0.53
C ARG A 3 7.25 -4.40 -0.44
N ARG A 4 6.93 -3.82 0.71
CA ARG A 4 5.64 -3.15 0.88
C ARG A 4 5.71 -1.72 0.38
N ILE A 5 6.93 -1.16 0.36
CA ILE A 5 7.12 0.20 -0.11
C ILE A 5 6.32 1.19 0.73
N GLY A 6 6.89 1.60 1.86
CA GLY A 6 6.22 2.53 2.74
C GLY A 6 4.81 2.11 3.06
N LYS A 7 4.64 0.83 3.42
CA LYS A 7 3.33 0.30 3.77
C LYS A 7 2.30 0.70 2.70
N GLY A 8 1.17 1.25 3.13
CA GLY A 8 0.12 1.66 2.21
C GLY A 8 -1.20 1.89 2.91
N VAL A 9 -2.29 1.82 2.15
CA VAL A 9 -3.62 2.01 2.72
C VAL A 9 -4.07 0.77 3.48
N LYS A 10 -3.12 -0.11 3.79
CA LYS A 10 -3.41 -1.33 4.54
C LYS A 10 -4.15 -2.37 3.67
N ILE A 11 -4.79 -1.92 2.61
CA ILE A 11 -5.58 -2.82 1.73
C ILE A 11 -4.95 -2.97 0.35
N ILE A 12 -4.55 -1.85 -0.25
CA ILE A 12 -3.96 -1.87 -1.60
C ILE A 12 -2.45 -1.89 -1.51
N GLY A 13 -1.80 -0.72 -1.66
CA GLY A 13 -0.36 -0.65 -1.50
C GLY A 13 0.00 -1.20 -0.15
N GLY A 14 -1.05 -1.46 0.61
CA GLY A 14 -0.95 -2.04 1.94
C GLY A 14 -0.87 -3.54 1.85
N ALA A 15 -1.77 -4.14 1.04
CA ALA A 15 -1.74 -5.59 0.86
C ALA A 15 -0.74 -5.91 -0.23
N ALA A 16 0.26 -5.02 -0.35
CA ALA A 16 1.30 -5.15 -1.37
C ALA A 16 0.74 -4.76 -2.73
N LEU A 17 -0.06 -3.69 -2.78
CA LEU A 17 -0.64 -3.26 -4.05
C LEU A 17 -1.66 -4.29 -4.53
N ASP A 18 -2.41 -4.86 -3.58
CA ASP A 18 -3.41 -5.87 -3.91
C ASP A 18 -2.79 -7.02 -4.69
N HIS A 19 -2.64 -6.83 -6.01
CA HIS A 19 -2.06 -7.86 -6.86
C HIS A 19 -1.52 -7.24 -8.15
N LEU A 20 -0.60 -6.30 -8.01
CA LEU A 20 -0.01 -5.63 -9.16
C LEU A 20 -1.10 -5.03 -10.05
N TRP A 1 -3.63 16.23 -5.97
CA TRP A 1 -4.61 15.25 -5.51
C TRP A 1 -3.92 14.11 -4.77
N LEU A 2 -3.08 14.46 -3.81
CA LEU A 2 -2.36 13.45 -3.03
C LEU A 2 -1.64 12.47 -3.96
N ARG A 3 -2.33 11.39 -4.30
CA ARG A 3 -1.78 10.37 -5.19
C ARG A 3 -2.90 9.49 -5.69
N ARG A 4 -4.01 9.53 -4.96
CA ARG A 4 -5.18 8.75 -5.30
C ARG A 4 -6.34 9.15 -4.39
N ILE A 5 -6.11 10.19 -3.58
CA ILE A 5 -7.14 10.65 -2.67
C ILE A 5 -7.58 9.54 -1.73
N GLY A 6 -6.82 9.33 -0.65
CA GLY A 6 -7.13 8.29 0.30
C GLY A 6 -6.73 6.93 -0.21
N LYS A 7 -5.43 6.73 -0.40
CA LYS A 7 -4.92 5.46 -0.90
C LYS A 7 -5.19 4.33 0.10
N GLY A 8 -5.03 4.63 1.39
CA GLY A 8 -5.26 3.64 2.42
C GLY A 8 -4.62 2.30 2.09
N VAL A 9 -3.28 2.28 2.10
CA VAL A 9 -2.55 1.05 1.79
C VAL A 9 -2.59 0.09 2.97
N LYS A 10 -3.68 0.11 3.73
CA LYS A 10 -3.84 -0.75 4.88
C LYS A 10 -4.33 -2.14 4.44
N ILE A 11 -4.74 -2.23 3.18
CA ILE A 11 -5.25 -3.49 2.62
C ILE A 11 -4.72 -3.68 1.20
N ILE A 12 -4.68 -2.59 0.45
CA ILE A 12 -4.19 -2.63 -0.93
C ILE A 12 -2.68 -2.74 -0.92
N GLY A 13 -2.00 -1.58 -0.91
CA GLY A 13 -0.55 -1.59 -0.79
C GLY A 13 -0.20 -2.25 0.52
N GLY A 14 -1.28 -2.55 1.26
CA GLY A 14 -1.19 -3.22 2.53
C GLY A 14 -1.08 -4.72 2.32
N ALA A 15 -1.91 -5.26 1.42
CA ALA A 15 -1.84 -6.69 1.12
C ALA A 15 -0.84 -6.86 0.00
N ALA A 16 0.15 -5.97 -0.02
CA ALA A 16 1.18 -5.97 -1.03
C ALA A 16 0.59 -5.48 -2.35
N LEU A 17 -0.25 -4.46 -2.29
CA LEU A 17 -0.88 -3.93 -3.51
C LEU A 17 -1.75 -5.00 -4.16
N ASP A 18 -2.15 -5.99 -3.37
CA ASP A 18 -2.99 -7.07 -3.85
C ASP A 18 -2.31 -7.81 -5.03
N HIS A 19 -2.35 -7.20 -6.20
CA HIS A 19 -1.73 -7.81 -7.38
C HIS A 19 -0.30 -8.27 -7.06
N LEU A 20 0.55 -7.32 -6.69
CA LEU A 20 1.94 -7.63 -6.37
C LEU A 20 2.01 -8.36 -5.03
N TRP A 1 15.69 2.58 1.62
CA TRP A 1 14.45 3.12 1.08
C TRP A 1 13.46 2.01 0.77
N LEU A 2 12.21 2.19 1.21
CA LEU A 2 11.19 1.18 0.97
C LEU A 2 10.76 1.18 -0.49
N ARG A 3 11.27 2.15 -1.25
CA ARG A 3 10.95 2.26 -2.68
C ARG A 3 9.55 2.85 -2.87
N ARG A 4 8.58 2.30 -2.13
CA ARG A 4 7.20 2.77 -2.22
C ARG A 4 7.03 4.07 -1.45
N ILE A 5 8.05 4.44 -0.67
CA ILE A 5 8.01 5.66 0.11
C ILE A 5 6.87 5.60 1.14
N GLY A 6 5.64 5.80 0.67
CA GLY A 6 4.48 5.77 1.56
C GLY A 6 4.14 4.36 1.98
N LYS A 7 5.02 3.41 1.65
CA LYS A 7 4.80 2.01 2.00
C LYS A 7 3.50 1.50 1.38
N GLY A 8 2.37 1.85 1.98
CA GLY A 8 1.09 1.41 1.48
C GLY A 8 -0.06 1.86 2.36
N VAL A 9 -1.28 1.76 1.84
CA VAL A 9 -2.46 2.16 2.60
C VAL A 9 -2.60 1.32 3.87
N LYS A 10 -3.21 0.14 3.74
CA LYS A 10 -3.39 -0.74 4.89
C LYS A 10 -3.91 -2.10 4.45
N ILE A 11 -4.61 -2.13 3.31
CA ILE A 11 -5.17 -3.38 2.78
C ILE A 11 -4.88 -3.48 1.28
N ILE A 12 -5.23 -2.43 0.55
CA ILE A 12 -5.00 -2.40 -0.89
C ILE A 12 -3.52 -2.13 -1.17
N GLY A 13 -3.16 -0.85 -1.43
CA GLY A 13 -1.77 -0.50 -1.62
C GLY A 13 -0.98 -1.02 -0.46
N GLY A 14 -1.73 -1.46 0.54
CA GLY A 14 -1.19 -2.05 1.74
C GLY A 14 -0.79 -3.48 1.49
N ALA A 15 -1.70 -4.26 0.88
CA ALA A 15 -1.36 -5.66 0.55
C ALA A 15 -0.67 -5.67 -0.80
N ALA A 16 -0.03 -4.55 -1.11
CA ALA A 16 0.67 -4.38 -2.37
C ALA A 16 -0.32 -4.07 -3.49
N LEU A 17 -1.32 -3.24 -3.17
CA LEU A 17 -2.32 -2.89 -4.18
C LEU A 17 -3.08 -4.14 -4.63
N ASP A 18 -3.43 -4.99 -3.67
CA ASP A 18 -4.15 -6.21 -3.97
C ASP A 18 -3.44 -6.99 -5.08
N HIS A 19 -2.11 -6.92 -5.09
CA HIS A 19 -1.33 -7.63 -6.09
C HIS A 19 -1.80 -7.25 -7.49
N LEU A 20 -1.67 -5.97 -7.83
CA LEU A 20 -2.08 -5.48 -9.14
C LEU A 20 -1.49 -4.09 -9.40
N TRP A 1 2.58 6.61 8.89
CA TRP A 1 3.44 7.03 7.79
C TRP A 1 3.11 8.47 7.39
N LEU A 2 4.05 9.11 6.70
CA LEU A 2 3.85 10.49 6.25
C LEU A 2 2.73 10.57 5.22
N ARG A 3 2.28 9.40 4.77
CA ARG A 3 1.22 9.31 3.76
C ARG A 3 1.71 9.80 2.40
N ARG A 4 2.66 10.74 2.41
CA ARG A 4 3.21 11.27 1.18
C ARG A 4 4.22 10.29 0.59
N ILE A 5 4.80 9.47 1.47
CA ILE A 5 5.80 8.47 1.06
C ILE A 5 5.66 7.22 1.92
N GLY A 6 4.54 6.51 1.78
CA GLY A 6 4.31 5.31 2.55
C GLY A 6 2.96 4.68 2.24
N LYS A 7 1.99 5.53 1.92
CA LYS A 7 0.65 5.04 1.61
C LYS A 7 0.14 4.14 2.73
N GLY A 8 0.38 2.84 2.59
CA GLY A 8 -0.05 1.88 3.60
C GLY A 8 -1.55 1.88 3.76
N VAL A 9 -2.27 1.51 2.69
CA VAL A 9 -3.72 1.47 2.74
C VAL A 9 -4.18 0.29 3.61
N LYS A 10 -3.20 -0.48 4.08
CA LYS A 10 -3.48 -1.65 4.93
C LYS A 10 -4.22 -2.76 4.16
N ILE A 11 -4.85 -2.39 3.04
CA ILE A 11 -5.63 -3.35 2.24
C ILE A 11 -5.04 -3.48 0.83
N ILE A 12 -4.69 -2.34 0.23
CA ILE A 12 -4.14 -2.33 -1.14
C ILE A 12 -2.64 -2.23 -1.09
N GLY A 13 -2.09 -1.03 -1.24
CA GLY A 13 -0.65 -0.84 -1.14
C GLY A 13 -0.19 -1.40 0.18
N GLY A 14 -1.19 -1.74 0.99
CA GLY A 14 -0.99 -2.33 2.29
C GLY A 14 -0.83 -3.83 2.16
N ALA A 15 -1.74 -4.46 1.40
CA ALA A 15 -1.64 -5.90 1.18
C ALA A 15 -0.73 -6.13 -0.02
N ALA A 16 0.17 -5.17 -0.23
CA ALA A 16 1.11 -5.21 -1.34
C ALA A 16 0.39 -4.82 -2.63
N LEU A 17 -0.35 -3.71 -2.59
CA LEU A 17 -1.09 -3.26 -3.77
C LEU A 17 -2.09 -4.32 -4.20
N ASP A 18 -2.36 -5.28 -3.31
CA ASP A 18 -3.31 -6.34 -3.59
C ASP A 18 -2.87 -7.13 -4.83
N HIS A 19 -3.12 -6.56 -6.01
CA HIS A 19 -2.75 -7.22 -7.26
C HIS A 19 -2.79 -6.23 -8.42
N LEU A 20 -2.19 -5.05 -8.21
CA LEU A 20 -2.18 -4.03 -9.25
C LEU A 20 -1.19 -2.92 -8.88
N TRP A 1 8.94 11.28 -3.57
CA TRP A 1 8.84 10.49 -2.35
C TRP A 1 7.66 10.94 -1.50
N LEU A 2 6.61 10.13 -1.47
CA LEU A 2 5.42 10.46 -0.69
C LEU A 2 5.73 10.33 0.80
N ARG A 3 5.51 9.13 1.34
CA ARG A 3 5.77 8.85 2.75
C ARG A 3 6.50 7.54 2.90
N ARG A 4 6.37 6.69 1.87
CA ARG A 4 7.03 5.38 1.86
C ARG A 4 7.42 5.01 0.43
N ILE A 5 7.36 6.00 -0.47
CA ILE A 5 7.70 5.76 -1.87
C ILE A 5 6.76 4.73 -2.50
N GLY A 6 6.97 3.46 -2.18
CA GLY A 6 6.13 2.40 -2.71
C GLY A 6 4.76 2.40 -2.07
N LYS A 7 4.41 3.49 -1.39
CA LYS A 7 3.12 3.61 -0.73
C LYS A 7 2.90 2.44 0.22
N GLY A 8 1.72 2.41 0.84
CA GLY A 8 1.38 1.35 1.77
C GLY A 8 0.15 1.68 2.58
N VAL A 9 -1.02 1.50 1.98
CA VAL A 9 -2.27 1.80 2.67
C VAL A 9 -2.43 0.94 3.92
N LYS A 10 -3.05 -0.23 3.77
CA LYS A 10 -3.25 -1.14 4.89
C LYS A 10 -3.80 -2.48 4.42
N ILE A 11 -4.52 -2.45 3.29
CA ILE A 11 -5.11 -3.66 2.72
C ILE A 11 -4.91 -3.68 1.20
N ILE A 12 -5.17 -2.55 0.56
CA ILE A 12 -5.01 -2.44 -0.89
C ILE A 12 -3.56 -2.13 -1.21
N GLY A 13 -3.22 -0.84 -1.34
CA GLY A 13 -1.84 -0.46 -1.56
C GLY A 13 -1.02 -1.01 -0.43
N GLY A 14 -1.76 -1.53 0.54
CA GLY A 14 -1.19 -2.15 1.72
C GLY A 14 -0.77 -3.57 1.41
N ALA A 15 -1.68 -4.33 0.77
CA ALA A 15 -1.33 -5.71 0.39
C ALA A 15 -0.64 -5.66 -0.97
N ALA A 16 0.00 -4.51 -1.22
CA ALA A 16 0.70 -4.28 -2.48
C ALA A 16 -0.30 -3.97 -3.58
N LEU A 17 -1.31 -3.16 -3.25
CA LEU A 17 -2.33 -2.81 -4.24
C LEU A 17 -3.09 -4.06 -4.67
N ASP A 18 -3.54 -4.84 -3.69
CA ASP A 18 -4.27 -6.07 -3.98
C ASP A 18 -3.50 -6.93 -4.99
N HIS A 19 -2.18 -6.80 -4.97
CA HIS A 19 -1.35 -7.56 -5.88
C HIS A 19 -1.76 -7.30 -7.33
N LEU A 20 -1.52 -6.09 -7.81
CA LEU A 20 -1.88 -5.72 -9.17
C LEU A 20 -1.31 -6.74 -10.15
N TRP A 1 9.75 -2.98 11.33
CA TRP A 1 8.92 -1.95 10.73
C TRP A 1 9.54 -0.58 10.95
N LEU A 2 9.86 0.10 9.85
CA LEU A 2 10.47 1.43 9.93
C LEU A 2 9.48 2.41 10.55
N ARG A 3 8.53 2.86 9.74
CA ARG A 3 7.51 3.80 10.18
C ARG A 3 6.40 3.84 9.15
N ARG A 4 6.72 3.34 7.96
CA ARG A 4 5.76 3.29 6.86
C ARG A 4 6.10 2.08 5.97
N ILE A 5 7.14 1.35 6.35
CA ILE A 5 7.55 0.17 5.60
C ILE A 5 7.99 0.57 4.19
N GLY A 6 7.03 0.87 3.33
CA GLY A 6 7.32 1.26 1.96
C GLY A 6 6.19 2.07 1.36
N LYS A 7 5.49 2.82 2.21
CA LYS A 7 4.38 3.65 1.76
C LYS A 7 3.30 2.78 1.09
N GLY A 8 2.11 2.78 1.67
CA GLY A 8 1.02 2.00 1.12
C GLY A 8 -0.32 2.45 1.68
N VAL A 9 -1.07 1.50 2.25
CA VAL A 9 -2.39 1.80 2.83
C VAL A 9 -2.67 0.86 4.01
N LYS A 10 -3.25 -0.30 3.72
CA LYS A 10 -3.56 -1.27 4.76
C LYS A 10 -4.02 -2.59 4.14
N ILE A 11 -4.67 -2.51 2.98
CA ILE A 11 -5.17 -3.70 2.29
C ILE A 11 -4.73 -3.67 0.83
N ILE A 12 -4.95 -2.55 0.17
CA ILE A 12 -4.59 -2.39 -1.24
C ILE A 12 -3.09 -2.19 -1.36
N GLY A 13 -2.64 -0.93 -1.41
CA GLY A 13 -1.21 -0.64 -1.44
C GLY A 13 -0.57 -1.32 -0.26
N GLY A 14 -1.46 -1.81 0.60
CA GLY A 14 -1.07 -2.55 1.78
C GLY A 14 -0.72 -3.97 1.42
N ALA A 15 -1.59 -4.62 0.64
CA ALA A 15 -1.30 -5.99 0.20
C ALA A 15 -0.51 -5.92 -1.08
N ALA A 16 0.26 -4.83 -1.21
CA ALA A 16 1.07 -4.58 -2.39
C ALA A 16 0.18 -4.13 -3.54
N LEU A 17 -0.80 -3.26 -3.24
CA LEU A 17 -1.71 -2.78 -4.28
C LEU A 17 -2.63 -3.92 -4.73
N ASP A 18 -3.07 -4.74 -3.79
CA ASP A 18 -3.94 -5.86 -4.11
C ASP A 18 -3.40 -6.66 -5.28
N HIS A 19 -2.11 -7.01 -5.19
CA HIS A 19 -1.47 -7.77 -6.26
C HIS A 19 -1.68 -7.09 -7.61
N LEU A 20 -1.18 -5.87 -7.72
CA LEU A 20 -1.31 -5.12 -8.97
C LEU A 20 -2.78 -5.04 -9.38
N TRP A 1 5.36 10.91 -1.77
CA TRP A 1 4.29 11.45 -0.93
C TRP A 1 4.64 11.28 0.55
N LEU A 2 3.86 11.93 1.40
CA LEU A 2 4.08 11.84 2.84
C LEU A 2 3.64 10.48 3.36
N ARG A 3 3.00 9.69 2.49
CA ARG A 3 2.51 8.36 2.85
C ARG A 3 1.38 8.42 3.87
N ARG A 4 1.33 9.51 4.64
CA ARG A 4 0.29 9.67 5.66
C ARG A 4 -0.94 10.34 5.07
N ILE A 5 -0.71 11.32 4.19
CA ILE A 5 -1.80 12.05 3.56
C ILE A 5 -2.74 11.05 2.87
N GLY A 6 -2.17 10.00 2.30
CA GLY A 6 -2.97 8.99 1.61
C GLY A 6 -3.75 8.13 2.59
N LYS A 7 -3.04 7.43 3.46
CA LYS A 7 -3.67 6.57 4.45
C LYS A 7 -4.73 5.68 3.78
N GLY A 8 -4.27 4.57 3.20
CA GLY A 8 -5.19 3.65 2.54
C GLY A 8 -4.50 2.38 2.11
N VAL A 9 -3.17 2.41 2.10
CA VAL A 9 -2.38 1.24 1.70
C VAL A 9 -2.37 0.19 2.81
N LYS A 10 -3.33 0.29 3.73
CA LYS A 10 -3.42 -0.65 4.83
C LYS A 10 -3.93 -2.00 4.33
N ILE A 11 -4.61 -1.97 3.18
CA ILE A 11 -5.17 -3.19 2.57
C ILE A 11 -4.80 -3.27 1.10
N ILE A 12 -4.76 -2.12 0.45
CA ILE A 12 -4.42 -2.05 -0.96
C ILE A 12 -2.93 -2.24 -1.12
N GLY A 13 -2.17 -1.15 -1.05
CA GLY A 13 -0.73 -1.24 -1.08
C GLY A 13 -0.31 -2.08 0.11
N GLY A 14 -1.34 -2.40 0.91
CA GLY A 14 -1.17 -3.22 2.09
C GLY A 14 -1.17 -4.68 1.71
N ALA A 15 -2.12 -5.07 0.85
CA ALA A 15 -2.20 -6.45 0.37
C ALA A 15 -1.30 -6.58 -0.83
N ALA A 16 -0.27 -5.73 -0.86
CA ALA A 16 0.69 -5.69 -1.96
C ALA A 16 0.07 -4.98 -3.16
N LEU A 17 -0.72 -3.93 -2.89
CA LEU A 17 -1.35 -3.19 -3.98
C LEU A 17 -2.18 -4.14 -4.85
N ASP A 18 -2.92 -5.04 -4.20
CA ASP A 18 -3.74 -6.00 -4.93
C ASP A 18 -2.92 -6.72 -5.99
N HIS A 19 -1.69 -7.05 -5.66
CA HIS A 19 -0.82 -7.74 -6.60
C HIS A 19 -0.77 -7.01 -7.93
N LEU A 20 -0.61 -5.69 -7.86
CA LEU A 20 -0.55 -4.87 -9.07
C LEU A 20 -1.73 -5.19 -9.98
N TRP A 1 14.42 3.24 6.10
CA TRP A 1 13.10 2.79 6.51
C TRP A 1 12.06 3.14 5.45
N LEU A 2 11.78 2.18 4.58
CA LEU A 2 10.80 2.40 3.52
C LEU A 2 11.15 3.66 2.74
N ARG A 3 10.65 4.78 3.21
CA ARG A 3 10.89 6.08 2.58
C ARG A 3 10.30 7.17 3.45
N ARG A 4 9.32 6.78 4.25
CA ARG A 4 8.65 7.70 5.16
C ARG A 4 7.64 6.93 6.00
N ILE A 5 7.63 5.60 5.85
CA ILE A 5 6.71 4.77 6.61
C ILE A 5 5.28 5.29 6.49
N GLY A 6 4.66 5.05 5.34
CA GLY A 6 3.29 5.49 5.11
C GLY A 6 2.90 5.39 3.65
N LYS A 7 3.71 4.67 2.88
CA LYS A 7 3.43 4.50 1.45
C LYS A 7 2.15 3.69 1.25
N GLY A 8 2.20 2.42 1.62
CA GLY A 8 1.05 1.54 1.48
C GLY A 8 -0.08 1.95 2.40
N VAL A 9 -1.31 1.74 1.94
CA VAL A 9 -2.48 2.11 2.73
C VAL A 9 -2.63 1.17 3.93
N LYS A 10 -3.25 0.01 3.71
CA LYS A 10 -3.45 -0.96 4.78
C LYS A 10 -3.98 -2.28 4.24
N ILE A 11 -4.65 -2.22 3.09
CA ILE A 11 -5.22 -3.42 2.47
C ILE A 11 -4.88 -3.47 0.98
N ILE A 12 -5.12 -2.36 0.28
CA ILE A 12 -4.83 -2.29 -1.15
C ILE A 12 -3.35 -1.97 -1.35
N GLY A 13 -3.02 -0.69 -1.57
CA GLY A 13 -1.63 -0.29 -1.69
C GLY A 13 -0.88 -0.80 -0.48
N GLY A 14 -1.68 -1.30 0.46
CA GLY A 14 -1.20 -1.87 1.69
C GLY A 14 -0.74 -3.29 1.46
N ALA A 15 -1.60 -4.09 0.80
CA ALA A 15 -1.23 -5.47 0.48
C ALA A 15 -0.53 -5.46 -0.86
N ALA A 16 0.12 -4.33 -1.13
CA ALA A 16 0.83 -4.14 -2.38
C ALA A 16 -0.17 -3.94 -3.51
N LEU A 17 -1.15 -3.05 -3.30
CA LEU A 17 -2.18 -2.78 -4.29
C LEU A 17 -3.03 -4.03 -4.53
N ASP A 18 -3.19 -4.83 -3.48
CA ASP A 18 -3.98 -6.05 -3.58
C ASP A 18 -3.49 -6.92 -4.74
N HIS A 19 -2.18 -7.06 -4.85
CA HIS A 19 -1.60 -7.86 -5.92
C HIS A 19 -2.17 -7.45 -7.28
N LEU A 20 -1.88 -6.23 -7.69
CA LEU A 20 -2.39 -5.73 -8.97
C LEU A 20 -1.73 -6.47 -10.13
N TRP A 1 11.00 7.52 9.51
CA TRP A 1 10.12 7.05 8.46
C TRP A 1 10.72 5.85 7.74
N LEU A 2 9.88 4.85 7.47
CA LEU A 2 10.35 3.65 6.78
C LEU A 2 10.67 3.96 5.32
N ARG A 3 9.63 4.17 4.54
CA ARG A 3 9.78 4.48 3.12
C ARG A 3 8.47 5.07 2.62
N ARG A 4 7.44 4.88 3.42
CA ARG A 4 6.11 5.40 3.10
C ARG A 4 5.23 5.29 4.34
N ILE A 5 5.78 4.73 5.41
CA ILE A 5 5.04 4.57 6.66
C ILE A 5 3.79 3.71 6.44
N GLY A 6 3.62 2.71 7.30
CA GLY A 6 2.46 1.83 7.21
C GLY A 6 2.50 0.97 5.96
N LYS A 7 3.52 1.18 5.13
CA LYS A 7 3.66 0.41 3.90
C LYS A 7 2.40 0.52 3.06
N GLY A 8 2.30 1.58 2.26
CA GLY A 8 1.16 1.79 1.40
C GLY A 8 -0.07 2.21 2.20
N VAL A 9 -1.24 1.76 1.77
CA VAL A 9 -2.49 2.10 2.45
C VAL A 9 -2.65 1.27 3.73
N LYS A 10 -3.35 0.14 3.63
CA LYS A 10 -3.57 -0.72 4.80
C LYS A 10 -4.20 -2.04 4.39
N ILE A 11 -4.86 -2.05 3.23
CA ILE A 11 -5.54 -3.26 2.74
C ILE A 11 -5.16 -3.53 1.28
N ILE A 12 -5.18 -2.47 0.47
CA ILE A 12 -4.85 -2.59 -0.95
C ILE A 12 -3.37 -2.38 -1.14
N GLY A 13 -2.96 -1.14 -1.45
CA GLY A 13 -1.54 -0.86 -1.57
C GLY A 13 -0.88 -1.22 -0.26
N GLY A 14 -1.75 -1.53 0.69
CA GLY A 14 -1.36 -1.96 2.01
C GLY A 14 -1.00 -3.43 2.01
N ALA A 15 -1.87 -4.25 1.40
CA ALA A 15 -1.57 -5.68 1.31
C ALA A 15 -0.69 -5.90 0.09
N ALA A 16 0.10 -4.88 -0.22
CA ALA A 16 0.99 -4.90 -1.37
C ALA A 16 0.20 -4.71 -2.65
N LEU A 17 -0.82 -3.83 -2.61
CA LEU A 17 -1.62 -3.59 -3.81
C LEU A 17 -2.13 -4.92 -4.37
N ASP A 18 -2.48 -5.84 -3.49
CA ASP A 18 -2.98 -7.14 -3.91
C ASP A 18 -2.01 -7.80 -4.89
N HIS A 19 -2.15 -7.47 -6.17
CA HIS A 19 -1.27 -8.03 -7.20
C HIS A 19 0.19 -7.83 -6.83
N LEU A 20 0.62 -6.58 -6.79
CA LEU A 20 2.00 -6.27 -6.45
C LEU A 20 2.33 -6.80 -5.06
N TRP A 1 13.97 -0.03 -4.40
CA TRP A 1 13.05 1.09 -4.37
C TRP A 1 12.00 0.90 -3.27
N LEU A 2 11.30 1.97 -2.95
CA LEU A 2 10.27 1.92 -1.92
C LEU A 2 9.04 1.19 -2.45
N ARG A 3 9.09 0.86 -3.74
CA ARG A 3 7.99 0.14 -4.40
C ARG A 3 6.71 0.98 -4.36
N ARG A 4 6.06 1.02 -3.20
CA ARG A 4 4.83 1.79 -3.07
C ARG A 4 5.14 3.29 -3.14
N ILE A 5 6.38 3.64 -3.48
CA ILE A 5 6.76 5.04 -3.57
C ILE A 5 6.29 5.81 -2.34
N GLY A 6 6.50 5.21 -1.16
CA GLY A 6 6.10 5.84 0.09
C GLY A 6 4.60 6.08 0.14
N LYS A 7 3.83 5.00 0.24
CA LYS A 7 2.37 5.09 0.32
C LYS A 7 1.79 3.87 1.04
N GLY A 8 1.25 2.93 0.27
CA GLY A 8 0.67 1.74 0.86
C GLY A 8 -0.36 2.07 1.91
N VAL A 9 -1.63 1.93 1.56
CA VAL A 9 -2.72 2.23 2.49
C VAL A 9 -2.61 1.33 3.73
N LYS A 10 -3.19 0.13 3.65
CA LYS A 10 -3.17 -0.81 4.77
C LYS A 10 -3.71 -2.16 4.34
N ILE A 11 -4.57 -2.15 3.32
CA ILE A 11 -5.18 -3.38 2.80
C ILE A 11 -4.92 -3.51 1.30
N ILE A 12 -5.30 -2.49 0.56
CA ILE A 12 -5.12 -2.49 -0.89
C ILE A 12 -3.66 -2.23 -1.22
N GLY A 13 -3.31 -0.97 -1.55
CA GLY A 13 -1.92 -0.62 -1.81
C GLY A 13 -1.07 -1.11 -0.66
N GLY A 14 -1.80 -1.50 0.38
CA GLY A 14 -1.21 -2.04 1.58
C GLY A 14 -0.82 -3.48 1.37
N ALA A 15 -1.74 -4.29 0.82
CA ALA A 15 -1.42 -5.69 0.53
C ALA A 15 -0.77 -5.74 -0.84
N ALA A 16 -0.11 -4.64 -1.19
CA ALA A 16 0.56 -4.50 -2.48
C ALA A 16 -0.47 -4.24 -3.57
N LEU A 17 -1.48 -3.42 -3.27
CA LEU A 17 -2.50 -3.12 -4.25
C LEU A 17 -3.17 -4.42 -4.73
N ASP A 18 -3.56 -5.26 -3.77
CA ASP A 18 -4.20 -6.52 -4.10
C ASP A 18 -3.31 -7.31 -5.05
N HIS A 19 -2.02 -7.01 -5.05
CA HIS A 19 -1.07 -7.70 -5.92
C HIS A 19 -1.49 -7.59 -7.38
N LEU A 20 -1.53 -6.36 -7.89
CA LEU A 20 -1.93 -6.13 -9.28
C LEU A 20 -1.12 -7.02 -10.21
N TRP A 1 -3.83 12.80 9.42
CA TRP A 1 -2.53 12.85 8.75
C TRP A 1 -1.45 12.22 9.63
N LEU A 2 -0.93 11.08 9.18
CA LEU A 2 0.11 10.38 9.92
C LEU A 2 1.46 11.07 9.74
N ARG A 3 2.04 10.91 8.55
CA ARG A 3 3.33 11.50 8.23
C ARG A 3 3.37 11.87 6.75
N ARG A 4 2.37 11.39 6.03
CA ARG A 4 2.27 11.66 4.60
C ARG A 4 0.87 11.28 4.11
N ILE A 5 -0.02 11.00 5.06
CA ILE A 5 -1.40 10.63 4.74
C ILE A 5 -1.42 9.32 3.96
N GLY A 6 -1.07 9.38 2.67
CA GLY A 6 -1.05 8.20 1.83
C GLY A 6 0.16 7.32 2.10
N LYS A 7 0.53 7.22 3.38
CA LYS A 7 1.69 6.40 3.76
C LYS A 7 1.48 4.96 3.30
N GLY A 8 0.28 4.44 3.52
CA GLY A 8 -0.02 3.08 3.13
C GLY A 8 -1.52 2.80 3.18
N VAL A 9 -2.06 2.28 2.08
CA VAL A 9 -3.48 1.98 2.01
C VAL A 9 -3.87 0.95 3.08
N LYS A 10 -2.86 0.24 3.59
CA LYS A 10 -3.08 -0.79 4.62
C LYS A 10 -3.88 -1.97 4.08
N ILE A 11 -4.51 -1.80 2.92
CA ILE A 11 -5.32 -2.87 2.30
C ILE A 11 -4.81 -3.20 0.90
N ILE A 12 -4.54 -2.17 0.10
CA ILE A 12 -4.06 -2.36 -1.27
C ILE A 12 -2.55 -2.30 -1.31
N GLY A 13 -1.99 -1.13 -1.65
CA GLY A 13 -0.54 -0.97 -1.63
C GLY A 13 -0.04 -1.33 -0.26
N GLY A 14 -1.03 -1.52 0.62
CA GLY A 14 -0.79 -1.91 1.99
C GLY A 14 -0.62 -3.42 2.08
N ALA A 15 -1.54 -4.16 1.44
CA ALA A 15 -1.43 -5.62 1.43
C ALA A 15 -0.53 -6.02 0.28
N ALA A 16 0.39 -5.11 -0.05
CA ALA A 16 1.32 -5.32 -1.15
C ALA A 16 0.62 -5.10 -2.49
N LEU A 17 -0.22 -4.06 -2.56
CA LEU A 17 -0.94 -3.78 -3.80
C LEU A 17 -1.86 -4.95 -4.16
N ASP A 18 -2.36 -5.65 -3.15
CA ASP A 18 -3.25 -6.78 -3.36
C ASP A 18 -2.62 -7.81 -4.30
N HIS A 19 -2.71 -7.55 -5.61
CA HIS A 19 -2.15 -8.46 -6.60
C HIS A 19 -0.72 -8.84 -6.23
N LEU A 20 0.18 -7.87 -6.23
CA LEU A 20 1.57 -8.12 -5.90
C LEU A 20 1.73 -8.34 -4.39
N TRP A 1 12.81 6.14 0.54
CA TRP A 1 12.26 5.68 1.82
C TRP A 1 11.53 4.36 1.65
N LEU A 2 11.43 3.61 2.74
CA LEU A 2 10.73 2.33 2.73
C LEU A 2 9.89 2.20 3.99
N ARG A 3 9.99 3.18 4.87
CA ARG A 3 9.20 3.15 6.11
C ARG A 3 7.76 2.77 5.79
N ARG A 4 7.40 2.90 4.51
CA ARG A 4 6.08 2.57 4.01
C ARG A 4 6.21 1.69 2.76
N ILE A 5 7.44 1.48 2.28
CA ILE A 5 7.65 0.66 1.10
C ILE A 5 6.87 1.23 -0.09
N GLY A 6 7.21 2.45 -0.48
CA GLY A 6 6.53 3.09 -1.59
C GLY A 6 5.08 3.39 -1.27
N LYS A 7 4.86 4.04 -0.12
CA LYS A 7 3.51 4.38 0.30
C LYS A 7 2.64 3.13 0.41
N GLY A 8 1.57 3.21 1.18
CA GLY A 8 0.69 2.08 1.36
C GLY A 8 -0.52 2.44 2.21
N VAL A 9 -1.71 2.12 1.71
CA VAL A 9 -2.94 2.41 2.43
C VAL A 9 -3.00 1.59 3.72
N LYS A 10 -3.54 0.37 3.62
CA LYS A 10 -3.66 -0.49 4.79
C LYS A 10 -4.12 -1.89 4.36
N ILE A 11 -4.79 -1.96 3.22
CA ILE A 11 -5.30 -3.24 2.69
C ILE A 11 -4.79 -3.48 1.27
N ILE A 12 -4.99 -2.49 0.41
CA ILE A 12 -4.56 -2.60 -0.98
C ILE A 12 -3.04 -2.44 -1.06
N GLY A 13 -2.55 -1.23 -1.38
CA GLY A 13 -1.13 -0.98 -1.41
C GLY A 13 -0.55 -1.43 -0.09
N GLY A 14 -1.46 -1.74 0.82
CA GLY A 14 -1.13 -2.23 2.13
C GLY A 14 -0.80 -3.71 2.06
N ALA A 15 -1.65 -4.48 1.37
CA ALA A 15 -1.39 -5.91 1.21
C ALA A 15 -0.50 -6.09 -0.01
N ALA A 16 0.28 -5.04 -0.29
CA ALA A 16 1.18 -5.03 -1.43
C ALA A 16 0.39 -4.76 -2.71
N LEU A 17 -0.61 -3.88 -2.62
CA LEU A 17 -1.42 -3.56 -3.79
C LEU A 17 -2.01 -4.84 -4.39
N ASP A 18 -2.57 -5.68 -3.52
CA ASP A 18 -3.16 -6.94 -3.97
C ASP A 18 -2.15 -7.77 -4.75
N HIS A 19 -1.99 -7.45 -6.03
CA HIS A 19 -1.05 -8.18 -6.88
C HIS A 19 -0.63 -7.31 -8.07
N LEU A 20 -0.32 -6.06 -7.79
CA LEU A 20 0.09 -5.13 -8.84
C LEU A 20 -0.95 -5.09 -9.96
N TRP A 1 9.97 -3.01 -7.48
CA TRP A 1 9.64 -2.43 -6.19
C TRP A 1 9.27 -0.96 -6.35
N LEU A 2 8.46 -0.46 -5.42
CA LEU A 2 8.05 0.94 -5.45
C LEU A 2 9.21 1.85 -5.08
N ARG A 3 10.32 1.25 -4.66
CA ARG A 3 11.53 1.97 -4.26
C ARG A 3 11.31 2.73 -2.95
N ARG A 4 10.08 3.19 -2.70
CA ARG A 4 9.77 3.93 -1.49
C ARG A 4 9.58 2.96 -0.33
N ILE A 5 9.09 1.76 -0.64
CA ILE A 5 8.86 0.75 0.38
C ILE A 5 8.03 1.33 1.53
N GLY A 6 6.82 1.77 1.21
CA GLY A 6 5.94 2.34 2.21
C GLY A 6 4.66 2.87 1.61
N LYS A 7 4.76 3.46 0.42
CA LYS A 7 3.59 4.00 -0.26
C LYS A 7 2.48 2.96 -0.32
N GLY A 8 1.48 3.11 0.54
CA GLY A 8 0.36 2.17 0.55
C GLY A 8 -0.77 2.65 1.44
N VAL A 9 -1.55 1.70 1.96
CA VAL A 9 -2.68 2.02 2.84
C VAL A 9 -2.80 0.98 3.95
N LYS A 10 -3.49 -0.12 3.67
CA LYS A 10 -3.65 -1.18 4.66
C LYS A 10 -4.26 -2.44 4.04
N ILE A 11 -4.96 -2.27 2.91
CA ILE A 11 -5.61 -3.39 2.22
C ILE A 11 -5.02 -3.63 0.84
N ILE A 12 -4.86 -2.56 0.07
CA ILE A 12 -4.33 -2.66 -1.29
C ILE A 12 -2.84 -2.39 -1.28
N GLY A 13 -2.43 -1.15 -1.61
CA GLY A 13 -1.02 -0.79 -1.55
C GLY A 13 -0.49 -1.15 -0.19
N GLY A 14 -1.44 -1.47 0.68
CA GLY A 14 -1.15 -1.89 2.02
C GLY A 14 -0.80 -3.36 2.04
N ALA A 15 -1.63 -4.19 1.40
CA ALA A 15 -1.33 -5.62 1.33
C ALA A 15 -0.39 -5.85 0.15
N ALA A 16 0.36 -4.80 -0.17
CA ALA A 16 1.31 -4.83 -1.28
C ALA A 16 0.56 -4.66 -2.60
N LEU A 17 -0.37 -3.72 -2.64
CA LEU A 17 -1.14 -3.48 -3.87
C LEU A 17 -1.96 -4.73 -4.22
N ASP A 18 -2.39 -5.45 -3.20
CA ASP A 18 -3.18 -6.67 -3.40
C ASP A 18 -2.44 -7.65 -4.31
N HIS A 19 -2.50 -7.42 -5.61
CA HIS A 19 -1.83 -8.30 -6.56
C HIS A 19 -0.35 -8.44 -6.22
N LEU A 20 0.38 -7.33 -6.26
CA LEU A 20 1.80 -7.34 -5.93
C LEU A 20 2.32 -5.92 -5.71
N TRP A 1 5.20 2.99 9.56
CA TRP A 1 6.20 3.28 8.53
C TRP A 1 6.07 4.71 8.05
N LEU A 2 6.87 5.06 7.03
CA LEU A 2 6.85 6.41 6.47
C LEU A 2 5.72 6.54 5.46
N ARG A 3 5.04 5.43 5.18
CA ARG A 3 3.93 5.39 4.21
C ARG A 3 4.40 5.76 2.81
N ARG A 4 5.57 6.40 2.69
CA ARG A 4 6.11 6.79 1.39
C ARG A 4 7.20 5.81 0.95
N ILE A 5 7.60 4.94 1.86
CA ILE A 5 8.64 3.96 1.56
C ILE A 5 8.29 3.18 0.29
N GLY A 6 7.00 3.08 -0.01
CA GLY A 6 6.55 2.38 -1.20
C GLY A 6 5.06 2.50 -1.41
N LYS A 7 4.46 3.49 -0.77
CA LYS A 7 3.01 3.71 -0.89
C LYS A 7 2.24 2.46 -0.50
N GLY A 8 1.48 2.56 0.60
CA GLY A 8 0.69 1.43 1.06
C GLY A 8 -0.42 1.88 2.00
N VAL A 9 -1.66 1.80 1.51
CA VAL A 9 -2.81 2.19 2.32
C VAL A 9 -2.88 1.37 3.60
N LYS A 10 -3.41 0.15 3.48
CA LYS A 10 -3.54 -0.73 4.64
C LYS A 10 -3.98 -2.13 4.20
N ILE A 11 -4.71 -2.19 3.09
CA ILE A 11 -5.20 -3.47 2.55
C ILE A 11 -4.90 -3.56 1.05
N ILE A 12 -5.16 -2.47 0.35
CA ILE A 12 -4.92 -2.42 -1.09
C ILE A 12 -3.43 -2.29 -1.35
N GLY A 13 -2.94 -1.04 -1.46
CA GLY A 13 -1.52 -0.82 -1.62
C GLY A 13 -0.82 -1.43 -0.43
N GLY A 14 -1.67 -1.88 0.50
CA GLY A 14 -1.23 -2.54 1.70
C GLY A 14 -0.94 -4.00 1.41
N ALA A 15 -1.85 -4.66 0.69
CA ALA A 15 -1.63 -6.06 0.31
C ALA A 15 -0.83 -6.08 -0.97
N ALA A 16 -0.01 -5.04 -1.12
CA ALA A 16 0.82 -4.88 -2.31
C ALA A 16 -0.05 -4.45 -3.49
N LEU A 17 -1.05 -3.59 -3.21
CA LEU A 17 -1.93 -3.13 -4.28
C LEU A 17 -2.58 -4.33 -4.97
N ASP A 18 -3.08 -5.27 -4.16
CA ASP A 18 -3.73 -6.46 -4.70
C ASP A 18 -2.89 -7.09 -5.80
N HIS A 19 -1.58 -7.20 -5.55
CA HIS A 19 -0.67 -7.78 -6.53
C HIS A 19 -0.79 -7.07 -7.87
N LEU A 20 -0.80 -5.73 -7.82
CA LEU A 20 -0.91 -4.94 -9.04
C LEU A 20 -2.17 -5.34 -9.82
N TRP A 1 6.42 9.66 9.05
CA TRP A 1 6.77 9.52 7.63
C TRP A 1 7.09 8.07 7.30
N LEU A 2 6.39 7.53 6.30
CA LEU A 2 6.61 6.15 5.89
C LEU A 2 7.95 6.02 5.19
N ARG A 3 8.03 6.59 4.00
CA ARG A 3 9.25 6.55 3.20
C ARG A 3 9.12 7.55 2.06
N ARG A 4 7.90 8.02 1.88
CA ARG A 4 7.58 8.99 0.83
C ARG A 4 6.14 9.43 0.97
N ILE A 5 5.49 9.02 2.06
CA ILE A 5 4.10 9.38 2.30
C ILE A 5 3.23 8.88 1.16
N GLY A 6 3.20 7.56 0.98
CA GLY A 6 2.42 6.95 -0.08
C GLY A 6 2.75 5.48 -0.25
N LYS A 7 3.35 4.89 0.78
CA LYS A 7 3.72 3.49 0.74
C LYS A 7 2.51 2.63 0.38
N GLY A 8 1.51 2.64 1.26
CA GLY A 8 0.31 1.85 1.03
C GLY A 8 -0.82 2.25 1.98
N VAL A 9 -2.05 2.00 1.56
CA VAL A 9 -3.21 2.34 2.38
C VAL A 9 -3.27 1.44 3.62
N LYS A 10 -3.85 0.26 3.46
CA LYS A 10 -3.96 -0.67 4.58
C LYS A 10 -4.45 -2.04 4.10
N ILE A 11 -5.01 -2.06 2.88
CA ILE A 11 -5.54 -3.29 2.29
C ILE A 11 -4.91 -3.56 0.93
N ILE A 12 -4.91 -2.54 0.07
CA ILE A 12 -4.35 -2.66 -1.27
C ILE A 12 -2.85 -2.47 -1.22
N GLY A 13 -2.37 -1.24 -1.48
CA GLY A 13 -0.95 -0.95 -1.38
C GLY A 13 -0.48 -1.36 -0.01
N GLY A 14 -1.48 -1.68 0.81
CA GLY A 14 -1.28 -2.15 2.16
C GLY A 14 -0.93 -3.62 2.16
N ALA A 15 -1.72 -4.43 1.43
CA ALA A 15 -1.42 -5.86 1.34
C ALA A 15 -0.45 -6.06 0.19
N ALA A 16 0.34 -5.02 -0.06
CA ALA A 16 1.31 -5.02 -1.15
C ALA A 16 0.60 -4.82 -2.48
N LEU A 17 -0.34 -3.88 -2.52
CA LEU A 17 -1.08 -3.61 -3.76
C LEU A 17 -1.91 -4.83 -4.16
N ASP A 18 -2.26 -5.65 -3.18
CA ASP A 18 -3.05 -6.85 -3.43
C ASP A 18 -2.36 -7.75 -4.44
N HIS A 19 -2.49 -7.41 -5.72
CA HIS A 19 -1.87 -8.20 -6.78
C HIS A 19 -0.40 -8.48 -6.47
N LEU A 20 0.42 -7.43 -6.46
CA LEU A 20 1.83 -7.58 -6.17
C LEU A 20 2.06 -7.78 -4.66
N TRP A 1 -4.37 6.43 -8.79
CA TRP A 1 -3.05 6.98 -8.55
C TRP A 1 -2.71 6.93 -7.06
N LEU A 2 -2.81 5.73 -6.47
CA LEU A 2 -2.51 5.55 -5.05
C LEU A 2 -3.47 6.36 -4.18
N ARG A 3 -4.31 7.17 -4.83
CA ARG A 3 -5.28 8.01 -4.12
C ARG A 3 -4.57 8.95 -3.15
N ARG A 4 -4.14 8.42 -2.02
CA ARG A 4 -3.45 9.24 -1.03
C ARG A 4 -2.04 9.60 -1.49
N ILE A 5 -1.78 9.42 -2.78
CA ILE A 5 -0.47 9.74 -3.34
C ILE A 5 0.65 9.17 -2.46
N GLY A 6 0.67 7.84 -2.33
CA GLY A 6 1.68 7.17 -1.51
C GLY A 6 1.80 5.71 -1.87
N LYS A 7 0.72 4.97 -1.72
CA LYS A 7 0.73 3.54 -2.04
C LYS A 7 -0.69 2.98 -2.07
N GLY A 8 -1.54 3.47 -1.18
CA GLY A 8 -2.93 3.01 -1.13
C GLY A 8 -3.61 3.43 0.16
N VAL A 9 -4.64 2.68 0.54
CA VAL A 9 -5.39 2.96 1.76
C VAL A 9 -4.62 2.49 2.98
N LYS A 10 -4.40 1.17 3.06
CA LYS A 10 -3.68 0.59 4.18
C LYS A 10 -3.37 -0.87 3.91
N ILE A 11 -4.40 -1.68 3.74
CA ILE A 11 -4.22 -3.11 3.48
C ILE A 11 -3.91 -3.35 2.01
N ILE A 12 -3.78 -2.27 1.27
CA ILE A 12 -3.48 -2.37 -0.16
C ILE A 12 -2.05 -2.85 -0.31
N GLY A 13 -1.10 -1.90 -0.36
CA GLY A 13 0.29 -2.26 -0.39
C GLY A 13 0.60 -3.05 0.85
N GLY A 14 -0.43 -3.16 1.69
CA GLY A 14 -0.35 -3.90 2.94
C GLY A 14 -0.66 -5.35 2.69
N ALA A 15 -1.63 -5.61 1.80
CA ALA A 15 -1.99 -6.98 1.45
C ALA A 15 -1.22 -7.35 0.20
N ALA A 16 -0.07 -6.69 0.04
CA ALA A 16 0.79 -6.88 -1.11
C ALA A 16 0.23 -6.14 -2.33
N LEU A 17 -0.33 -4.95 -2.08
CA LEU A 17 -0.89 -4.17 -3.18
C LEU A 17 -2.03 -4.92 -3.85
N ASP A 18 -2.48 -6.00 -3.21
CA ASP A 18 -3.56 -6.81 -3.76
C ASP A 18 -3.17 -7.37 -5.13
N HIS A 19 -3.24 -6.52 -6.15
CA HIS A 19 -2.88 -6.95 -7.50
C HIS A 19 -1.48 -7.53 -7.54
N LEU A 20 -0.48 -6.68 -7.36
CA LEU A 20 0.92 -7.13 -7.37
C LEU A 20 1.36 -7.52 -5.96
N TRP A 1 11.94 6.28 10.75
CA TRP A 1 11.02 5.54 9.89
C TRP A 1 10.40 6.47 8.85
N LEU A 2 9.91 5.88 7.77
CA LEU A 2 9.29 6.67 6.70
C LEU A 2 7.91 7.17 7.14
N ARG A 3 7.39 6.57 8.20
CA ARG A 3 6.07 6.94 8.73
C ARG A 3 4.96 6.35 7.87
N ARG A 4 5.04 6.58 6.55
CA ARG A 4 4.04 6.07 5.63
C ARG A 4 4.22 4.57 5.42
N ILE A 5 5.30 4.03 5.98
CA ILE A 5 5.59 2.60 5.83
C ILE A 5 5.68 2.22 4.36
N GLY A 6 6.73 2.70 3.70
CA GLY A 6 6.92 2.41 2.29
C GLY A 6 5.71 2.74 1.46
N LYS A 7 4.90 3.69 1.95
CA LYS A 7 3.71 4.10 1.24
C LYS A 7 2.79 2.91 0.99
N GLY A 8 1.67 2.87 1.70
CA GLY A 8 0.72 1.78 1.56
C GLY A 8 -0.41 1.86 2.56
N VAL A 9 -1.64 1.88 2.07
CA VAL A 9 -2.81 1.96 2.93
C VAL A 9 -2.78 0.80 3.96
N LYS A 10 -3.63 -0.19 3.75
CA LYS A 10 -3.70 -1.34 4.65
C LYS A 10 -4.33 -2.54 3.94
N ILE A 11 -5.09 -2.27 2.89
CA ILE A 11 -5.78 -3.33 2.13
C ILE A 11 -5.17 -3.52 0.74
N ILE A 12 -4.99 -2.43 0.02
CA ILE A 12 -4.45 -2.48 -1.35
C ILE A 12 -2.95 -2.23 -1.33
N GLY A 13 -2.52 -1.01 -1.66
CA GLY A 13 -1.10 -0.67 -1.60
C GLY A 13 -0.57 -1.05 -0.25
N GLY A 14 -1.52 -1.37 0.62
CA GLY A 14 -1.23 -1.81 1.96
C GLY A 14 -0.90 -3.28 1.95
N ALA A 15 -1.76 -4.08 1.30
CA ALA A 15 -1.48 -5.52 1.20
C ALA A 15 -0.55 -5.74 0.02
N ALA A 16 0.27 -4.72 -0.24
CA ALA A 16 1.22 -4.75 -1.34
C ALA A 16 0.47 -4.57 -2.66
N LEU A 17 -0.46 -3.62 -2.70
CA LEU A 17 -1.23 -3.37 -3.92
C LEU A 17 -2.01 -4.64 -4.29
N ASP A 18 -2.47 -5.37 -3.29
CA ASP A 18 -3.22 -6.60 -3.51
C ASP A 18 -2.41 -7.60 -4.33
N HIS A 19 -2.37 -7.37 -5.65
CA HIS A 19 -1.62 -8.26 -6.53
C HIS A 19 -0.13 -8.21 -6.23
N LEU A 20 0.47 -7.05 -6.44
CA LEU A 20 1.90 -6.88 -6.19
C LEU A 20 2.26 -5.40 -6.12
N TRP A 1 12.44 7.80 0.19
CA TRP A 1 11.89 6.64 -0.51
C TRP A 1 10.44 6.89 -0.90
N LEU A 2 10.22 7.96 -1.67
CA LEU A 2 8.88 8.33 -2.12
C LEU A 2 7.97 8.67 -0.94
N ARG A 3 8.45 8.45 0.28
CA ARG A 3 7.70 8.73 1.49
C ARG A 3 6.61 7.68 1.72
N ARG A 4 5.75 7.48 0.73
CA ARG A 4 4.68 6.50 0.85
C ARG A 4 5.24 5.08 0.83
N ILE A 5 6.52 4.97 0.49
CA ILE A 5 7.17 3.66 0.43
C ILE A 5 6.45 2.75 -0.56
N GLY A 6 6.49 3.12 -1.84
CA GLY A 6 5.83 2.33 -2.86
C GLY A 6 4.40 2.01 -2.49
N LYS A 7 3.64 3.05 -2.16
CA LYS A 7 2.24 2.87 -1.79
C LYS A 7 2.12 1.98 -0.56
N GLY A 8 1.25 2.39 0.37
CA GLY A 8 1.04 1.63 1.60
C GLY A 8 -0.21 2.08 2.33
N VAL A 9 -1.36 1.73 1.79
CA VAL A 9 -2.62 2.12 2.40
C VAL A 9 -2.81 1.42 3.75
N LYS A 10 -3.32 0.20 3.72
CA LYS A 10 -3.55 -0.55 4.96
C LYS A 10 -3.94 -1.99 4.64
N ILE A 11 -4.59 -2.18 3.48
CA ILE A 11 -5.03 -3.50 3.04
C ILE A 11 -4.77 -3.66 1.55
N ILE A 12 -5.09 -2.62 0.79
CA ILE A 12 -4.88 -2.63 -0.64
C ILE A 12 -3.42 -2.40 -0.95
N GLY A 13 -3.02 -1.13 -1.10
CA GLY A 13 -1.62 -0.80 -1.30
C GLY A 13 -0.87 -1.32 -0.10
N GLY A 14 -1.66 -1.77 0.86
CA GLY A 14 -1.16 -2.35 2.08
C GLY A 14 -0.77 -3.79 1.88
N ALA A 15 -1.66 -4.56 1.20
CA ALA A 15 -1.34 -5.95 0.90
C ALA A 15 -0.56 -6.00 -0.40
N ALA A 16 0.14 -4.89 -0.66
CA ALA A 16 0.93 -4.73 -1.87
C ALA A 16 0.01 -4.42 -3.05
N LEU A 17 -1.02 -3.60 -2.80
CA LEU A 17 -1.95 -3.24 -3.87
C LEU A 17 -2.57 -4.50 -4.46
N ASP A 18 -3.04 -5.39 -3.58
CA ASP A 18 -3.66 -6.63 -4.02
C ASP A 18 -2.73 -7.39 -4.96
N HIS A 19 -2.76 -7.03 -6.24
CA HIS A 19 -1.92 -7.69 -7.24
C HIS A 19 -1.70 -6.79 -8.44
N LEU A 20 -1.50 -5.50 -8.17
CA LEU A 20 -1.28 -4.53 -9.24
C LEU A 20 -2.44 -4.56 -10.24
N TRP A 1 -1.59 9.11 3.46
CA TRP A 1 -0.84 9.89 4.44
C TRP A 1 0.40 10.50 3.80
N LEU A 2 0.25 11.70 3.25
CA LEU A 2 1.36 12.40 2.60
C LEU A 2 1.88 11.64 1.39
N ARG A 3 1.39 10.42 1.19
CA ARG A 3 1.81 9.59 0.05
C ARG A 3 3.31 9.27 0.10
N ARG A 4 4.07 10.01 0.92
CA ARG A 4 5.51 9.79 1.04
C ARG A 4 5.80 8.88 2.24
N ILE A 5 5.12 9.14 3.35
CA ILE A 5 5.31 8.33 4.56
C ILE A 5 4.42 7.10 4.53
N GLY A 6 3.23 7.24 3.93
CA GLY A 6 2.30 6.13 3.84
C GLY A 6 2.94 4.90 3.23
N LYS A 7 3.27 4.98 1.95
CA LYS A 7 3.90 3.87 1.25
C LYS A 7 3.12 2.57 1.48
N GLY A 8 1.88 2.71 1.93
CA GLY A 8 1.04 1.55 2.20
C GLY A 8 -0.31 1.94 2.77
N VAL A 9 -1.36 1.73 1.98
CA VAL A 9 -2.71 2.07 2.42
C VAL A 9 -3.10 1.24 3.64
N LYS A 10 -3.67 0.06 3.40
CA LYS A 10 -4.08 -0.82 4.49
C LYS A 10 -4.52 -2.17 3.96
N ILE A 11 -4.97 -2.19 2.70
CA ILE A 11 -5.45 -3.43 2.06
C ILE A 11 -4.81 -3.62 0.69
N ILE A 12 -4.80 -2.54 -0.10
CA ILE A 12 -4.21 -2.59 -1.44
C ILE A 12 -2.71 -2.35 -1.35
N GLY A 13 -2.28 -1.09 -1.52
CA GLY A 13 -0.88 -0.76 -1.37
C GLY A 13 -0.45 -1.19 0.01
N GLY A 14 -1.46 -1.60 0.76
CA GLY A 14 -1.28 -2.10 2.11
C GLY A 14 -0.89 -3.56 2.08
N ALA A 15 -1.61 -4.37 1.30
CA ALA A 15 -1.25 -5.78 1.16
C ALA A 15 -0.26 -5.90 0.02
N ALA A 16 0.50 -4.82 -0.16
CA ALA A 16 1.49 -4.75 -1.23
C ALA A 16 0.78 -4.60 -2.57
N LEU A 17 -0.16 -3.65 -2.64
CA LEU A 17 -0.92 -3.43 -3.88
C LEU A 17 -1.74 -4.67 -4.22
N ASP A 18 -1.74 -5.64 -3.32
CA ASP A 18 -2.49 -6.88 -3.53
C ASP A 18 -2.04 -7.58 -4.81
N HIS A 19 -2.50 -7.07 -5.94
CA HIS A 19 -2.14 -7.66 -7.24
C HIS A 19 -2.35 -6.64 -8.36
N LEU A 20 -1.73 -5.47 -8.21
CA LEU A 20 -1.86 -4.42 -9.21
C LEU A 20 -0.81 -3.33 -8.96
N TRP A 1 3.18 12.66 -3.17
CA TRP A 1 2.50 12.17 -1.98
C TRP A 1 3.34 11.10 -1.28
N LEU A 2 4.51 11.51 -0.81
CA LEU A 2 5.43 10.60 -0.11
C LEU A 2 5.88 9.46 -1.04
N ARG A 3 5.31 9.41 -2.24
CA ARG A 3 5.66 8.39 -3.22
C ARG A 3 5.10 7.02 -2.80
N ARG A 4 5.67 6.45 -1.74
CA ARG A 4 5.21 5.16 -1.25
C ARG A 4 3.80 5.26 -0.67
N ILE A 5 3.25 6.48 -0.68
CA ILE A 5 1.91 6.71 -0.16
C ILE A 5 1.81 6.24 1.29
N GLY A 6 2.49 6.95 2.18
CA GLY A 6 2.47 6.60 3.59
C GLY A 6 2.84 5.14 3.82
N LYS A 7 3.75 4.63 3.00
CA LYS A 7 4.17 3.24 3.12
C LYS A 7 2.96 2.30 3.12
N GLY A 8 2.44 2.03 1.92
CA GLY A 8 1.30 1.15 1.78
C GLY A 8 0.06 1.72 2.47
N VAL A 9 -1.10 1.49 1.88
CA VAL A 9 -2.35 1.98 2.44
C VAL A 9 -2.70 1.22 3.71
N LYS A 10 -3.42 0.11 3.56
CA LYS A 10 -3.81 -0.70 4.71
C LYS A 10 -4.41 -2.04 4.27
N ILE A 11 -4.94 -2.07 3.05
CA ILE A 11 -5.57 -3.28 2.50
C ILE A 11 -5.07 -3.56 1.09
N ILE A 12 -5.04 -2.51 0.28
CA ILE A 12 -4.59 -2.64 -1.12
C ILE A 12 -3.10 -2.41 -1.20
N GLY A 13 -2.68 -1.16 -1.47
CA GLY A 13 -1.27 -0.84 -1.49
C GLY A 13 -0.69 -1.20 -0.14
N GLY A 14 -1.63 -1.54 0.75
CA GLY A 14 -1.32 -1.96 2.09
C GLY A 14 -0.95 -3.43 2.09
N ALA A 15 -1.78 -4.26 1.45
CA ALA A 15 -1.47 -5.69 1.37
C ALA A 15 -0.55 -5.89 0.17
N ALA A 16 0.25 -4.86 -0.11
CA ALA A 16 1.19 -4.89 -1.23
C ALA A 16 0.43 -4.70 -2.54
N LEU A 17 -0.54 -3.79 -2.55
CA LEU A 17 -1.31 -3.55 -3.78
C LEU A 17 -1.93 -4.86 -4.26
N ASP A 18 -1.92 -5.87 -3.39
CA ASP A 18 -2.49 -7.17 -3.74
C ASP A 18 -1.84 -7.73 -5.00
N HIS A 19 -2.32 -7.28 -6.15
CA HIS A 19 -1.77 -7.75 -7.42
C HIS A 19 -0.28 -7.44 -7.51
N LEU A 20 0.17 -6.50 -6.69
CA LEU A 20 1.59 -6.12 -6.69
C LEU A 20 2.05 -5.77 -8.10
N TRP A 1 6.97 13.18 -4.97
CA TRP A 1 7.54 11.99 -4.34
C TRP A 1 7.61 12.16 -2.82
N LEU A 2 6.73 11.47 -2.11
CA LEU A 2 6.71 11.56 -0.65
C LEU A 2 7.91 10.82 -0.07
N ARG A 3 7.83 9.49 -0.08
CA ARG A 3 8.90 8.64 0.45
C ARG A 3 8.85 7.29 -0.26
N ARG A 4 7.75 7.07 -0.96
CA ARG A 4 7.55 5.82 -1.69
C ARG A 4 6.44 6.02 -2.73
N ILE A 5 5.99 7.26 -2.87
CA ILE A 5 4.94 7.59 -3.82
C ILE A 5 3.65 6.84 -3.49
N GLY A 6 3.59 5.55 -3.83
CA GLY A 6 2.41 4.75 -3.56
C GLY A 6 2.42 4.20 -2.14
N LYS A 7 2.43 5.12 -1.17
CA LYS A 7 2.43 4.71 0.23
C LYS A 7 1.33 3.69 0.50
N GLY A 8 1.71 2.54 1.05
CA GLY A 8 0.74 1.50 1.35
C GLY A 8 -0.40 2.01 2.20
N VAL A 9 -1.63 1.75 1.76
CA VAL A 9 -2.81 2.21 2.48
C VAL A 9 -2.98 1.40 3.78
N LYS A 10 -3.58 0.23 3.66
CA LYS A 10 -3.79 -0.62 4.84
C LYS A 10 -4.33 -1.99 4.40
N ILE A 11 -4.86 -2.06 3.19
CA ILE A 11 -5.42 -3.31 2.67
C ILE A 11 -5.00 -3.50 1.20
N ILE A 12 -5.13 -2.44 0.42
CA ILE A 12 -4.78 -2.49 -1.00
C ILE A 12 -3.28 -2.33 -1.14
N GLY A 13 -2.81 -1.10 -1.35
CA GLY A 13 -1.38 -0.85 -1.41
C GLY A 13 -0.78 -1.32 -0.11
N GLY A 14 -1.69 -1.68 0.78
CA GLY A 14 -1.36 -2.20 2.09
C GLY A 14 -1.02 -3.66 1.99
N ALA A 15 -1.85 -4.44 1.27
CA ALA A 15 -1.57 -5.86 1.09
C ALA A 15 -0.63 -5.98 -0.11
N ALA A 16 0.17 -4.94 -0.31
CA ALA A 16 1.11 -4.88 -1.42
C ALA A 16 0.33 -4.62 -2.71
N LEU A 17 -0.70 -3.78 -2.62
CA LEU A 17 -1.50 -3.47 -3.81
C LEU A 17 -2.01 -4.77 -4.44
N ASP A 18 -2.64 -5.60 -3.63
CA ASP A 18 -3.18 -6.87 -4.09
C ASP A 18 -2.10 -7.72 -4.75
N HIS A 19 -1.79 -7.43 -6.01
CA HIS A 19 -0.76 -8.16 -6.73
C HIS A 19 -0.28 -7.37 -7.94
N LEU A 20 0.05 -6.10 -7.71
CA LEU A 20 0.51 -5.23 -8.78
C LEU A 20 1.19 -3.99 -8.19
N TRP A 1 10.56 1.89 11.25
CA TRP A 1 10.27 2.47 9.94
C TRP A 1 9.25 1.63 9.20
N LEU A 2 8.10 1.39 9.83
CA LEU A 2 7.04 0.59 9.23
C LEU A 2 7.49 -0.85 8.97
N ARG A 3 8.78 -1.12 9.20
CA ARG A 3 9.35 -2.45 8.99
C ARG A 3 9.29 -2.85 7.52
N ARG A 4 8.09 -3.14 7.04
CA ARG A 4 7.92 -3.54 5.64
C ARG A 4 8.40 -2.42 4.71
N ILE A 5 8.71 -1.27 5.29
CA ILE A 5 9.19 -0.09 4.53
C ILE A 5 8.52 -0.02 3.15
N GLY A 6 7.21 -0.25 3.13
CA GLY A 6 6.46 -0.21 1.88
C GLY A 6 4.98 -0.27 2.13
N LYS A 7 4.59 -0.33 3.39
CA LYS A 7 3.17 -0.39 3.75
C LYS A 7 2.42 0.78 3.12
N GLY A 8 1.78 0.52 1.98
CA GLY A 8 1.03 1.55 1.30
C GLY A 8 -0.10 2.08 2.16
N VAL A 9 -1.33 1.70 1.82
CA VAL A 9 -2.50 2.14 2.57
C VAL A 9 -2.65 1.33 3.87
N LYS A 10 -3.23 0.14 3.75
CA LYS A 10 -3.41 -0.72 4.92
C LYS A 10 -3.92 -2.10 4.48
N ILE A 11 -4.59 -2.14 3.33
CA ILE A 11 -5.12 -3.38 2.79
C ILE A 11 -4.83 -3.47 1.30
N ILE A 12 -5.16 -2.42 0.57
CA ILE A 12 -4.92 -2.37 -0.86
C ILE A 12 -3.44 -2.12 -1.13
N GLY A 13 -3.06 -0.85 -1.36
CA GLY A 13 -1.65 -0.51 -1.54
C GLY A 13 -0.88 -1.06 -0.37
N GLY A 14 -1.66 -1.49 0.62
CA GLY A 14 -1.14 -2.10 1.82
C GLY A 14 -0.76 -3.53 1.56
N ALA A 15 -1.66 -4.30 0.93
CA ALA A 15 -1.35 -5.69 0.59
C ALA A 15 -0.65 -5.70 -0.75
N ALA A 16 0.05 -4.61 -1.03
CA ALA A 16 0.77 -4.43 -2.29
C ALA A 16 -0.21 -4.10 -3.41
N LEU A 17 -1.21 -3.26 -3.10
CA LEU A 17 -2.18 -2.88 -4.12
C LEU A 17 -2.97 -4.12 -4.57
N ASP A 18 -3.37 -4.95 -3.62
CA ASP A 18 -4.12 -6.17 -3.94
C ASP A 18 -3.43 -6.94 -5.06
N HIS A 19 -2.10 -6.86 -5.10
CA HIS A 19 -1.34 -7.55 -6.13
C HIS A 19 -1.83 -7.17 -7.52
N LEU A 20 -1.49 -5.96 -7.95
CA LEU A 20 -1.91 -5.48 -9.25
C LEU A 20 -1.55 -6.49 -10.34
N TRP A 1 4.15 10.09 -5.91
CA TRP A 1 3.35 10.30 -4.71
C TRP A 1 1.91 9.86 -4.96
N LEU A 2 1.26 9.37 -3.91
CA LEU A 2 -0.12 8.91 -4.01
C LEU A 2 -1.09 10.10 -4.04
N ARG A 3 -1.25 10.73 -2.88
CA ARG A 3 -2.13 11.88 -2.75
C ARG A 3 -1.96 12.48 -1.38
N ARG A 4 -1.32 11.69 -0.52
CA ARG A 4 -1.05 12.11 0.85
C ARG A 4 -0.15 11.07 1.53
N ILE A 5 0.29 10.09 0.76
CA ILE A 5 1.15 9.04 1.29
C ILE A 5 0.51 8.40 2.53
N GLY A 6 -0.70 7.87 2.36
CA GLY A 6 -1.41 7.24 3.45
C GLY A 6 -2.90 7.12 3.17
N LYS A 7 -3.25 7.07 1.89
CA LYS A 7 -4.65 6.96 1.49
C LYS A 7 -5.30 5.78 2.21
N GLY A 8 -4.92 4.57 1.82
CA GLY A 8 -5.46 3.37 2.43
C GLY A 8 -4.69 2.13 2.05
N VAL A 9 -3.36 2.21 2.17
CA VAL A 9 -2.49 1.08 1.82
C VAL A 9 -2.54 0.02 2.92
N LYS A 10 -3.59 0.04 3.72
CA LYS A 10 -3.74 -0.93 4.80
C LYS A 10 -4.23 -2.27 4.26
N ILE A 11 -4.72 -2.24 3.02
CA ILE A 11 -5.22 -3.44 2.36
C ILE A 11 -4.66 -3.55 0.94
N ILE A 12 -4.56 -2.40 0.27
CA ILE A 12 -4.03 -2.36 -1.08
C ILE A 12 -2.53 -2.52 -1.03
N GLY A 13 -1.80 -1.40 -0.91
CA GLY A 13 -0.37 -1.46 -0.75
C GLY A 13 -0.09 -2.24 0.51
N GLY A 14 -1.19 -2.57 1.18
CA GLY A 14 -1.16 -3.34 2.41
C GLY A 14 -1.09 -4.81 2.08
N ALA A 15 -1.91 -5.24 1.10
CA ALA A 15 -1.88 -6.64 0.68
C ALA A 15 -0.85 -6.77 -0.42
N ALA A 16 0.15 -5.90 -0.36
CA ALA A 16 1.21 -5.85 -1.35
C ALA A 16 0.69 -5.21 -2.63
N LEU A 17 -0.15 -4.18 -2.49
CA LEU A 17 -0.69 -3.51 -3.67
C LEU A 17 -1.56 -4.47 -4.47
N ASP A 18 -2.46 -5.17 -3.80
CA ASP A 18 -3.36 -6.11 -4.47
C ASP A 18 -2.56 -7.12 -5.28
N HIS A 19 -2.21 -6.74 -6.50
CA HIS A 19 -1.44 -7.61 -7.39
C HIS A 19 -0.58 -6.79 -8.34
N LEU A 20 0.28 -5.95 -7.76
CA LEU A 20 1.15 -5.10 -8.57
C LEU A 20 0.34 -4.29 -9.58
N TRP A 1 12.76 5.49 5.95
CA TRP A 1 12.74 4.03 5.86
C TRP A 1 11.83 3.58 4.73
N LEU A 2 11.69 2.27 4.57
CA LEU A 2 10.84 1.71 3.52
C LEU A 2 11.25 2.28 2.15
N ARG A 3 10.69 3.44 1.82
CA ARG A 3 11.00 4.11 0.56
C ARG A 3 10.32 5.46 0.53
N ARG A 4 9.27 5.57 1.34
CA ARG A 4 8.51 6.81 1.45
C ARG A 4 7.70 6.79 2.74
N ILE A 5 7.92 5.75 3.55
CA ILE A 5 7.23 5.58 4.84
C ILE A 5 5.77 6.07 4.74
N GLY A 6 5.13 5.79 3.62
CA GLY A 6 3.76 6.20 3.42
C GLY A 6 3.15 5.57 2.19
N LYS A 7 3.98 4.89 1.40
CA LYS A 7 3.51 4.23 0.19
C LYS A 7 2.78 2.93 0.52
N GLY A 8 1.55 3.06 1.04
CA GLY A 8 0.77 1.90 1.40
C GLY A 8 -0.42 2.26 2.26
N VAL A 9 -1.62 1.92 1.80
CA VAL A 9 -2.84 2.21 2.55
C VAL A 9 -2.96 1.28 3.75
N LYS A 10 -3.56 0.12 3.54
CA LYS A 10 -3.73 -0.85 4.63
C LYS A 10 -4.25 -2.18 4.11
N ILE A 11 -4.91 -2.15 2.94
CA ILE A 11 -5.48 -3.36 2.33
C ILE A 11 -4.90 -3.60 0.94
N ILE A 12 -4.85 -2.56 0.11
CA ILE A 12 -4.33 -2.67 -1.25
C ILE A 12 -2.85 -2.36 -1.25
N GLY A 13 -2.48 -1.11 -1.59
CA GLY A 13 -1.07 -0.72 -1.55
C GLY A 13 -0.54 -1.02 -0.18
N GLY A 14 -1.48 -1.38 0.69
CA GLY A 14 -1.20 -1.75 2.06
C GLY A 14 -0.78 -3.19 2.12
N ALA A 15 -1.55 -4.08 1.48
CA ALA A 15 -1.18 -5.49 1.45
C ALA A 15 -0.26 -5.70 0.26
N ALA A 16 0.47 -4.64 -0.08
CA ALA A 16 1.38 -4.66 -1.21
C ALA A 16 0.59 -4.62 -2.51
N LEU A 17 -0.36 -3.68 -2.59
CA LEU A 17 -1.20 -3.54 -3.79
C LEU A 17 -2.07 -4.78 -3.97
N ASP A 18 -1.91 -5.75 -3.07
CA ASP A 18 -2.69 -6.98 -3.13
C ASP A 18 -2.57 -7.64 -4.51
N HIS A 19 -3.37 -7.18 -5.46
CA HIS A 19 -3.34 -7.73 -6.81
C HIS A 19 -1.91 -7.85 -7.33
N LEU A 20 -1.08 -6.86 -6.98
CA LEU A 20 0.32 -6.88 -7.41
C LEU A 20 0.39 -7.01 -8.93
N TRP A 1 5.38 11.42 5.66
CA TRP A 1 4.67 12.38 4.82
C TRP A 1 5.24 12.39 3.41
N LEU A 2 4.86 11.36 2.64
CA LEU A 2 5.34 11.24 1.26
C LEU A 2 4.59 12.22 0.35
N ARG A 3 3.35 11.88 0.03
CA ARG A 3 2.50 12.72 -0.83
C ARG A 3 1.07 12.65 -0.33
N ARG A 4 0.78 11.62 0.45
CA ARG A 4 -0.56 11.42 1.01
C ARG A 4 -0.45 10.69 2.35
N ILE A 5 0.79 10.62 2.87
CA ILE A 5 1.06 9.95 4.14
C ILE A 5 0.88 8.43 4.01
N GLY A 6 -0.01 8.00 3.14
CA GLY A 6 -0.24 6.58 2.94
C GLY A 6 -1.03 6.30 1.68
N LYS A 7 -0.32 6.06 0.59
CA LYS A 7 -0.96 5.77 -0.70
C LYS A 7 -2.06 4.72 -0.52
N GLY A 8 -3.05 4.76 -1.42
CA GLY A 8 -4.13 3.81 -1.35
C GLY A 8 -4.91 3.93 -0.04
N VAL A 9 -4.66 3.00 0.87
CA VAL A 9 -5.35 3.02 2.18
C VAL A 9 -4.43 2.47 3.26
N LYS A 10 -4.23 1.16 3.26
CA LYS A 10 -3.37 0.53 4.25
C LYS A 10 -3.14 -0.95 3.90
N ILE A 11 -4.22 -1.70 3.82
CA ILE A 11 -4.12 -3.12 3.49
C ILE A 11 -3.91 -3.30 2.00
N ILE A 12 -3.64 -2.21 1.31
CA ILE A 12 -3.41 -2.26 -0.13
C ILE A 12 -2.05 -2.84 -0.38
N GLY A 13 -1.02 -1.98 -0.36
CA GLY A 13 0.34 -2.46 -0.49
C GLY A 13 0.61 -3.36 0.69
N GLY A 14 -0.41 -3.42 1.57
CA GLY A 14 -0.35 -4.23 2.76
C GLY A 14 -0.81 -5.64 2.44
N ALA A 15 -1.86 -5.76 1.62
CA ALA A 15 -2.36 -7.07 1.21
C ALA A 15 -1.64 -7.46 -0.06
N ALA A 16 -0.44 -6.91 -0.21
CA ALA A 16 0.38 -7.16 -1.39
C ALA A 16 -0.10 -6.30 -2.56
N LEU A 17 -0.54 -5.06 -2.26
CA LEU A 17 -1.01 -4.18 -3.31
C LEU A 17 -2.21 -4.81 -4.05
N ASP A 18 -2.82 -5.81 -3.42
CA ASP A 18 -3.97 -6.49 -4.02
C ASP A 18 -3.60 -7.06 -5.39
N HIS A 19 -2.32 -6.98 -5.74
CA HIS A 19 -1.86 -7.50 -7.02
C HIS A 19 -0.34 -7.51 -7.08
N LEU A 20 0.27 -6.33 -6.94
CA LEU A 20 1.71 -6.22 -6.97
C LEU A 20 2.27 -6.87 -8.24
N TRP A 1 3.94 -3.47 13.22
CA TRP A 1 4.90 -2.46 12.82
C TRP A 1 5.84 -2.98 11.74
N LEU A 2 5.69 -2.47 10.53
CA LEU A 2 6.53 -2.90 9.42
C LEU A 2 7.98 -2.46 9.65
N ARG A 3 8.28 -1.23 9.25
CA ARG A 3 9.63 -0.67 9.40
C ARG A 3 9.52 0.75 9.96
N ARG A 4 8.32 1.31 9.89
CA ARG A 4 8.08 2.66 10.38
C ARG A 4 6.58 2.93 10.39
N ILE A 5 5.78 1.86 10.25
CA ILE A 5 4.32 1.95 10.24
C ILE A 5 3.84 3.25 9.58
N GLY A 6 3.50 3.16 8.30
CA GLY A 6 3.03 4.32 7.55
C GLY A 6 2.98 4.05 6.07
N LYS A 7 3.84 3.15 5.60
CA LYS A 7 3.88 2.80 4.19
C LYS A 7 2.66 1.97 3.80
N GLY A 8 2.36 1.93 2.51
CA GLY A 8 1.23 1.17 2.03
C GLY A 8 -0.09 1.69 2.57
N VAL A 9 -1.17 1.50 1.82
CA VAL A 9 -2.47 1.96 2.26
C VAL A 9 -2.91 1.24 3.53
N LYS A 10 -3.48 0.05 3.39
CA LYS A 10 -3.93 -0.73 4.54
C LYS A 10 -4.36 -2.12 4.11
N ILE A 11 -4.77 -2.25 2.85
CA ILE A 11 -5.22 -3.54 2.31
C ILE A 11 -4.70 -3.71 0.88
N ILE A 12 -4.79 -2.65 0.09
CA ILE A 12 -4.33 -2.68 -1.29
C ILE A 12 -2.85 -2.39 -1.33
N GLY A 13 -2.47 -1.12 -1.50
CA GLY A 13 -1.08 -0.73 -1.45
C GLY A 13 -0.54 -1.14 -0.10
N GLY A 14 -1.47 -1.61 0.71
CA GLY A 14 -1.19 -2.09 2.05
C GLY A 14 -0.73 -3.54 1.98
N ALA A 15 -1.47 -4.37 1.24
CA ALA A 15 -1.07 -5.77 1.09
C ALA A 15 -0.16 -5.86 -0.12
N ALA A 16 0.56 -4.76 -0.36
CA ALA A 16 1.47 -4.66 -1.49
C ALA A 16 0.67 -4.50 -2.78
N LEU A 17 -0.30 -3.58 -2.77
CA LEU A 17 -1.13 -3.34 -3.95
C LEU A 17 -1.94 -4.60 -4.29
N ASP A 18 -2.06 -5.49 -3.32
CA ASP A 18 -2.82 -6.73 -3.50
C ASP A 18 -2.22 -7.55 -4.64
N HIS A 19 -2.50 -7.14 -5.88
CA HIS A 19 -1.99 -7.86 -7.06
C HIS A 19 -1.90 -6.91 -8.25
N LEU A 20 -1.24 -5.77 -8.05
CA LEU A 20 -1.08 -4.79 -9.12
C LEU A 20 -2.44 -4.46 -9.74
N TRP A 1 12.40 2.60 7.15
CA TRP A 1 12.57 3.46 5.98
C TRP A 1 11.83 4.78 6.17
N LEU A 2 11.82 5.60 5.12
CA LEU A 2 11.14 6.88 5.18
C LEU A 2 9.63 6.69 5.21
N ARG A 3 9.21 5.42 5.10
CA ARG A 3 7.79 5.07 5.10
C ARG A 3 7.09 5.68 3.89
N ARG A 4 6.87 7.00 3.94
CA ARG A 4 6.21 7.70 2.84
C ARG A 4 6.76 7.25 1.49
N ILE A 5 8.01 6.76 1.49
CA ILE A 5 8.65 6.31 0.26
C ILE A 5 8.19 4.89 -0.09
N GLY A 6 8.02 4.07 0.94
CA GLY A 6 7.59 2.70 0.73
C GLY A 6 6.15 2.62 0.24
N LYS A 7 5.35 3.62 0.63
CA LYS A 7 3.94 3.67 0.22
C LYS A 7 3.21 2.40 0.65
N GLY A 8 2.23 2.57 1.54
CA GLY A 8 1.45 1.44 2.01
C GLY A 8 0.14 1.89 2.65
N VAL A 9 -0.98 1.43 2.08
CA VAL A 9 -2.29 1.80 2.60
C VAL A 9 -2.60 1.03 3.89
N LYS A 10 -3.29 -0.10 3.75
CA LYS A 10 -3.64 -0.91 4.93
C LYS A 10 -4.24 -2.24 4.49
N ILE A 11 -4.79 -2.28 3.27
CA ILE A 11 -5.41 -3.49 2.73
C ILE A 11 -5.03 -3.66 1.26
N ILE A 12 -5.09 -2.57 0.51
CA ILE A 12 -4.75 -2.59 -0.92
C ILE A 12 -3.26 -2.36 -1.08
N GLY A 13 -2.85 -1.10 -1.29
CA GLY A 13 -1.44 -0.80 -1.37
C GLY A 13 -0.80 -1.23 -0.07
N GLY A 14 -1.68 -1.64 0.83
CA GLY A 14 -1.30 -2.14 2.14
C GLY A 14 -0.92 -3.60 2.04
N ALA A 15 -1.77 -4.40 1.36
CA ALA A 15 -1.44 -5.81 1.17
C ALA A 15 -0.54 -5.94 -0.04
N ALA A 16 0.23 -4.88 -0.28
CA ALA A 16 1.14 -4.82 -1.41
C ALA A 16 0.35 -4.56 -2.69
N LEU A 17 -0.68 -3.71 -2.60
CA LEU A 17 -1.49 -3.41 -3.78
C LEU A 17 -2.06 -4.70 -4.37
N ASP A 18 -2.37 -5.66 -3.49
CA ASP A 18 -2.93 -6.94 -3.92
C ASP A 18 -1.97 -7.63 -4.90
N HIS A 19 -1.98 -7.18 -6.16
CA HIS A 19 -1.12 -7.77 -7.18
C HIS A 19 -0.85 -6.75 -8.29
N LEU A 20 -0.21 -5.64 -7.93
CA LEU A 20 0.09 -4.60 -8.89
C LEU A 20 -1.19 -4.10 -9.57
N TRP A 1 10.11 6.85 1.33
CA TRP A 1 9.61 6.74 2.70
C TRP A 1 9.67 5.29 3.18
N LEU A 2 9.18 5.06 4.39
CA LEU A 2 9.18 3.71 4.96
C LEU A 2 8.17 2.83 4.22
N ARG A 3 7.42 3.44 3.30
CA ARG A 3 6.41 2.72 2.52
C ARG A 3 5.15 2.48 3.36
N ARG A 4 5.34 1.99 4.58
CA ARG A 4 4.22 1.73 5.47
C ARG A 4 3.59 3.03 5.94
N ILE A 5 4.43 3.98 6.35
CA ILE A 5 3.97 5.27 6.83
C ILE A 5 3.73 6.22 5.66
N GLY A 6 4.33 5.90 4.51
CA GLY A 6 4.19 6.73 3.33
C GLY A 6 2.79 6.64 2.74
N LYS A 7 2.15 5.49 2.92
CA LYS A 7 0.81 5.28 2.40
C LYS A 7 0.16 4.06 3.05
N GLY A 8 0.51 2.87 2.57
CA GLY A 8 -0.04 1.64 3.11
C GLY A 8 -1.54 1.73 3.32
N VAL A 9 -2.29 1.36 2.28
CA VAL A 9 -3.75 1.39 2.36
C VAL A 9 -4.25 0.29 3.28
N LYS A 10 -3.30 -0.47 3.85
CA LYS A 10 -3.62 -1.57 4.76
C LYS A 10 -4.37 -2.71 4.05
N ILE A 11 -4.86 -2.43 2.85
CA ILE A 11 -5.61 -3.43 2.07
C ILE A 11 -5.00 -3.61 0.67
N ILE A 12 -4.69 -2.49 0.02
CA ILE A 12 -4.11 -2.51 -1.33
C ILE A 12 -2.61 -2.41 -1.25
N GLY A 13 -2.06 -1.19 -1.40
CA GLY A 13 -0.63 -1.01 -1.25
C GLY A 13 -0.21 -1.52 0.11
N GLY A 14 -1.25 -1.84 0.87
CA GLY A 14 -1.10 -2.39 2.20
C GLY A 14 -0.88 -3.88 2.11
N ALA A 15 -1.75 -4.56 1.34
CA ALA A 15 -1.58 -5.99 1.14
C ALA A 15 -0.59 -6.21 0.01
N ALA A 16 0.32 -5.24 -0.13
CA ALA A 16 1.32 -5.27 -1.18
C ALA A 16 0.66 -4.98 -2.51
N LEU A 17 -0.16 -3.93 -2.56
CA LEU A 17 -0.86 -3.56 -3.80
C LEU A 17 -1.80 -4.70 -4.21
N ASP A 18 -2.18 -5.53 -3.25
CA ASP A 18 -3.07 -6.66 -3.51
C ASP A 18 -2.50 -7.55 -4.61
N HIS A 19 -2.71 -7.16 -5.87
CA HIS A 19 -2.22 -7.93 -6.99
C HIS A 19 -0.71 -8.18 -6.85
N LEU A 20 -0.01 -7.20 -6.28
CA LEU A 20 1.43 -7.32 -6.08
C LEU A 20 2.11 -7.65 -7.41
N TRP A 1 4.22 6.80 14.93
CA TRP A 1 4.40 5.69 14.00
C TRP A 1 4.52 6.22 12.57
N LEU A 2 5.05 5.38 11.68
CA LEU A 2 5.23 5.76 10.29
C LEU A 2 3.86 6.00 9.63
N ARG A 3 2.81 5.51 10.28
CA ARG A 3 1.45 5.66 9.78
C ARG A 3 1.21 4.74 8.59
N ARG A 4 1.93 4.98 7.51
CA ARG A 4 1.79 4.16 6.30
C ARG A 4 2.36 2.77 6.56
N ILE A 5 2.80 2.53 7.79
CA ILE A 5 3.38 1.24 8.17
C ILE A 5 4.62 0.94 7.33
N GLY A 6 4.40 0.55 6.08
CA GLY A 6 5.50 0.23 5.17
C GLY A 6 5.21 0.67 3.75
N LYS A 7 4.90 1.95 3.59
CA LYS A 7 4.59 2.49 2.27
C LYS A 7 3.39 1.78 1.67
N GLY A 8 2.23 1.94 2.29
CA GLY A 8 1.02 1.30 1.81
C GLY A 8 -0.23 1.90 2.45
N VAL A 9 -1.38 1.63 1.85
CA VAL A 9 -2.64 2.16 2.37
C VAL A 9 -3.03 1.44 3.66
N LYS A 10 -3.62 0.25 3.52
CA LYS A 10 -4.02 -0.52 4.69
C LYS A 10 -4.48 -1.91 4.26
N ILE A 11 -4.99 -2.01 3.04
CA ILE A 11 -5.47 -3.29 2.50
C ILE A 11 -4.91 -3.52 1.10
N ILE A 12 -5.03 -2.51 0.24
CA ILE A 12 -4.54 -2.60 -1.12
C ILE A 12 -3.05 -2.41 -1.15
N GLY A 13 -2.57 -1.18 -1.37
CA GLY A 13 -1.15 -0.90 -1.33
C GLY A 13 -0.63 -1.33 0.02
N GLY A 14 -1.60 -1.67 0.86
CA GLY A 14 -1.35 -2.16 2.19
C GLY A 14 -0.98 -3.63 2.16
N ALA A 15 -1.77 -4.43 1.41
CA ALA A 15 -1.44 -5.85 1.28
C ALA A 15 -0.48 -6.01 0.13
N ALA A 16 0.31 -4.96 -0.09
CA ALA A 16 1.28 -4.92 -1.17
C ALA A 16 0.57 -4.69 -2.50
N LEU A 17 -0.44 -3.82 -2.49
CA LEU A 17 -1.19 -3.54 -3.72
C LEU A 17 -1.86 -4.82 -4.23
N ASP A 18 -2.17 -5.72 -3.30
CA ASP A 18 -2.83 -6.98 -3.67
C ASP A 18 -2.07 -7.67 -4.81
N HIS A 19 -2.48 -7.38 -6.04
CA HIS A 19 -1.84 -7.98 -7.20
C HIS A 19 -0.32 -7.83 -7.13
N LEU A 20 0.14 -6.81 -6.40
CA LEU A 20 1.56 -6.56 -6.25
C LEU A 20 2.23 -6.51 -7.63
N TRP A 1 10.70 7.12 -4.38
CA TRP A 1 9.37 6.63 -4.66
C TRP A 1 8.44 7.78 -5.05
N LEU A 2 7.32 7.44 -5.68
CA LEU A 2 6.36 8.45 -6.10
C LEU A 2 5.61 9.02 -4.90
N ARG A 3 5.78 8.36 -3.74
CA ARG A 3 5.13 8.79 -2.50
C ARG A 3 3.63 8.46 -2.55
N ARG A 4 3.04 8.58 -3.72
CA ARG A 4 1.61 8.29 -3.88
C ARG A 4 1.37 6.79 -3.84
N ILE A 5 2.28 6.04 -4.46
CA ILE A 5 2.17 4.57 -4.49
C ILE A 5 3.03 3.95 -3.40
N GLY A 6 4.23 4.48 -3.21
CA GLY A 6 5.13 3.97 -2.20
C GLY A 6 4.47 3.92 -0.83
N LYS A 7 3.54 4.84 -0.60
CA LYS A 7 2.83 4.89 0.67
C LYS A 7 1.79 3.79 0.76
N GLY A 8 2.12 2.72 1.48
CA GLY A 8 1.20 1.60 1.63
C GLY A 8 -0.01 1.96 2.48
N VAL A 9 -1.19 1.72 1.93
CA VAL A 9 -2.42 2.03 2.67
C VAL A 9 -2.63 1.04 3.81
N LYS A 10 -3.31 -0.07 3.52
CA LYS A 10 -3.56 -1.08 4.54
C LYS A 10 -4.17 -2.34 3.93
N ILE A 11 -4.88 -2.18 2.81
CA ILE A 11 -5.54 -3.30 2.12
C ILE A 11 -5.07 -3.39 0.67
N ILE A 12 -5.17 -2.27 -0.04
CA ILE A 12 -4.77 -2.23 -1.45
C ILE A 12 -3.27 -2.01 -1.56
N GLY A 13 -2.83 -0.76 -1.78
CA GLY A 13 -1.41 -0.46 -1.82
C GLY A 13 -0.77 -1.01 -0.57
N GLY A 14 -1.65 -1.40 0.33
CA GLY A 14 -1.26 -2.01 1.59
C GLY A 14 -0.92 -3.46 1.39
N ALA A 15 -1.81 -4.21 0.71
CA ALA A 15 -1.52 -5.62 0.42
C ALA A 15 -0.71 -5.69 -0.85
N ALA A 16 0.04 -4.62 -1.11
CA ALA A 16 0.87 -4.51 -2.30
C ALA A 16 0.01 -4.16 -3.51
N LEU A 17 -0.95 -3.23 -3.32
CA LEU A 17 -1.82 -2.84 -4.42
C LEU A 17 -2.62 -4.03 -4.94
N ASP A 18 -3.16 -4.82 -4.01
CA ASP A 18 -3.95 -5.99 -4.39
C ASP A 18 -3.16 -6.89 -5.33
N HIS A 19 -1.91 -7.16 -4.98
CA HIS A 19 -1.06 -8.02 -5.81
C HIS A 19 -1.06 -7.54 -7.26
N LEU A 20 -0.75 -6.27 -7.46
CA LEU A 20 -0.72 -5.70 -8.81
C LEU A 20 -2.01 -6.01 -9.54
N TRP A 1 9.76 12.49 2.25
CA TRP A 1 8.46 12.22 2.86
C TRP A 1 7.77 11.06 2.15
N LEU A 2 8.46 9.93 2.05
CA LEU A 2 7.91 8.74 1.39
C LEU A 2 7.66 9.00 -0.10
N ARG A 3 7.82 10.26 -0.53
CA ARG A 3 7.62 10.63 -1.92
C ARG A 3 6.17 10.46 -2.38
N ARG A 4 5.37 9.74 -1.58
CA ARG A 4 3.96 9.51 -1.91
C ARG A 4 3.08 9.64 -0.67
N ILE A 5 3.72 9.85 0.48
CA ILE A 5 2.98 9.99 1.73
C ILE A 5 2.18 8.72 2.03
N GLY A 6 1.05 8.55 1.35
CA GLY A 6 0.22 7.37 1.55
C GLY A 6 0.79 6.15 0.84
N LYS A 7 2.05 5.85 1.12
CA LYS A 7 2.71 4.71 0.50
C LYS A 7 1.88 3.44 0.70
N GLY A 8 1.94 2.88 1.91
CA GLY A 8 1.19 1.67 2.23
C GLY A 8 -0.20 1.99 2.74
N VAL A 9 -1.22 1.63 1.95
CA VAL A 9 -2.60 1.89 2.34
C VAL A 9 -2.96 1.10 3.60
N LYS A 10 -3.56 -0.08 3.42
CA LYS A 10 -3.95 -0.91 4.56
C LYS A 10 -4.44 -2.27 4.07
N ILE A 11 -4.89 -2.32 2.82
CA ILE A 11 -5.40 -3.57 2.22
C ILE A 11 -4.86 -3.76 0.82
N ILE A 12 -4.86 -2.67 0.03
CA ILE A 12 -4.37 -2.73 -1.34
C ILE A 12 -2.89 -2.39 -1.36
N GLY A 13 -2.57 -1.10 -1.60
CA GLY A 13 -1.18 -0.68 -1.55
C GLY A 13 -0.62 -1.04 -0.19
N GLY A 14 -1.55 -1.49 0.65
CA GLY A 14 -1.25 -1.93 1.98
C GLY A 14 -0.78 -3.37 1.95
N ALA A 15 -1.53 -4.23 1.26
CA ALA A 15 -1.12 -5.64 1.13
C ALA A 15 -0.19 -5.74 -0.06
N ALA A 16 0.49 -4.64 -0.35
CA ALA A 16 1.40 -4.56 -1.47
C ALA A 16 0.62 -4.44 -2.77
N LEU A 17 -0.37 -3.53 -2.79
CA LEU A 17 -1.20 -3.32 -3.98
C LEU A 17 -2.01 -4.58 -4.28
N ASP A 18 -2.42 -5.28 -3.21
CA ASP A 18 -3.20 -6.50 -3.36
C ASP A 18 -2.48 -7.52 -4.23
N HIS A 19 -2.52 -7.32 -5.54
CA HIS A 19 -1.87 -8.23 -6.49
C HIS A 19 -1.33 -7.46 -7.69
N LEU A 20 -0.58 -6.40 -7.42
CA LEU A 20 -0.01 -5.58 -8.49
C LEU A 20 -1.12 -5.11 -9.43
N TRP A 1 -8.35 17.68 1.02
CA TRP A 1 -8.86 16.34 1.27
C TRP A 1 -8.20 15.75 2.52
N LEU A 2 -8.65 14.56 2.90
CA LEU A 2 -8.09 13.89 4.08
C LEU A 2 -6.72 13.28 3.75
N ARG A 3 -6.42 13.17 2.46
CA ARG A 3 -5.15 12.60 2.00
C ARG A 3 -5.16 11.08 2.18
N ARG A 4 -6.01 10.59 3.08
CA ARG A 4 -6.11 9.16 3.33
C ARG A 4 -7.23 8.57 2.48
N ILE A 5 -8.06 9.44 1.93
CA ILE A 5 -9.17 9.01 1.08
C ILE A 5 -10.00 7.96 1.82
N GLY A 6 -10.45 8.32 3.02
CA GLY A 6 -11.26 7.41 3.82
C GLY A 6 -10.66 6.02 3.87
N LYS A 7 -9.36 5.91 3.59
CA LYS A 7 -8.70 4.62 3.61
C LYS A 7 -7.18 4.79 3.49
N GLY A 8 -6.54 3.94 2.69
CA GLY A 8 -5.09 4.02 2.50
C GLY A 8 -4.51 2.68 2.08
N VAL A 9 -3.19 2.61 2.02
CA VAL A 9 -2.50 1.39 1.64
C VAL A 9 -2.42 0.42 2.82
N LYS A 10 -3.41 0.50 3.70
CA LYS A 10 -3.46 -0.38 4.88
C LYS A 10 -3.94 -1.77 4.49
N ILE A 11 -4.57 -1.86 3.31
CA ILE A 11 -5.09 -3.13 2.81
C ILE A 11 -4.81 -3.29 1.32
N ILE A 12 -4.89 -2.19 0.60
CA ILE A 12 -4.64 -2.20 -0.84
C ILE A 12 -3.15 -2.32 -1.07
N GLY A 13 -2.45 -1.18 -1.12
CA GLY A 13 -1.01 -1.20 -1.23
C GLY A 13 -0.48 -1.91 -0.01
N GLY A 14 -1.43 -2.22 0.87
CA GLY A 14 -1.15 -2.93 2.10
C GLY A 14 -1.10 -4.42 1.83
N ALA A 15 -2.06 -4.91 1.06
CA ALA A 15 -2.06 -6.34 0.71
C ALA A 15 -1.23 -6.50 -0.55
N ALA A 16 -0.26 -5.61 -0.69
CA ALA A 16 0.62 -5.59 -1.84
C ALA A 16 -0.12 -5.05 -3.06
N LEU A 17 -0.96 -4.02 -2.83
CA LEU A 17 -1.72 -3.46 -3.94
C LEU A 17 -2.62 -4.51 -4.56
N ASP A 18 -3.24 -5.32 -3.72
CA ASP A 18 -4.13 -6.37 -4.19
C ASP A 18 -3.39 -7.38 -5.07
N HIS A 19 -2.08 -7.16 -5.25
CA HIS A 19 -1.28 -8.05 -6.05
C HIS A 19 0.21 -7.72 -5.92
N LEU A 20 0.58 -6.53 -6.39
CA LEU A 20 1.97 -6.10 -6.31
C LEU A 20 2.07 -4.61 -6.62
N TRP A 1 5.40 7.62 -6.24
CA TRP A 1 3.95 7.64 -6.44
C TRP A 1 3.31 8.71 -5.58
N LEU A 2 1.99 8.79 -5.63
CA LEU A 2 1.25 9.78 -4.85
C LEU A 2 1.37 9.46 -3.36
N ARG A 3 1.99 8.33 -3.05
CA ARG A 3 2.19 7.90 -1.67
C ARG A 3 0.86 7.45 -1.05
N ARG A 4 -0.03 8.41 -0.84
CA ARG A 4 -1.33 8.10 -0.23
C ARG A 4 -1.98 6.91 -0.94
N ILE A 5 -1.54 6.65 -2.18
CA ILE A 5 -2.07 5.53 -2.96
C ILE A 5 -0.97 4.95 -3.85
N GLY A 6 0.06 4.43 -3.21
CA GLY A 6 1.18 3.84 -3.95
C GLY A 6 2.20 3.22 -3.02
N LYS A 7 2.51 3.92 -1.93
CA LYS A 7 3.48 3.41 -0.97
C LYS A 7 2.91 2.23 -0.21
N GLY A 8 1.81 2.45 0.49
CA GLY A 8 1.18 1.38 1.26
C GLY A 8 0.02 1.90 2.07
N VAL A 9 -1.20 1.62 1.61
CA VAL A 9 -2.40 2.06 2.31
C VAL A 9 -2.61 1.25 3.58
N LYS A 10 -3.24 0.08 3.46
CA LYS A 10 -3.48 -0.77 4.61
C LYS A 10 -4.02 -2.14 4.16
N ILE A 11 -4.72 -2.14 3.04
CA ILE A 11 -5.31 -3.38 2.49
C ILE A 11 -4.97 -3.49 1.00
N ILE A 12 -5.25 -2.44 0.25
CA ILE A 12 -4.97 -2.43 -1.18
C ILE A 12 -3.49 -2.24 -1.42
N GLY A 13 -3.06 -0.99 -1.68
CA GLY A 13 -1.65 -0.70 -1.85
C GLY A 13 -0.91 -1.25 -0.65
N GLY A 14 -1.71 -1.63 0.33
CA GLY A 14 -1.23 -2.22 1.55
C GLY A 14 -0.89 -3.68 1.32
N ALA A 15 -1.82 -4.43 0.70
CA ALA A 15 -1.55 -5.83 0.39
C ALA A 15 -0.80 -5.89 -0.93
N ALA A 16 -0.05 -4.83 -1.20
CA ALA A 16 0.72 -4.69 -2.43
C ALA A 16 -0.21 -4.34 -3.58
N LEU A 17 -1.20 -3.48 -3.32
CA LEU A 17 -2.13 -3.08 -4.38
C LEU A 17 -2.77 -4.33 -4.99
N ASP A 18 -3.21 -5.25 -4.13
CA ASP A 18 -3.84 -6.48 -4.60
C ASP A 18 -2.91 -7.20 -5.57
N HIS A 19 -1.61 -7.09 -5.35
CA HIS A 19 -0.62 -7.73 -6.22
C HIS A 19 -0.79 -7.25 -7.66
N LEU A 20 -0.92 -5.94 -7.83
CA LEU A 20 -1.07 -5.37 -9.16
C LEU A 20 -0.92 -3.84 -9.10
N TRP A 1 -1.10 11.60 -7.45
CA TRP A 1 -0.10 11.42 -6.40
C TRP A 1 1.12 10.68 -6.93
N LEU A 2 2.27 10.93 -6.31
CA LEU A 2 3.50 10.27 -6.72
C LEU A 2 3.50 8.81 -6.31
N ARG A 3 2.49 8.42 -5.54
CA ARG A 3 2.37 7.04 -5.05
C ARG A 3 3.40 6.77 -3.95
N ARG A 4 4.59 7.35 -4.10
CA ARG A 4 5.63 7.18 -3.11
C ARG A 4 5.27 7.94 -1.84
N ILE A 5 4.57 9.06 -2.00
CA ILE A 5 4.16 9.87 -0.86
C ILE A 5 2.98 9.22 -0.15
N GLY A 6 2.16 8.49 -0.90
CA GLY A 6 1.00 7.83 -0.34
C GLY A 6 1.39 6.60 0.47
N LYS A 7 2.49 5.97 0.08
CA LYS A 7 2.96 4.77 0.79
C LYS A 7 1.84 3.75 0.92
N GLY A 8 2.17 2.59 1.48
CA GLY A 8 1.19 1.54 1.65
C GLY A 8 -0.04 2.02 2.41
N VAL A 9 -1.22 1.61 1.94
CA VAL A 9 -2.47 2.00 2.58
C VAL A 9 -2.69 1.21 3.86
N LYS A 10 -3.30 0.04 3.75
CA LYS A 10 -3.57 -0.79 4.91
C LYS A 10 -4.09 -2.17 4.48
N ILE A 11 -4.72 -2.22 3.30
CA ILE A 11 -5.27 -3.47 2.77
C ILE A 11 -4.85 -3.66 1.30
N ILE A 12 -5.03 -2.60 0.51
CA ILE A 12 -4.68 -2.64 -0.91
C ILE A 12 -3.21 -2.35 -1.07
N GLY A 13 -2.86 -1.07 -1.32
CA GLY A 13 -1.46 -0.70 -1.41
C GLY A 13 -0.78 -1.11 -0.14
N GLY A 14 -1.62 -1.53 0.79
CA GLY A 14 -1.20 -2.03 2.08
C GLY A 14 -0.75 -3.45 1.96
N ALA A 15 -1.57 -4.29 1.31
CA ALA A 15 -1.18 -5.69 1.11
C ALA A 15 -0.37 -5.76 -0.17
N ALA A 16 0.34 -4.67 -0.44
CA ALA A 16 1.16 -4.55 -1.64
C ALA A 16 0.26 -4.39 -2.86
N LEU A 17 -0.77 -3.55 -2.74
CA LEU A 17 -1.69 -3.33 -3.85
C LEU A 17 -2.47 -4.62 -4.15
N ASP A 18 -2.53 -5.50 -3.15
CA ASP A 18 -3.25 -6.77 -3.31
C ASP A 18 -2.72 -7.56 -4.50
N HIS A 19 -3.17 -7.20 -5.70
CA HIS A 19 -2.73 -7.90 -6.90
C HIS A 19 -1.21 -8.01 -6.94
N LEU A 20 -0.52 -7.04 -6.34
CA LEU A 20 0.94 -7.05 -6.31
C LEU A 20 1.49 -7.14 -7.74
N TRP A 1 5.79 12.71 8.24
CA TRP A 1 6.37 11.53 7.59
C TRP A 1 5.75 11.33 6.21
N LEU A 2 5.90 12.34 5.35
CA LEU A 2 5.37 12.26 3.99
C LEU A 2 3.84 12.17 3.99
N ARG A 3 3.26 12.01 5.18
CA ARG A 3 1.80 11.91 5.33
C ARG A 3 1.26 10.63 4.68
N ARG A 4 2.00 10.06 3.73
CA ARG A 4 1.57 8.84 3.06
C ARG A 4 2.10 7.61 3.77
N ILE A 5 3.29 7.73 4.34
CA ILE A 5 3.90 6.61 5.07
C ILE A 5 4.07 5.40 4.16
N GLY A 6 5.25 5.28 3.55
CA GLY A 6 5.54 4.17 2.67
C GLY A 6 4.42 3.91 1.68
N LYS A 7 3.55 4.90 1.50
CA LYS A 7 2.44 4.76 0.57
C LYS A 7 1.63 3.49 0.88
N GLY A 8 1.92 2.87 2.02
CA GLY A 8 1.23 1.66 2.41
C GLY A 8 -0.19 1.96 2.89
N VAL A 9 -1.16 1.65 2.06
CA VAL A 9 -2.55 1.90 2.41
C VAL A 9 -2.94 1.08 3.65
N LYS A 10 -3.53 -0.11 3.43
CA LYS A 10 -3.94 -0.96 4.55
C LYS A 10 -4.41 -2.31 4.03
N ILE A 11 -4.86 -2.35 2.78
CA ILE A 11 -5.37 -3.58 2.16
C ILE A 11 -4.85 -3.69 0.73
N ILE A 12 -4.91 -2.59 -0.01
CA ILE A 12 -4.45 -2.59 -1.40
C ILE A 12 -2.97 -2.28 -1.43
N GLY A 13 -2.61 -1.00 -1.62
CA GLY A 13 -1.22 -0.61 -1.57
C GLY A 13 -0.66 -1.01 -0.23
N GLY A 14 -1.59 -1.49 0.60
CA GLY A 14 -1.28 -1.98 1.92
C GLY A 14 -0.82 -3.41 1.84
N ALA A 15 -1.57 -4.24 1.09
CA ALA A 15 -1.16 -5.64 0.93
C ALA A 15 -0.22 -5.69 -0.27
N ALA A 16 0.45 -4.57 -0.52
CA ALA A 16 1.36 -4.44 -1.63
C ALA A 16 0.56 -4.34 -2.93
N LEU A 17 -0.46 -3.47 -2.93
CA LEU A 17 -1.30 -3.31 -4.11
C LEU A 17 -2.02 -4.62 -4.43
N ASP A 18 -2.39 -5.35 -3.38
CA ASP A 18 -3.08 -6.63 -3.54
C ASP A 18 -2.25 -7.58 -4.41
N HIS A 19 -2.33 -7.40 -5.73
CA HIS A 19 -1.58 -8.24 -6.66
C HIS A 19 -1.50 -7.58 -8.03
N LEU A 20 -1.17 -6.29 -8.05
CA LEU A 20 -1.06 -5.54 -9.29
C LEU A 20 -2.32 -5.73 -10.13
N TRP A 1 7.85 -1.06 2.99
CA TRP A 1 7.64 0.07 2.10
C TRP A 1 8.20 1.36 2.71
N LEU A 2 8.86 2.16 1.89
CA LEU A 2 9.42 3.41 2.36
C LEU A 2 8.32 4.44 2.61
N ARG A 3 7.11 4.10 2.19
CA ARG A 3 5.93 4.96 2.37
C ARG A 3 5.96 6.10 1.35
N ARG A 4 7.11 6.78 1.25
CA ARG A 4 7.25 7.89 0.31
C ARG A 4 7.34 7.36 -1.12
N ILE A 5 7.44 6.04 -1.26
CA ILE A 5 7.53 5.41 -2.58
C ILE A 5 6.75 4.09 -2.58
N GLY A 6 5.44 4.20 -2.42
CA GLY A 6 4.58 3.03 -2.40
C GLY A 6 3.18 3.37 -1.91
N LYS A 7 3.10 4.30 -0.97
CA LYS A 7 1.82 4.72 -0.41
C LYS A 7 1.05 3.51 0.13
N GLY A 8 1.68 2.76 1.01
CA GLY A 8 1.04 1.60 1.61
C GLY A 8 -0.16 1.99 2.44
N VAL A 9 -1.35 1.71 1.93
CA VAL A 9 -2.58 2.03 2.65
C VAL A 9 -2.68 1.22 3.94
N LYS A 10 -3.26 0.03 3.85
CA LYS A 10 -3.42 -0.82 5.02
C LYS A 10 -3.90 -2.20 4.61
N ILE A 11 -4.60 -2.27 3.47
CA ILE A 11 -5.13 -3.54 2.95
C ILE A 11 -4.79 -3.66 1.47
N ILE A 12 -5.11 -2.63 0.71
CA ILE A 12 -4.84 -2.62 -0.72
C ILE A 12 -3.35 -2.36 -0.96
N GLY A 13 -2.98 -1.10 -1.22
CA GLY A 13 -1.57 -0.76 -1.38
C GLY A 13 -0.83 -1.26 -0.17
N GLY A 14 -1.62 -1.68 0.81
CA GLY A 14 -1.13 -2.24 2.04
C GLY A 14 -0.74 -3.69 1.85
N ALA A 15 -1.61 -4.47 1.21
CA ALA A 15 -1.29 -5.87 0.94
C ALA A 15 -0.53 -5.93 -0.36
N ALA A 16 0.17 -4.83 -0.67
CA ALA A 16 0.94 -4.70 -1.88
C ALA A 16 0.02 -4.39 -3.06
N LEU A 17 -1.00 -3.56 -2.82
CA LEU A 17 -1.93 -3.20 -3.89
C LEU A 17 -2.57 -4.47 -4.45
N ASP A 18 -2.96 -5.38 -3.55
CA ASP A 18 -3.59 -6.63 -3.95
C ASP A 18 -2.71 -7.37 -4.96
N HIS A 19 -2.83 -7.00 -6.24
CA HIS A 19 -2.04 -7.62 -7.28
C HIS A 19 -2.04 -6.75 -8.54
N LEU A 20 -1.68 -5.49 -8.38
CA LEU A 20 -1.64 -4.56 -9.50
C LEU A 20 -2.98 -4.56 -10.23
N TRP A 1 5.98 12.96 -2.07
CA TRP A 1 4.56 13.06 -1.77
C TRP A 1 3.72 12.43 -2.87
N LEU A 2 3.00 11.37 -2.51
CA LEU A 2 2.15 10.67 -3.49
C LEU A 2 0.88 11.46 -3.76
N ARG A 3 -0.03 11.47 -2.80
CA ARG A 3 -1.29 12.19 -2.92
C ARG A 3 -1.81 12.53 -1.53
N ARG A 4 -1.20 11.91 -0.54
CA ARG A 4 -1.57 12.13 0.86
C ARG A 4 -0.37 11.87 1.75
N ILE A 5 0.76 11.55 1.13
CA ILE A 5 1.98 11.28 1.87
C ILE A 5 1.76 10.17 2.90
N GLY A 6 2.02 8.93 2.48
CA GLY A 6 1.84 7.79 3.35
C GLY A 6 2.29 6.50 2.70
N LYS A 7 2.26 6.48 1.37
CA LYS A 7 2.67 5.29 0.62
C LYS A 7 1.84 4.08 1.05
N GLY A 8 0.92 3.66 0.19
CA GLY A 8 0.08 2.52 0.49
C GLY A 8 -1.00 2.86 1.49
N VAL A 9 -1.61 1.82 2.07
CA VAL A 9 -2.68 1.99 3.06
C VAL A 9 -2.59 0.87 4.10
N LYS A 10 -3.42 -0.15 3.94
CA LYS A 10 -3.42 -1.26 4.89
C LYS A 10 -4.16 -2.47 4.29
N ILE A 11 -5.01 -2.20 3.29
CA ILE A 11 -5.80 -3.25 2.64
C ILE A 11 -5.32 -3.51 1.21
N ILE A 12 -5.12 -2.44 0.45
CA ILE A 12 -4.70 -2.55 -0.96
C ILE A 12 -3.20 -2.35 -1.06
N GLY A 13 -2.77 -1.15 -1.49
CA GLY A 13 -1.35 -0.85 -1.56
C GLY A 13 -0.70 -1.20 -0.25
N GLY A 14 -1.57 -1.46 0.72
CA GLY A 14 -1.16 -1.86 2.05
C GLY A 14 -0.91 -3.35 2.06
N ALA A 15 -1.85 -4.12 1.51
CA ALA A 15 -1.65 -5.57 1.45
C ALA A 15 -0.80 -5.89 0.23
N ALA A 16 0.02 -4.90 -0.16
CA ALA A 16 0.88 -5.02 -1.32
C ALA A 16 0.08 -4.81 -2.60
N LEU A 17 -0.84 -3.84 -2.57
CA LEU A 17 -1.65 -3.57 -3.76
C LEU A 17 -2.36 -4.85 -4.21
N ASP A 18 -2.51 -5.80 -3.29
CA ASP A 18 -3.16 -7.06 -3.61
C ASP A 18 -2.49 -7.72 -4.82
N HIS A 19 -2.94 -7.34 -6.01
CA HIS A 19 -2.37 -7.89 -7.24
C HIS A 19 -0.85 -7.80 -7.22
N LEU A 20 -0.34 -6.71 -6.66
CA LEU A 20 1.10 -6.51 -6.58
C LEU A 20 1.73 -6.59 -7.99
N TRP A 1 -6.79 10.59 -4.76
CA TRP A 1 -6.34 9.81 -5.92
C TRP A 1 -5.84 8.45 -5.48
N LEU A 2 -6.63 7.81 -4.62
CA LEU A 2 -6.32 6.49 -4.10
C LEU A 2 -7.42 6.03 -3.17
N ARG A 3 -7.65 6.82 -2.13
CA ARG A 3 -8.68 6.55 -1.14
C ARG A 3 -8.80 7.77 -0.24
N ARG A 4 -7.73 8.55 -0.24
CA ARG A 4 -7.67 9.77 0.54
C ARG A 4 -6.34 10.48 0.27
N ILE A 5 -5.72 10.12 -0.85
CA ILE A 5 -4.44 10.72 -1.23
C ILE A 5 -3.37 10.43 -0.18
N GLY A 6 -2.22 9.95 -0.65
CA GLY A 6 -1.12 9.64 0.26
C GLY A 6 -1.34 8.34 1.01
N LYS A 7 -2.34 8.33 1.90
CA LYS A 7 -2.63 7.14 2.70
C LYS A 7 -3.57 6.20 1.95
N GLY A 8 -3.93 5.09 2.61
CA GLY A 8 -4.83 4.11 2.01
C GLY A 8 -4.08 2.96 1.38
N VAL A 9 -3.42 2.15 2.22
CA VAL A 9 -2.65 1.00 1.72
C VAL A 9 -2.50 -0.04 2.83
N LYS A 10 -3.41 -0.02 3.80
CA LYS A 10 -3.37 -0.97 4.90
C LYS A 10 -3.86 -2.35 4.44
N ILE A 11 -4.50 -2.36 3.27
CA ILE A 11 -5.02 -3.62 2.70
C ILE A 11 -4.75 -3.66 1.20
N ILE A 12 -4.87 -2.50 0.56
CA ILE A 12 -4.63 -2.40 -0.88
C ILE A 12 -3.14 -2.49 -1.13
N GLY A 13 -2.46 -1.33 -1.09
CA GLY A 13 -1.02 -1.32 -1.24
C GLY A 13 -0.46 -2.13 -0.10
N GLY A 14 -1.39 -2.53 0.77
CA GLY A 14 -1.07 -3.34 1.92
C GLY A 14 -1.01 -4.80 1.53
N ALA A 15 -1.97 -5.24 0.71
CA ALA A 15 -1.98 -6.62 0.23
C ALA A 15 -1.16 -6.66 -1.04
N ALA A 16 -0.18 -5.75 -1.10
CA ALA A 16 0.69 -5.63 -2.26
C ALA A 16 -0.07 -4.96 -3.40
N LEU A 17 -0.92 -3.99 -3.07
CA LEU A 17 -1.69 -3.30 -4.11
C LEU A 17 -2.45 -4.32 -4.96
N ASP A 18 -3.16 -5.23 -4.29
CA ASP A 18 -3.92 -6.26 -4.99
C ASP A 18 -3.06 -6.95 -6.04
N HIS A 19 -1.74 -6.91 -5.83
CA HIS A 19 -0.82 -7.54 -6.76
C HIS A 19 -1.06 -7.04 -8.18
N LEU A 20 -0.96 -5.72 -8.35
CA LEU A 20 -1.18 -5.12 -9.67
C LEU A 20 -0.67 -3.68 -9.67
N TRP A 1 6.12 12.40 5.63
CA TRP A 1 6.73 11.31 4.89
C TRP A 1 6.94 10.10 5.79
N LEU A 2 6.47 8.94 5.34
CA LEU A 2 6.61 7.71 6.12
C LEU A 2 8.06 7.24 6.11
N ARG A 3 8.48 6.67 4.98
CA ARG A 3 9.85 6.18 4.82
C ARG A 3 10.28 6.34 3.37
N ARG A 4 9.31 6.64 2.52
CA ARG A 4 9.57 6.83 1.10
C ARG A 4 8.36 7.50 0.45
N ILE A 5 7.39 7.91 1.28
CA ILE A 5 6.19 8.57 0.77
C ILE A 5 5.50 7.67 -0.26
N GLY A 6 5.30 6.40 0.09
CA GLY A 6 4.66 5.47 -0.81
C GLY A 6 4.80 4.03 -0.33
N LYS A 7 4.62 3.82 0.97
CA LYS A 7 4.73 2.48 1.54
C LYS A 7 3.51 1.65 1.20
N GLY A 8 2.39 1.94 1.87
CA GLY A 8 1.16 1.21 1.62
C GLY A 8 0.00 1.79 2.41
N VAL A 9 -1.21 1.55 1.93
CA VAL A 9 -2.41 2.05 2.59
C VAL A 9 -2.70 1.24 3.86
N LYS A 10 -3.39 0.12 3.70
CA LYS A 10 -3.72 -0.73 4.84
C LYS A 10 -4.25 -2.09 4.38
N ILE A 11 -4.75 -2.13 3.15
CA ILE A 11 -5.29 -3.37 2.56
C ILE A 11 -4.88 -3.46 1.09
N ILE A 12 -5.06 -2.38 0.37
CA ILE A 12 -4.72 -2.34 -1.05
C ILE A 12 -3.21 -2.18 -1.20
N GLY A 13 -2.74 -0.93 -1.32
CA GLY A 13 -1.31 -0.67 -1.38
C GLY A 13 -0.69 -1.25 -0.13
N GLY A 14 -1.59 -1.67 0.75
CA GLY A 14 -1.23 -2.31 1.99
C GLY A 14 -0.90 -3.76 1.77
N ALA A 15 -1.76 -4.47 1.02
CA ALA A 15 -1.49 -5.87 0.70
C ALA A 15 -0.61 -5.91 -0.54
N ALA A 16 0.17 -4.84 -0.71
CA ALA A 16 1.05 -4.69 -1.85
C ALA A 16 0.24 -4.31 -3.08
N LEU A 17 -0.76 -3.45 -2.89
CA LEU A 17 -1.59 -3.03 -4.03
C LEU A 17 -2.29 -4.26 -4.64
N ASP A 18 -2.72 -5.17 -3.79
CA ASP A 18 -3.41 -6.38 -4.24
C ASP A 18 -2.63 -7.04 -5.38
N HIS A 19 -1.40 -7.45 -5.09
CA HIS A 19 -0.55 -8.10 -6.08
C HIS A 19 -0.66 -7.42 -7.45
N LEU A 20 -0.50 -6.09 -7.45
CA LEU A 20 -0.59 -5.33 -8.69
C LEU A 20 -1.89 -5.66 -9.43
N TRP A 1 8.79 11.58 4.27
CA TRP A 1 8.15 10.81 5.33
C TRP A 1 6.73 11.30 5.57
N LEU A 2 5.81 10.90 4.72
CA LEU A 2 4.41 11.31 4.86
C LEU A 2 3.84 10.77 6.17
N ARG A 3 3.32 9.55 6.12
CA ARG A 3 2.73 8.90 7.29
C ARG A 3 3.10 7.43 7.28
N ARG A 4 3.56 6.96 6.12
CA ARG A 4 3.96 5.57 5.95
C ARG A 4 4.98 5.47 4.81
N ILE A 5 5.56 6.61 4.45
CA ILE A 5 6.54 6.66 3.37
C ILE A 5 5.93 6.08 2.09
N GLY A 6 4.69 6.48 1.81
CA GLY A 6 4.00 6.01 0.63
C GLY A 6 4.22 4.53 0.36
N LYS A 7 4.51 3.80 1.43
CA LYS A 7 4.75 2.35 1.30
C LYS A 7 3.46 1.62 0.96
N GLY A 8 2.35 2.09 1.53
CA GLY A 8 1.06 1.47 1.28
C GLY A 8 -0.02 2.01 2.19
N VAL A 9 -1.27 1.71 1.85
CA VAL A 9 -2.40 2.17 2.66
C VAL A 9 -2.50 1.35 3.95
N LYS A 10 -3.14 0.19 3.87
CA LYS A 10 -3.29 -0.67 5.04
C LYS A 10 -3.86 -2.03 4.64
N ILE A 11 -4.61 -2.05 3.54
CA ILE A 11 -5.22 -3.29 3.03
C ILE A 11 -4.99 -3.42 1.54
N ILE A 12 -5.25 -2.34 0.80
CA ILE A 12 -5.08 -2.34 -0.64
C ILE A 12 -3.62 -2.14 -0.99
N GLY A 13 -3.20 -0.88 -1.21
CA GLY A 13 -1.80 -0.60 -1.46
C GLY A 13 -1.01 -1.11 -0.28
N GLY A 14 -1.79 -1.51 0.73
CA GLY A 14 -1.27 -2.08 1.95
C GLY A 14 -0.92 -3.53 1.75
N ALA A 15 -1.85 -4.29 1.13
CA ALA A 15 -1.55 -5.69 0.85
C ALA A 15 -0.80 -5.76 -0.47
N ALA A 16 -0.06 -4.69 -0.74
CA ALA A 16 0.71 -4.57 -1.96
C ALA A 16 -0.23 -4.27 -3.12
N LEU A 17 -1.25 -3.45 -2.87
CA LEU A 17 -2.21 -3.11 -3.93
C LEU A 17 -2.79 -4.40 -4.51
N ASP A 18 -3.27 -5.28 -3.64
CA ASP A 18 -3.86 -6.54 -4.06
C ASP A 18 -2.87 -7.33 -4.92
N HIS A 19 -2.80 -6.99 -6.21
CA HIS A 19 -1.88 -7.68 -7.12
C HIS A 19 -1.71 -6.87 -8.40
N LEU A 20 -1.53 -5.56 -8.25
CA LEU A 20 -1.36 -4.69 -9.41
C LEU A 20 -0.84 -3.32 -8.96
N TRP A 1 10.19 13.43 -1.51
CA TRP A 1 8.85 13.12 -2.00
C TRP A 1 8.88 11.91 -2.93
N LEU A 2 8.41 10.77 -2.42
CA LEU A 2 8.40 9.55 -3.21
C LEU A 2 7.44 9.68 -4.40
N ARG A 3 6.18 9.35 -4.15
CA ARG A 3 5.15 9.44 -5.18
C ARG A 3 3.81 9.82 -4.55
N ARG A 4 3.79 9.75 -3.22
CA ARG A 4 2.59 10.10 -2.47
C ARG A 4 2.96 10.33 -1.01
N ILE A 5 4.27 10.29 -0.71
CA ILE A 5 4.75 10.51 0.64
C ILE A 5 4.19 9.44 1.57
N GLY A 6 4.95 8.37 1.77
CA GLY A 6 4.52 7.28 2.64
C GLY A 6 3.39 6.50 2.03
N LYS A 7 3.69 5.75 0.97
CA LYS A 7 2.68 4.94 0.30
C LYS A 7 2.18 3.84 1.23
N GLY A 8 1.40 2.91 0.67
CA GLY A 8 0.86 1.82 1.45
C GLY A 8 -0.30 2.25 2.32
N VAL A 9 -1.51 1.90 1.91
CA VAL A 9 -2.71 2.26 2.67
C VAL A 9 -2.88 1.35 3.88
N LYS A 10 -3.46 0.17 3.67
CA LYS A 10 -3.67 -0.78 4.75
C LYS A 10 -4.15 -2.12 4.20
N ILE A 11 -4.77 -2.10 3.02
CA ILE A 11 -5.28 -3.32 2.38
C ILE A 11 -4.74 -3.45 0.97
N ILE A 12 -4.90 -2.39 0.17
CA ILE A 12 -4.42 -2.39 -1.21
C ILE A 12 -2.92 -2.22 -1.23
N GLY A 13 -2.45 -0.98 -1.46
CA GLY A 13 -1.02 -0.72 -1.43
C GLY A 13 -0.46 -1.25 -0.13
N GLY A 14 -1.40 -1.62 0.73
CA GLY A 14 -1.11 -2.19 2.03
C GLY A 14 -0.76 -3.65 1.87
N ALA A 15 -1.60 -4.40 1.13
CA ALA A 15 -1.30 -5.82 0.90
C ALA A 15 -0.43 -5.91 -0.33
N ALA A 16 0.37 -4.88 -0.53
CA ALA A 16 1.26 -4.78 -1.68
C ALA A 16 0.45 -4.47 -2.93
N LEU A 17 -0.51 -3.55 -2.82
CA LEU A 17 -1.33 -3.19 -3.97
C LEU A 17 -2.16 -4.39 -4.42
N ASP A 18 -2.87 -5.00 -3.48
CA ASP A 18 -3.70 -6.16 -3.77
C ASP A 18 -2.83 -7.38 -4.08
N HIS A 19 -2.19 -7.36 -5.25
CA HIS A 19 -1.32 -8.46 -5.66
C HIS A 19 -0.34 -8.00 -6.72
N LEU A 20 -0.14 -6.69 -6.81
CA LEU A 20 0.79 -6.13 -7.79
C LEU A 20 0.46 -6.65 -9.19
N TRP A 1 7.61 9.93 10.60
CA TRP A 1 7.94 9.73 9.19
C TRP A 1 8.70 8.43 9.01
N LEU A 2 8.08 7.47 8.32
CA LEU A 2 8.71 6.18 8.06
C LEU A 2 9.73 6.31 6.93
N ARG A 3 9.22 6.37 5.70
CA ARG A 3 10.06 6.50 4.52
C ARG A 3 9.32 7.32 3.47
N ARG A 4 8.00 7.33 3.58
CA ARG A 4 7.13 8.07 2.67
C ARG A 4 5.91 8.57 3.41
N ILE A 5 5.93 8.40 4.74
CA ILE A 5 4.81 8.83 5.58
C ILE A 5 3.54 8.09 5.18
N GLY A 6 3.26 6.99 5.87
CA GLY A 6 2.08 6.20 5.59
C GLY A 6 2.27 5.33 4.36
N LYS A 7 3.34 4.53 4.37
CA LYS A 7 3.63 3.65 3.26
C LYS A 7 2.51 2.65 3.03
N GLY A 8 1.95 2.65 1.83
CA GLY A 8 0.87 1.75 1.50
C GLY A 8 -0.36 1.99 2.35
N VAL A 9 -1.52 1.95 1.72
CA VAL A 9 -2.78 2.17 2.45
C VAL A 9 -2.90 1.15 3.59
N LYS A 10 -3.75 0.13 3.40
CA LYS A 10 -3.94 -0.89 4.43
C LYS A 10 -4.48 -2.18 3.81
N ILE A 11 -5.11 -2.05 2.64
CA ILE A 11 -5.70 -3.21 1.94
C ILE A 11 -4.98 -3.48 0.62
N ILE A 12 -4.79 -2.44 -0.18
CA ILE A 12 -4.14 -2.59 -1.49
C ILE A 12 -2.65 -2.36 -1.36
N GLY A 13 -2.18 -1.15 -1.70
CA GLY A 13 -0.78 -0.82 -1.53
C GLY A 13 -0.37 -1.13 -0.11
N GLY A 14 -1.41 -1.39 0.68
CA GLY A 14 -1.26 -1.75 2.06
C GLY A 14 -0.92 -3.22 2.17
N ALA A 15 -1.69 -4.08 1.47
CA ALA A 15 -1.39 -5.51 1.48
C ALA A 15 -0.35 -5.78 0.41
N ALA A 16 0.47 -4.76 0.15
CA ALA A 16 1.50 -4.85 -0.87
C ALA A 16 0.87 -4.75 -2.26
N LEU A 17 -0.08 -3.83 -2.41
CA LEU A 17 -0.76 -3.66 -3.70
C LEU A 17 -1.58 -4.91 -4.03
N ASP A 18 -1.53 -5.90 -3.13
CA ASP A 18 -2.27 -7.14 -3.33
C ASP A 18 -2.00 -7.74 -4.71
N HIS A 19 -2.76 -7.28 -5.71
CA HIS A 19 -2.59 -7.78 -7.07
C HIS A 19 -1.12 -7.77 -7.48
N LEU A 20 -0.31 -7.00 -6.76
CA LEU A 20 1.11 -6.91 -7.07
C LEU A 20 1.31 -6.51 -8.53
N TRP A 1 7.90 9.09 -10.28
CA TRP A 1 7.71 9.32 -8.85
C TRP A 1 6.26 9.74 -8.57
N LEU A 2 5.56 8.92 -7.80
CA LEU A 2 4.17 9.22 -7.45
C LEU A 2 4.08 10.55 -6.73
N ARG A 3 4.37 10.53 -5.45
CA ARG A 3 4.33 11.73 -4.61
C ARG A 3 4.86 11.38 -3.23
N ARG A 4 4.85 10.08 -2.95
CA ARG A 4 5.33 9.55 -1.68
C ARG A 4 5.89 8.15 -1.89
N ILE A 5 5.97 7.74 -3.15
CA ILE A 5 6.49 6.42 -3.50
C ILE A 5 5.61 5.32 -2.88
N GLY A 6 4.46 5.08 -3.50
CA GLY A 6 3.54 4.08 -3.01
C GLY A 6 3.14 4.32 -1.57
N LYS A 7 2.15 5.19 -1.38
CA LYS A 7 1.68 5.50 -0.03
C LYS A 7 1.31 4.21 0.71
N GLY A 8 0.85 3.21 -0.05
CA GLY A 8 0.47 1.95 0.53
C GLY A 8 -0.45 2.12 1.72
N VAL A 9 -1.75 1.92 1.50
CA VAL A 9 -2.73 2.05 2.56
C VAL A 9 -2.52 0.93 3.59
N LYS A 10 -3.36 -0.11 3.51
CA LYS A 10 -3.26 -1.22 4.46
C LYS A 10 -4.00 -2.45 3.92
N ILE A 11 -4.89 -2.22 2.95
CA ILE A 11 -5.70 -3.30 2.35
C ILE A 11 -5.43 -3.44 0.85
N ILE A 12 -5.37 -2.31 0.15
CA ILE A 12 -5.14 -2.31 -1.30
C ILE A 12 -3.67 -2.09 -1.60
N GLY A 13 -3.28 -0.84 -1.91
CA GLY A 13 -1.88 -0.55 -2.13
C GLY A 13 -1.11 -0.97 -0.90
N GLY A 14 -1.88 -1.34 0.11
CA GLY A 14 -1.36 -1.82 1.36
C GLY A 14 -1.07 -3.30 1.26
N ALA A 15 -2.03 -4.07 0.72
CA ALA A 15 -1.81 -5.49 0.55
C ALA A 15 -1.02 -5.70 -0.74
N ALA A 16 -0.22 -4.69 -1.08
CA ALA A 16 0.58 -4.71 -2.29
C ALA A 16 -0.31 -4.42 -3.50
N LEU A 17 -1.28 -3.52 -3.34
CA LEU A 17 -2.18 -3.21 -4.45
C LEU A 17 -2.80 -4.48 -5.00
N ASP A 18 -3.19 -5.38 -4.11
CA ASP A 18 -3.80 -6.65 -4.52
C ASP A 18 -2.88 -7.39 -5.48
N HIS A 19 -1.57 -7.20 -5.30
CA HIS A 19 -0.59 -7.85 -6.16
C HIS A 19 -0.89 -7.56 -7.63
N LEU A 20 -0.70 -6.31 -8.03
CA LEU A 20 -0.97 -5.91 -9.41
C LEU A 20 -0.31 -4.56 -9.69
N TRP A 1 3.31 -5.88 14.38
CA TRP A 1 4.11 -4.90 13.66
C TRP A 1 4.53 -5.43 12.30
N LEU A 2 3.92 -4.90 11.25
CA LEU A 2 4.23 -5.33 9.89
C LEU A 2 5.69 -4.98 9.56
N ARG A 3 5.89 -3.78 9.04
CA ARG A 3 7.23 -3.30 8.68
C ARG A 3 7.35 -1.83 9.02
N ARG A 4 6.21 -1.20 9.25
CA ARG A 4 6.15 0.21 9.59
C ARG A 4 4.72 0.57 10.01
N ILE A 5 3.90 -0.45 10.20
CA ILE A 5 2.50 -0.23 10.60
C ILE A 5 1.78 0.61 9.55
N GLY A 6 1.27 -0.06 8.53
CA GLY A 6 0.56 0.62 7.45
C GLY A 6 1.48 1.42 6.57
N LYS A 7 2.24 0.72 5.74
CA LYS A 7 3.18 1.39 4.83
C LYS A 7 2.42 2.13 3.73
N GLY A 8 1.09 2.00 3.73
CA GLY A 8 0.28 2.65 2.74
C GLY A 8 -1.20 2.58 3.08
N VAL A 9 -2.00 2.09 2.14
CA VAL A 9 -3.43 1.97 2.34
C VAL A 9 -3.73 0.97 3.47
N LYS A 10 -2.71 0.18 3.82
CA LYS A 10 -2.83 -0.82 4.88
C LYS A 10 -3.69 -2.01 4.42
N ILE A 11 -4.49 -1.80 3.37
CA ILE A 11 -5.37 -2.85 2.84
C ILE A 11 -5.10 -3.12 1.36
N ILE A 12 -4.95 -2.05 0.59
CA ILE A 12 -4.70 -2.17 -0.85
C ILE A 12 -3.21 -2.10 -1.13
N GLY A 13 -2.69 -0.92 -1.46
CA GLY A 13 -1.27 -0.76 -1.65
C GLY A 13 -0.57 -1.19 -0.39
N GLY A 14 -1.41 -1.45 0.61
CA GLY A 14 -0.96 -1.92 1.90
C GLY A 14 -0.80 -3.42 1.87
N ALA A 15 -1.81 -4.12 1.34
CA ALA A 15 -1.71 -5.57 1.24
C ALA A 15 -0.93 -5.91 -0.03
N ALA A 16 -0.06 -4.98 -0.42
CA ALA A 16 0.75 -5.12 -1.62
C ALA A 16 -0.09 -4.81 -2.86
N LEU A 17 -0.96 -3.79 -2.75
CA LEU A 17 -1.81 -3.44 -3.89
C LEU A 17 -2.58 -4.66 -4.38
N ASP A 18 -3.05 -5.46 -3.42
CA ASP A 18 -3.82 -6.67 -3.74
C ASP A 18 -3.02 -7.59 -4.65
N HIS A 19 -2.97 -7.28 -5.94
CA HIS A 19 -2.23 -8.10 -6.89
C HIS A 19 -0.74 -8.07 -6.57
N LEU A 20 -0.14 -6.89 -6.61
CA LEU A 20 1.28 -6.75 -6.32
C LEU A 20 1.65 -5.28 -6.17
N TRP A 1 -11.89 12.80 10.00
CA TRP A 1 -10.65 12.05 10.05
C TRP A 1 -9.67 12.55 9.00
N LEU A 2 -8.44 12.03 9.04
CA LEU A 2 -7.42 12.43 8.08
C LEU A 2 -7.75 11.88 6.70
N ARG A 3 -8.78 11.03 6.63
CA ARG A 3 -9.20 10.42 5.37
C ARG A 3 -8.24 9.30 4.96
N ARG A 4 -6.95 9.56 5.06
CA ARG A 4 -5.95 8.56 4.71
C ARG A 4 -5.89 7.47 5.77
N ILE A 5 -6.08 7.85 7.02
CA ILE A 5 -6.06 6.89 8.12
C ILE A 5 -7.29 6.00 8.06
N GLY A 6 -8.42 6.57 7.66
CA GLY A 6 -9.66 5.81 7.56
C GLY A 6 -9.56 4.72 6.51
N LYS A 7 -8.81 4.99 5.45
CA LYS A 7 -8.64 4.02 4.37
C LYS A 7 -7.50 4.44 3.45
N GLY A 8 -6.70 3.46 3.02
CA GLY A 8 -5.59 3.74 2.13
C GLY A 8 -4.86 2.49 1.73
N VAL A 9 -3.53 2.55 1.76
CA VAL A 9 -2.70 1.40 1.40
C VAL A 9 -2.67 0.37 2.53
N LYS A 10 -3.72 0.36 3.34
CA LYS A 10 -3.81 -0.58 4.46
C LYS A 10 -4.28 -1.94 3.95
N ILE A 11 -4.86 -1.94 2.74
CA ILE A 11 -5.38 -3.17 2.12
C ILE A 11 -4.88 -3.28 0.68
N ILE A 12 -4.83 -2.16 -0.01
CA ILE A 12 -4.38 -2.12 -1.39
C ILE A 12 -2.88 -2.24 -1.43
N GLY A 13 -2.18 -1.09 -1.36
CA GLY A 13 -0.74 -1.11 -1.29
C GLY A 13 -0.36 -1.84 -0.03
N GLY A 14 -1.42 -2.19 0.71
CA GLY A 14 -1.30 -2.93 1.95
C GLY A 14 -1.21 -4.40 1.65
N ALA A 15 -2.07 -4.89 0.76
CA ALA A 15 -2.03 -6.31 0.37
C ALA A 15 -1.07 -6.42 -0.81
N ALA A 16 -0.12 -5.50 -0.84
CA ALA A 16 0.87 -5.45 -1.90
C ALA A 16 0.20 -4.92 -3.18
N LEU A 17 -0.59 -3.85 -3.04
CA LEU A 17 -1.28 -3.27 -4.18
C LEU A 17 -2.29 -4.26 -4.75
N ASP A 18 -2.81 -5.13 -3.89
CA ASP A 18 -3.79 -6.14 -4.32
C ASP A 18 -3.30 -6.86 -5.57
N HIS A 19 -1.98 -6.93 -5.73
CA HIS A 19 -1.40 -7.60 -6.89
C HIS A 19 -1.99 -7.02 -8.17
N LEU A 20 -2.01 -5.69 -8.27
CA LEU A 20 -2.55 -5.03 -9.45
C LEU A 20 -1.92 -5.61 -10.73
N TRP A 1 16.22 1.91 5.10
CA TRP A 1 15.29 2.42 4.10
C TRP A 1 13.85 2.37 4.64
N LEU A 2 12.91 2.84 3.82
CA LEU A 2 11.51 2.84 4.21
C LEU A 2 11.03 1.41 4.44
N ARG A 3 11.83 0.44 3.97
CA ARG A 3 11.51 -0.97 4.12
C ARG A 3 10.48 -1.39 3.08
N ARG A 4 9.39 -0.63 2.99
CA ARG A 4 8.33 -0.93 2.03
C ARG A 4 8.72 -0.45 0.64
N ILE A 5 9.46 0.66 0.59
CA ILE A 5 9.90 1.22 -0.69
C ILE A 5 8.74 1.31 -1.67
N GLY A 6 7.64 1.92 -1.23
CA GLY A 6 6.46 2.06 -2.08
C GLY A 6 5.24 2.47 -1.29
N LYS A 7 5.40 2.59 0.03
CA LYS A 7 4.29 2.97 0.90
C LYS A 7 3.09 2.06 0.69
N GLY A 8 2.04 2.27 1.47
CA GLY A 8 0.85 1.45 1.37
C GLY A 8 -0.25 1.94 2.30
N VAL A 9 -1.50 1.71 1.90
CA VAL A 9 -2.63 2.13 2.72
C VAL A 9 -2.78 1.23 3.94
N LYS A 10 -3.43 0.08 3.76
CA LYS A 10 -3.63 -0.84 4.88
C LYS A 10 -4.20 -2.17 4.39
N ILE A 11 -4.80 -2.16 3.20
CA ILE A 11 -5.39 -3.38 2.62
C ILE A 11 -5.04 -3.50 1.14
N ILE A 12 -5.21 -2.41 0.41
CA ILE A 12 -4.91 -2.39 -1.03
C ILE A 12 -3.43 -2.12 -1.22
N GLY A 13 -3.07 -0.84 -1.44
CA GLY A 13 -1.66 -0.48 -1.56
C GLY A 13 -0.95 -0.96 -0.32
N GLY A 14 -1.78 -1.40 0.61
CA GLY A 14 -1.33 -1.95 1.88
C GLY A 14 -0.91 -3.39 1.67
N ALA A 15 -1.77 -4.20 1.03
CA ALA A 15 -1.42 -5.59 0.76
C ALA A 15 -0.65 -5.63 -0.55
N ALA A 16 0.05 -4.53 -0.82
CA ALA A 16 0.83 -4.39 -2.04
C ALA A 16 -0.11 -4.15 -3.22
N LEU A 17 -1.11 -3.27 -3.03
CA LEU A 17 -2.07 -2.98 -4.09
C LEU A 17 -2.89 -4.22 -4.42
N ASP A 18 -2.97 -5.14 -3.47
CA ASP A 18 -3.74 -6.37 -3.67
C ASP A 18 -3.24 -7.10 -4.90
N HIS A 19 -1.98 -6.86 -5.27
CA HIS A 19 -1.40 -7.50 -6.44
C HIS A 19 -2.27 -7.27 -7.67
N LEU A 20 -2.29 -6.02 -8.14
CA LEU A 20 -3.10 -5.67 -9.31
C LEU A 20 -4.57 -5.99 -9.06
N TRP A 1 -14.03 2.17 -3.99
CA TRP A 1 -13.70 3.48 -3.47
C TRP A 1 -13.11 4.37 -4.57
N LEU A 2 -12.89 5.64 -4.25
CA LEU A 2 -12.33 6.58 -5.21
C LEU A 2 -10.82 6.39 -5.33
N ARG A 3 -10.26 5.59 -4.43
CA ARG A 3 -8.82 5.32 -4.43
C ARG A 3 -8.00 6.58 -4.14
N ARG A 4 -8.64 7.75 -4.22
CA ARG A 4 -7.97 9.03 -3.97
C ARG A 4 -8.46 9.65 -2.66
N ILE A 5 -9.57 9.14 -2.15
CA ILE A 5 -10.13 9.64 -0.91
C ILE A 5 -9.06 9.69 0.18
N GLY A 6 -8.10 8.78 0.09
CA GLY A 6 -7.03 8.72 1.06
C GLY A 6 -6.17 7.48 0.88
N LYS A 7 -6.35 6.81 -0.25
CA LYS A 7 -5.58 5.60 -0.54
C LYS A 7 -5.80 4.54 0.53
N GLY A 8 -5.15 4.70 1.67
CA GLY A 8 -5.30 3.75 2.76
C GLY A 8 -4.69 2.40 2.41
N VAL A 9 -3.36 2.36 2.30
CA VAL A 9 -2.66 1.13 1.96
C VAL A 9 -2.58 0.21 3.18
N LYS A 10 -3.61 0.26 4.03
CA LYS A 10 -3.65 -0.58 5.23
C LYS A 10 -4.17 -1.98 4.88
N ILE A 11 -4.71 -2.11 3.67
CA ILE A 11 -5.27 -3.38 3.19
C ILE A 11 -4.89 -3.61 1.74
N ILE A 12 -4.94 -2.54 0.96
CA ILE A 12 -4.62 -2.60 -0.46
C ILE A 12 -3.12 -2.70 -0.62
N GLY A 13 -2.44 -1.55 -0.70
CA GLY A 13 -1.00 -1.55 -0.75
C GLY A 13 -0.49 -2.19 0.51
N GLY A 14 -1.48 -2.47 1.37
CA GLY A 14 -1.23 -3.13 2.64
C GLY A 14 -1.15 -4.63 2.45
N ALA A 15 -2.08 -5.18 1.67
CA ALA A 15 -2.05 -6.61 1.38
C ALA A 15 -1.16 -6.84 0.18
N ALA A 16 -0.21 -5.92 0.01
CA ALA A 16 0.72 -5.96 -1.11
C ALA A 16 0.04 -5.44 -2.37
N LEU A 17 -0.81 -4.42 -2.23
CA LEU A 17 -1.51 -3.87 -3.39
C LEU A 17 -2.27 -4.98 -4.11
N ASP A 18 -2.49 -6.10 -3.42
CA ASP A 18 -3.21 -7.23 -4.00
C ASP A 18 -2.53 -7.69 -5.29
N HIS A 19 -2.81 -6.99 -6.39
CA HIS A 19 -2.21 -7.35 -7.67
C HIS A 19 -0.70 -7.50 -7.55
N LEU A 20 -0.03 -6.42 -7.17
CA LEU A 20 1.42 -6.44 -7.02
C LEU A 20 1.91 -5.17 -6.32
N TRP A 1 11.04 -4.78 4.54
CA TRP A 1 9.59 -4.58 4.52
C TRP A 1 9.16 -3.93 3.22
N LEU A 2 7.84 -3.90 2.98
CA LEU A 2 7.31 -3.31 1.76
C LEU A 2 7.39 -1.78 1.84
N ARG A 3 7.64 -1.27 3.05
CA ARG A 3 7.75 0.17 3.28
C ARG A 3 6.37 0.82 3.25
N ARG A 4 5.51 0.36 2.35
CA ARG A 4 4.16 0.91 2.22
C ARG A 4 3.28 0.38 3.34
N ILE A 5 3.64 -0.78 3.89
CA ILE A 5 2.88 -1.38 4.97
C ILE A 5 2.73 -0.39 6.13
N GLY A 6 3.80 0.35 6.40
CA GLY A 6 3.78 1.33 7.47
C GLY A 6 3.04 2.59 7.07
N LYS A 7 2.76 2.73 5.78
CA LYS A 7 2.05 3.89 5.28
C LYS A 7 1.61 3.68 3.84
N GLY A 8 0.32 3.44 3.65
CA GLY A 8 -0.21 3.22 2.31
C GLY A 8 -1.74 3.19 2.30
N VAL A 9 -2.30 2.00 2.49
CA VAL A 9 -3.76 1.84 2.51
C VAL A 9 -4.16 0.74 3.49
N LYS A 10 -3.18 -0.07 3.90
CA LYS A 10 -3.41 -1.16 4.84
C LYS A 10 -4.22 -2.29 4.19
N ILE A 11 -4.82 -2.01 3.03
CA ILE A 11 -5.63 -2.99 2.32
C ILE A 11 -5.10 -3.22 0.90
N ILE A 12 -4.80 -2.13 0.20
CA ILE A 12 -4.31 -2.19 -1.17
C ILE A 12 -2.80 -2.08 -1.18
N GLY A 13 -2.26 -0.88 -1.46
CA GLY A 13 -0.82 -0.67 -1.42
C GLY A 13 -0.31 -1.14 -0.09
N GLY A 14 -1.27 -1.43 0.78
CA GLY A 14 -0.99 -1.94 2.11
C GLY A 14 -0.81 -3.43 2.06
N ALA A 15 -1.76 -4.12 1.39
CA ALA A 15 -1.64 -5.58 1.26
C ALA A 15 -0.80 -5.88 0.03
N ALA A 16 0.06 -4.91 -0.29
CA ALA A 16 0.94 -5.01 -1.45
C ALA A 16 0.16 -4.71 -2.73
N LEU A 17 -0.60 -3.61 -2.71
CA LEU A 17 -1.40 -3.22 -3.88
C LEU A 17 -2.44 -4.29 -4.18
N ASP A 18 -2.49 -5.32 -3.34
CA ASP A 18 -3.45 -6.41 -3.53
C ASP A 18 -3.39 -6.93 -4.95
N HIS A 19 -2.18 -7.16 -5.46
CA HIS A 19 -2.00 -7.66 -6.81
C HIS A 19 -2.69 -6.75 -7.82
N LEU A 20 -2.67 -5.45 -7.54
CA LEU A 20 -3.30 -4.48 -8.43
C LEU A 20 -2.85 -3.06 -8.07
N TRP A 1 7.66 11.03 -5.97
CA TRP A 1 6.39 11.21 -5.29
C TRP A 1 5.47 10.02 -5.55
N LEU A 2 4.98 9.41 -4.47
CA LEU A 2 4.09 8.26 -4.59
C LEU A 2 2.74 8.68 -5.16
N ARG A 3 2.00 9.43 -4.36
CA ARG A 3 0.68 9.92 -4.75
C ARG A 3 0.19 10.89 -3.69
N ARG A 4 0.85 10.82 -2.54
CA ARG A 4 0.54 11.69 -1.42
C ARG A 4 1.49 11.38 -0.26
N ILE A 5 2.53 10.60 -0.55
CA ILE A 5 3.50 10.23 0.46
C ILE A 5 2.81 9.51 1.62
N GLY A 6 2.59 8.22 1.45
CA GLY A 6 1.94 7.42 2.47
C GLY A 6 2.14 5.93 2.25
N LYS A 7 2.72 5.58 1.10
CA LYS A 7 2.96 4.19 0.77
C LYS A 7 1.66 3.39 0.82
N GLY A 8 1.77 2.09 1.08
CA GLY A 8 0.60 1.23 1.15
C GLY A 8 -0.55 1.88 1.91
N VAL A 9 -1.77 1.61 1.45
CA VAL A 9 -2.95 2.17 2.10
C VAL A 9 -3.20 1.51 3.45
N LYS A 10 -3.74 0.30 3.43
CA LYS A 10 -4.02 -0.42 4.66
C LYS A 10 -4.47 -1.86 4.33
N ILE A 11 -4.88 -2.06 3.09
CA ILE A 11 -5.34 -3.38 2.63
C ILE A 11 -4.89 -3.63 1.20
N ILE A 12 -5.07 -2.63 0.35
CA ILE A 12 -4.68 -2.74 -1.06
C ILE A 12 -3.18 -2.55 -1.18
N GLY A 13 -2.74 -1.30 -1.38
CA GLY A 13 -1.32 -1.02 -1.42
C GLY A 13 -0.73 -1.44 -0.10
N GLY A 14 -1.65 -1.82 0.78
CA GLY A 14 -1.34 -2.30 2.10
C GLY A 14 -0.96 -3.76 2.05
N ALA A 15 -1.77 -4.56 1.35
CA ALA A 15 -1.45 -5.98 1.21
C ALA A 15 -0.52 -6.14 0.02
N ALA A 16 0.24 -5.07 -0.23
CA ALA A 16 1.18 -5.03 -1.34
C ALA A 16 0.41 -4.81 -2.65
N LEU A 17 -0.59 -3.94 -2.61
CA LEU A 17 -1.38 -3.67 -3.81
C LEU A 17 -2.00 -4.96 -4.33
N ASP A 18 -2.43 -5.82 -3.41
CA ASP A 18 -3.04 -7.09 -3.77
C ASP A 18 -2.13 -7.89 -4.70
N HIS A 19 -2.19 -7.57 -5.99
CA HIS A 19 -1.36 -8.26 -6.98
C HIS A 19 0.11 -8.24 -6.56
N LEU A 20 0.68 -7.04 -6.49
CA LEU A 20 2.08 -6.91 -6.11
C LEU A 20 2.28 -7.33 -4.66
N TRP A 1 -10.72 2.87 9.12
CA TRP A 1 -11.64 3.72 8.36
C TRP A 1 -12.84 2.91 7.88
N LEU A 2 -13.80 3.60 7.28
CA LEU A 2 -15.00 2.93 6.77
C LEU A 2 -14.68 2.13 5.52
N ARG A 3 -13.52 2.45 4.91
CA ARG A 3 -13.07 1.77 3.70
C ARG A 3 -13.90 2.21 2.49
N ARG A 4 -15.19 2.47 2.70
CA ARG A 4 -16.06 2.91 1.62
C ARG A 4 -15.86 4.39 1.33
N ILE A 5 -15.30 5.11 2.30
CA ILE A 5 -15.05 6.55 2.16
C ILE A 5 -13.78 6.94 2.90
N GLY A 6 -12.64 6.49 2.38
CA GLY A 6 -11.36 6.80 3.00
C GLY A 6 -10.22 6.02 2.37
N LYS A 7 -10.42 4.71 2.22
CA LYS A 7 -9.39 3.86 1.62
C LYS A 7 -8.06 4.04 2.34
N GLY A 8 -7.08 3.21 1.98
CA GLY A 8 -5.77 3.27 2.59
C GLY A 8 -4.90 2.10 2.19
N VAL A 9 -3.59 2.30 2.23
CA VAL A 9 -2.65 1.24 1.87
C VAL A 9 -2.57 0.19 2.97
N LYS A 10 -3.55 0.20 3.87
CA LYS A 10 -3.58 -0.75 4.98
C LYS A 10 -4.07 -2.11 4.48
N ILE A 11 -4.64 -2.11 3.27
CA ILE A 11 -5.17 -3.32 2.65
C ILE A 11 -4.60 -3.49 1.25
N ILE A 12 -4.53 -2.40 0.52
CA ILE A 12 -4.02 -2.40 -0.84
C ILE A 12 -2.51 -2.51 -0.81
N GLY A 13 -1.82 -1.37 -0.75
CA GLY A 13 -0.38 -1.37 -0.63
C GLY A 13 -0.04 -2.10 0.65
N GLY A 14 -1.12 -2.42 1.36
CA GLY A 14 -1.04 -3.15 2.61
C GLY A 14 -0.94 -4.64 2.33
N ALA A 15 -1.78 -5.14 1.42
CA ALA A 15 -1.74 -6.54 1.04
C ALA A 15 -0.77 -6.68 -0.12
N ALA A 16 0.20 -5.77 -0.15
CA ALA A 16 1.19 -5.72 -1.20
C ALA A 16 0.55 -5.20 -2.48
N LEU A 17 -0.22 -4.10 -2.35
CA LEU A 17 -0.89 -3.50 -3.52
C LEU A 17 -1.92 -4.49 -4.09
N ASP A 18 -2.20 -5.54 -3.33
CA ASP A 18 -3.16 -6.55 -3.76
C ASP A 18 -2.75 -7.17 -5.09
N HIS A 19 -2.98 -6.44 -6.18
CA HIS A 19 -2.62 -6.93 -7.51
C HIS A 19 -2.53 -5.78 -8.50
N LEU A 20 -2.13 -4.60 -8.01
CA LEU A 20 -2.00 -3.41 -8.86
C LEU A 20 -0.52 -3.13 -9.15
N TRP A 1 4.52 7.37 14.92
CA TRP A 1 3.26 7.30 14.17
C TRP A 1 3.51 6.73 12.77
N LEU A 2 3.57 5.41 12.67
CA LEU A 2 3.80 4.74 11.39
C LEU A 2 5.18 5.08 10.81
N ARG A 3 5.86 6.04 11.43
CA ARG A 3 7.20 6.45 10.97
C ARG A 3 7.16 7.03 9.55
N ARG A 4 6.05 6.84 8.83
CA ARG A 4 5.92 7.35 7.48
C ARG A 4 4.55 8.01 7.28
N ILE A 5 3.73 8.00 8.33
CA ILE A 5 2.40 8.59 8.26
C ILE A 5 1.66 8.05 7.04
N GLY A 6 1.12 6.84 7.18
CA GLY A 6 0.38 6.20 6.09
C GLY A 6 1.29 5.41 5.18
N LYS A 7 1.84 4.32 5.72
CA LYS A 7 2.75 3.47 4.95
C LYS A 7 2.14 3.11 3.59
N GLY A 8 0.82 3.24 3.49
CA GLY A 8 0.15 2.93 2.23
C GLY A 8 -1.36 2.99 2.36
N VAL A 9 -2.00 1.82 2.34
CA VAL A 9 -3.47 1.74 2.44
C VAL A 9 -3.86 0.56 3.32
N LYS A 10 -2.91 -0.33 3.58
CA LYS A 10 -3.14 -1.50 4.42
C LYS A 10 -3.97 -2.55 3.67
N ILE A 11 -4.67 -2.12 2.62
CA ILE A 11 -5.53 -3.01 1.83
C ILE A 11 -5.04 -3.14 0.39
N ILE A 12 -4.73 -2.00 -0.24
CA ILE A 12 -4.28 -1.98 -1.63
C ILE A 12 -2.76 -1.97 -1.68
N GLY A 13 -2.16 -0.79 -1.86
CA GLY A 13 -0.70 -0.69 -1.85
C GLY A 13 -0.20 -1.29 -0.56
N GLY A 14 -1.16 -1.57 0.30
CA GLY A 14 -0.91 -2.20 1.57
C GLY A 14 -0.80 -3.69 1.40
N ALA A 15 -1.77 -4.28 0.69
CA ALA A 15 -1.72 -5.72 0.43
C ALA A 15 -0.86 -5.95 -0.80
N ALA A 16 0.11 -5.04 -0.98
CA ALA A 16 1.01 -5.09 -2.12
C ALA A 16 0.28 -4.64 -3.38
N LEU A 17 -0.51 -3.57 -3.27
CA LEU A 17 -1.26 -3.08 -4.43
C LEU A 17 -2.18 -4.17 -4.97
N ASP A 18 -2.97 -4.76 -4.07
CA ASP A 18 -3.91 -5.81 -4.46
C ASP A 18 -3.16 -6.96 -5.15
N HIS A 19 -1.95 -7.22 -4.67
CA HIS A 19 -1.13 -8.30 -5.24
C HIS A 19 -0.94 -8.10 -6.73
N LEU A 20 -0.75 -6.84 -7.14
CA LEU A 20 -0.56 -6.52 -8.55
C LEU A 20 -1.71 -7.11 -9.38
N TRP A 1 3.13 9.04 -4.41
CA TRP A 1 2.23 9.60 -3.41
C TRP A 1 2.99 10.52 -2.46
N LEU A 2 2.28 11.50 -1.91
CA LEU A 2 2.90 12.45 -0.98
C LEU A 2 3.28 11.76 0.32
N ARG A 3 2.86 10.50 0.47
CA ARG A 3 3.13 9.72 1.66
C ARG A 3 2.28 10.20 2.84
N ARG A 4 2.54 11.42 3.30
CA ARG A 4 1.78 11.97 4.41
C ARG A 4 0.29 12.00 4.10
N ILE A 5 -0.05 11.84 2.83
CA ILE A 5 -1.44 11.85 2.41
C ILE A 5 -2.20 10.70 3.08
N GLY A 6 -1.48 9.60 3.34
CA GLY A 6 -2.07 8.45 3.96
C GLY A 6 -1.09 7.31 4.09
N LYS A 7 0.02 7.41 3.37
CA LYS A 7 1.05 6.38 3.42
C LYS A 7 0.50 5.06 2.88
N GLY A 8 0.73 3.97 3.62
CA GLY A 8 0.25 2.65 3.20
C GLY A 8 -1.22 2.46 3.51
N VAL A 9 -1.99 2.11 2.49
CA VAL A 9 -3.42 1.89 2.67
C VAL A 9 -3.66 0.76 3.67
N LYS A 10 -2.63 -0.06 3.88
CA LYS A 10 -2.70 -1.19 4.82
C LYS A 10 -3.61 -2.30 4.28
N ILE A 11 -4.53 -1.94 3.39
CA ILE A 11 -5.47 -2.92 2.81
C ILE A 11 -5.22 -3.14 1.31
N ILE A 12 -5.12 -2.05 0.57
CA ILE A 12 -4.91 -2.12 -0.88
C ILE A 12 -3.44 -2.10 -1.20
N GLY A 13 -2.89 -0.94 -1.58
CA GLY A 13 -1.46 -0.84 -1.84
C GLY A 13 -0.72 -1.33 -0.62
N GLY A 14 -1.52 -1.55 0.41
CA GLY A 14 -1.04 -2.07 1.68
C GLY A 14 -0.92 -3.57 1.60
N ALA A 15 -1.97 -4.23 1.09
CA ALA A 15 -1.90 -5.68 0.93
C ALA A 15 -1.18 -5.98 -0.37
N ALA A 16 -0.27 -5.08 -0.73
CA ALA A 16 0.50 -5.19 -1.96
C ALA A 16 -0.38 -4.85 -3.14
N LEU A 17 -1.28 -3.87 -2.97
CA LEU A 17 -2.17 -3.49 -4.07
C LEU A 17 -2.93 -4.72 -4.58
N ASP A 18 -3.31 -5.59 -3.66
CA ASP A 18 -4.06 -6.81 -4.01
C ASP A 18 -3.24 -7.68 -4.97
N HIS A 19 -2.03 -7.23 -5.30
CA HIS A 19 -1.16 -7.98 -6.21
C HIS A 19 0.23 -7.35 -6.27
N LEU A 20 0.31 -6.19 -6.92
CA LEU A 20 1.58 -5.49 -7.05
C LEU A 20 2.21 -5.28 -5.67
N TRP A 1 -6.76 8.28 -6.70
CA TRP A 1 -5.79 8.72 -5.70
C TRP A 1 -5.94 7.92 -4.42
N LEU A 2 -5.01 8.11 -3.49
CA LEU A 2 -5.05 7.40 -2.22
C LEU A 2 -6.20 7.92 -1.36
N ARG A 3 -6.85 8.99 -1.84
CA ARG A 3 -7.98 9.60 -1.13
C ARG A 3 -7.53 10.24 0.18
N ARG A 4 -6.31 9.91 0.62
CA ARG A 4 -5.76 10.46 1.87
C ARG A 4 -4.33 10.94 1.64
N ILE A 5 -3.86 10.83 0.41
CA ILE A 5 -2.52 11.26 0.05
C ILE A 5 -1.49 10.69 1.03
N GLY A 6 -1.52 9.37 1.20
CA GLY A 6 -0.59 8.71 2.11
C GLY A 6 -1.14 7.39 2.62
N LYS A 7 -2.14 7.46 3.49
CA LYS A 7 -2.74 6.26 4.06
C LYS A 7 -3.57 5.53 3.00
N GLY A 8 -4.51 4.71 3.45
CA GLY A 8 -5.36 3.96 2.53
C GLY A 8 -4.69 2.68 2.07
N VAL A 9 -3.36 2.67 2.08
CA VAL A 9 -2.61 1.49 1.65
C VAL A 9 -2.59 0.44 2.76
N LYS A 10 -3.63 0.44 3.58
CA LYS A 10 -3.74 -0.53 4.68
C LYS A 10 -4.24 -1.87 4.14
N ILE A 11 -4.79 -1.84 2.93
CA ILE A 11 -5.33 -3.04 2.29
C ILE A 11 -4.84 -3.14 0.85
N ILE A 12 -4.80 -2.01 0.17
CA ILE A 12 -4.36 -1.95 -1.22
C ILE A 12 -2.86 -2.09 -1.26
N GLY A 13 -2.15 -0.95 -1.20
CA GLY A 13 -0.71 -0.99 -1.14
C GLY A 13 -0.33 -1.75 0.10
N GLY A 14 -1.38 -2.09 0.85
CA GLY A 14 -1.26 -2.86 2.07
C GLY A 14 -1.18 -4.33 1.74
N ALA A 15 -2.05 -4.78 0.84
CA ALA A 15 -2.02 -6.18 0.41
C ALA A 15 -1.11 -6.27 -0.80
N ALA A 16 -0.13 -5.36 -0.81
CA ALA A 16 0.82 -5.28 -1.90
C ALA A 16 0.11 -4.75 -3.15
N LEU A 17 -0.68 -3.68 -2.98
CA LEU A 17 -1.42 -3.10 -4.10
C LEU A 17 -2.45 -4.10 -4.61
N ASP A 18 -2.68 -5.16 -3.84
CA ASP A 18 -3.63 -6.19 -4.23
C ASP A 18 -3.29 -6.76 -5.60
N HIS A 19 -2.01 -7.08 -5.78
CA HIS A 19 -1.54 -7.65 -7.05
C HIS A 19 -2.03 -6.80 -8.22
N LEU A 20 -1.81 -5.49 -8.14
CA LEU A 20 -2.23 -4.58 -9.19
C LEU A 20 -3.72 -4.75 -9.48
N TRP A 1 10.40 -3.68 3.09
CA TRP A 1 9.95 -2.30 3.15
C TRP A 1 9.25 -1.90 1.85
N LEU A 2 8.22 -1.07 1.97
CA LEU A 2 7.48 -0.62 0.80
C LEU A 2 8.31 0.34 -0.04
N ARG A 3 8.51 1.54 0.49
CA ARG A 3 9.29 2.55 -0.20
C ARG A 3 9.69 3.63 0.81
N ARG A 4 8.98 3.62 1.93
CA ARG A 4 9.21 4.57 3.01
C ARG A 4 8.49 4.09 4.26
N ILE A 5 7.98 2.86 4.20
CA ILE A 5 7.24 2.26 5.32
C ILE A 5 6.39 3.29 6.04
N GLY A 6 5.99 4.33 5.32
CA GLY A 6 5.16 5.40 5.88
C GLY A 6 3.77 5.38 5.30
N LYS A 7 3.66 5.69 4.00
CA LYS A 7 2.38 5.71 3.32
C LYS A 7 1.93 4.29 2.99
N GLY A 8 0.67 3.99 3.28
CA GLY A 8 0.13 2.67 3.00
C GLY A 8 -1.33 2.55 3.37
N VAL A 9 -2.12 1.95 2.48
CA VAL A 9 -3.54 1.79 2.73
C VAL A 9 -3.79 0.70 3.77
N LYS A 10 -2.74 -0.09 4.03
CA LYS A 10 -2.81 -1.18 5.02
C LYS A 10 -3.72 -2.31 4.53
N ILE A 11 -4.50 -2.04 3.49
CA ILE A 11 -5.44 -3.03 2.94
C ILE A 11 -5.17 -3.29 1.46
N ILE A 12 -4.94 -2.22 0.71
CA ILE A 12 -4.69 -2.32 -0.74
C ILE A 12 -3.19 -2.29 -1.00
N GLY A 13 -2.67 -1.11 -1.37
CA GLY A 13 -1.24 -0.98 -1.58
C GLY A 13 -0.54 -1.42 -0.31
N GLY A 14 -1.36 -1.64 0.70
CA GLY A 14 -0.92 -2.10 1.99
C GLY A 14 -0.80 -3.61 1.98
N ALA A 15 -1.83 -4.28 1.45
CA ALA A 15 -1.77 -5.74 1.35
C ALA A 15 -0.99 -6.09 0.08
N ALA A 16 -0.07 -5.20 -0.28
CA ALA A 16 0.75 -5.36 -1.47
C ALA A 16 -0.08 -5.06 -2.71
N LEU A 17 -0.95 -4.05 -2.62
CA LEU A 17 -1.79 -3.70 -3.77
C LEU A 17 -2.50 -4.95 -4.31
N ASP A 18 -2.75 -5.90 -3.42
CA ASP A 18 -3.41 -7.14 -3.81
C ASP A 18 -2.65 -7.84 -4.94
N HIS A 19 -2.90 -7.40 -6.17
CA HIS A 19 -2.23 -7.98 -7.33
C HIS A 19 -0.72 -8.08 -7.10
N LEU A 20 -0.07 -6.93 -7.00
CA LEU A 20 1.38 -6.91 -6.77
C LEU A 20 1.68 -7.24 -5.31
N TRP A 1 4.94 9.48 7.19
CA TRP A 1 5.41 8.95 5.91
C TRP A 1 5.20 9.97 4.79
N LEU A 2 6.18 10.09 3.91
CA LEU A 2 6.10 11.03 2.79
C LEU A 2 5.04 10.56 1.81
N ARG A 3 4.58 9.33 2.00
CA ARG A 3 3.57 8.73 1.13
C ARG A 3 4.20 8.31 -0.20
N ARG A 4 5.13 9.12 -0.69
CA ARG A 4 5.81 8.83 -1.95
C ARG A 4 6.85 7.73 -1.76
N ILE A 5 7.27 7.54 -0.51
CA ILE A 5 8.27 6.53 -0.19
C ILE A 5 7.76 5.14 -0.57
N GLY A 6 6.50 4.86 -0.25
CA GLY A 6 5.92 3.58 -0.56
C GLY A 6 4.41 3.59 -0.37
N LYS A 7 3.88 4.75 0.01
CA LYS A 7 2.44 4.89 0.22
C LYS A 7 1.95 3.90 1.27
N GLY A 8 1.72 2.66 0.86
CA GLY A 8 1.25 1.64 1.77
C GLY A 8 -0.02 2.07 2.48
N VAL A 9 -1.17 1.69 1.92
CA VAL A 9 -2.45 2.05 2.52
C VAL A 9 -2.71 1.23 3.78
N LYS A 10 -3.32 0.06 3.62
CA LYS A 10 -3.61 -0.80 4.76
C LYS A 10 -4.12 -2.17 4.29
N ILE A 11 -4.73 -2.18 3.10
CA ILE A 11 -5.27 -3.42 2.53
C ILE A 11 -4.85 -3.54 1.07
N ILE A 12 -5.08 -2.49 0.29
CA ILE A 12 -4.72 -2.49 -1.12
C ILE A 12 -3.22 -2.29 -1.27
N GLY A 13 -2.78 -1.04 -1.49
CA GLY A 13 -1.35 -0.75 -1.55
C GLY A 13 -0.70 -1.29 -0.31
N GLY A 14 -1.57 -1.69 0.61
CA GLY A 14 -1.18 -2.26 1.87
C GLY A 14 -0.82 -3.72 1.69
N ALA A 15 -1.69 -4.47 0.99
CA ALA A 15 -1.40 -5.88 0.72
C ALA A 15 -0.55 -5.95 -0.53
N ALA A 16 0.21 -4.90 -0.76
CA ALA A 16 1.07 -4.78 -1.93
C ALA A 16 0.23 -4.44 -3.15
N LEU A 17 -0.77 -3.56 -2.97
CA LEU A 17 -1.61 -3.18 -4.10
C LEU A 17 -2.26 -4.41 -4.72
N ASP A 18 -2.84 -5.27 -3.87
CA ASP A 18 -3.49 -6.49 -4.33
C ASP A 18 -2.49 -7.39 -5.06
N HIS A 19 -2.16 -7.04 -6.29
CA HIS A 19 -1.21 -7.83 -7.08
C HIS A 19 -0.55 -6.97 -8.15
N LEU A 20 0.04 -5.86 -7.72
CA LEU A 20 0.72 -4.96 -8.65
C LEU A 20 -0.23 -4.58 -9.80
N TRP A 1 13.15 5.24 7.68
CA TRP A 1 12.24 5.56 6.59
C TRP A 1 10.86 4.98 6.86
N LEU A 2 9.82 5.74 6.50
CA LEU A 2 8.46 5.28 6.71
C LEU A 2 8.27 3.89 6.11
N ARG A 3 9.19 3.52 5.23
CA ARG A 3 9.15 2.21 4.56
C ARG A 3 8.09 2.20 3.46
N ARG A 4 6.93 2.75 3.76
CA ARG A 4 5.84 2.79 2.78
C ARG A 4 6.09 3.92 1.77
N ILE A 5 6.96 4.86 2.15
CA ILE A 5 7.31 6.00 1.29
C ILE A 5 6.12 6.47 0.46
N GLY A 6 4.94 6.42 1.05
CA GLY A 6 3.73 6.84 0.35
C GLY A 6 2.47 6.47 1.13
N LYS A 7 2.63 6.29 2.44
CA LYS A 7 1.50 5.94 3.29
C LYS A 7 0.74 4.74 2.70
N GLY A 8 1.01 3.56 3.24
CA GLY A 8 0.36 2.35 2.77
C GLY A 8 -1.13 2.37 3.03
N VAL A 9 -1.89 1.84 2.08
CA VAL A 9 -3.35 1.79 2.20
C VAL A 9 -3.75 0.71 3.21
N LYS A 10 -2.80 -0.14 3.56
CA LYS A 10 -3.03 -1.25 4.50
C LYS A 10 -3.90 -2.34 3.90
N ILE A 11 -4.64 -2.01 2.84
CA ILE A 11 -5.53 -2.97 2.18
C ILE A 11 -5.18 -3.10 0.68
N ILE A 12 -4.99 -1.96 0.03
CA ILE A 12 -4.68 -1.95 -1.41
C ILE A 12 -3.19 -1.94 -1.60
N GLY A 13 -2.59 -0.76 -1.83
CA GLY A 13 -1.15 -0.66 -1.94
C GLY A 13 -0.53 -1.24 -0.68
N GLY A 14 -1.43 -1.55 0.25
CA GLY A 14 -1.09 -2.15 1.51
C GLY A 14 -0.97 -3.65 1.35
N ALA A 15 -1.97 -4.26 0.70
CA ALA A 15 -1.91 -5.70 0.45
C ALA A 15 -1.06 -5.93 -0.79
N ALA A 16 -0.13 -5.01 -1.01
CA ALA A 16 0.76 -5.06 -2.16
C ALA A 16 -0.02 -4.64 -3.40
N LEU A 17 -0.89 -3.64 -3.26
CA LEU A 17 -1.67 -3.19 -4.39
C LEU A 17 -2.47 -4.35 -4.99
N ASP A 18 -3.14 -5.09 -4.13
CA ASP A 18 -3.93 -6.24 -4.58
C ASP A 18 -3.10 -7.16 -5.45
N HIS A 19 -1.79 -7.19 -5.19
CA HIS A 19 -0.90 -8.04 -5.96
C HIS A 19 -1.08 -7.79 -7.46
N LEU A 20 -0.92 -6.53 -7.87
CA LEU A 20 -1.07 -6.17 -9.27
C LEU A 20 -2.41 -6.69 -9.81
N TRP A 1 2.65 8.91 13.86
CA TRP A 1 3.84 8.86 13.02
C TRP A 1 3.45 9.00 11.55
N LEU A 2 3.33 10.23 11.09
CA LEU A 2 2.97 10.50 9.69
C LEU A 2 1.53 10.07 9.42
N ARG A 3 0.91 9.41 10.39
CA ARG A 3 -0.47 8.94 10.24
C ARG A 3 -0.51 7.74 9.29
N ARG A 4 -0.22 7.99 8.02
CA ARG A 4 -0.23 6.93 7.02
C ARG A 4 0.93 5.96 7.24
N ILE A 5 1.63 6.15 8.36
CA ILE A 5 2.78 5.29 8.71
C ILE A 5 3.58 4.89 7.48
N GLY A 6 3.87 5.85 6.62
CA GLY A 6 4.63 5.60 5.41
C GLY A 6 3.77 5.04 4.30
N LYS A 7 2.85 5.86 3.80
CA LYS A 7 1.96 5.43 2.73
C LYS A 7 1.25 4.14 3.10
N GLY A 8 0.97 3.31 2.10
CA GLY A 8 0.30 2.04 2.33
C GLY A 8 -1.14 2.23 2.75
N VAL A 9 -2.06 1.83 1.89
CA VAL A 9 -3.49 1.95 2.18
C VAL A 9 -3.88 0.96 3.27
N LYS A 10 -2.91 0.17 3.73
CA LYS A 10 -3.13 -0.84 4.76
C LYS A 10 -3.96 -2.01 4.24
N ILE A 11 -4.67 -1.79 3.13
CA ILE A 11 -5.52 -2.84 2.54
C ILE A 11 -5.05 -3.20 1.13
N ILE A 12 -4.81 -2.18 0.31
CA ILE A 12 -4.38 -2.40 -1.08
C ILE A 12 -2.86 -2.34 -1.17
N GLY A 13 -2.31 -1.18 -1.59
CA GLY A 13 -0.88 -1.02 -1.65
C GLY A 13 -0.29 -1.39 -0.31
N GLY A 14 -1.22 -1.55 0.63
CA GLY A 14 -0.90 -1.92 1.99
C GLY A 14 -0.75 -3.43 2.06
N ALA A 15 -1.72 -4.17 1.51
CA ALA A 15 -1.63 -5.63 1.51
C ALA A 15 -0.78 -6.05 0.32
N ALA A 16 0.13 -5.16 -0.08
CA ALA A 16 1.01 -5.39 -1.21
C ALA A 16 0.27 -5.14 -2.52
N LEU A 17 -0.57 -4.10 -2.55
CA LEU A 17 -1.31 -3.78 -3.78
C LEU A 17 -2.03 -5.03 -4.29
N ASP A 18 -2.43 -5.90 -3.37
CA ASP A 18 -3.12 -7.14 -3.73
C ASP A 18 -2.28 -7.96 -4.71
N HIS A 19 -2.32 -7.58 -5.99
CA HIS A 19 -1.55 -8.29 -7.02
C HIS A 19 -0.10 -8.50 -6.56
N LEU A 20 0.64 -7.39 -6.46
CA LEU A 20 2.03 -7.46 -6.03
C LEU A 20 2.13 -7.91 -4.58
N TRP A 1 4.59 16.73 -0.05
CA TRP A 1 4.13 15.48 0.57
C TRP A 1 2.67 15.60 0.99
N LEU A 2 1.90 14.56 0.70
CA LEU A 2 0.48 14.55 1.06
C LEU A 2 0.33 14.59 2.58
N ARG A 3 0.46 13.42 3.20
CA ARG A 3 0.34 13.31 4.64
C ARG A 3 0.79 11.91 5.05
N ARG A 4 0.58 10.96 4.14
CA ARG A 4 0.96 9.58 4.35
C ARG A 4 1.46 8.99 3.03
N ILE A 5 1.47 9.81 1.99
CA ILE A 5 1.93 9.36 0.68
C ILE A 5 1.07 8.19 0.21
N GLY A 6 -0.07 8.51 -0.40
CA GLY A 6 -0.96 7.47 -0.89
C GLY A 6 -1.53 6.62 0.22
N LYS A 7 -2.48 7.17 0.97
CA LYS A 7 -3.09 6.46 2.08
C LYS A 7 -4.03 5.37 1.56
N GLY A 8 -4.58 4.57 2.48
CA GLY A 8 -5.49 3.49 2.12
C GLY A 8 -4.76 2.20 1.84
N VAL A 9 -3.43 2.23 1.94
CA VAL A 9 -2.62 1.04 1.69
C VAL A 9 -2.71 0.08 2.88
N LYS A 10 -3.86 0.06 3.55
CA LYS A 10 -4.05 -0.83 4.70
C LYS A 10 -4.46 -2.22 4.24
N ILE A 11 -4.81 -2.32 2.95
CA ILE A 11 -5.24 -3.60 2.36
C ILE A 11 -4.61 -3.77 0.99
N ILE A 12 -4.56 -2.68 0.23
CA ILE A 12 -3.98 -2.70 -1.10
C ILE A 12 -2.48 -2.74 -1.00
N GLY A 13 -1.85 -1.56 -0.96
CA GLY A 13 -0.42 -1.49 -0.76
C GLY A 13 -0.11 -2.15 0.56
N GLY A 14 -1.21 -2.50 1.24
CA GLY A 14 -1.17 -3.17 2.52
C GLY A 14 -0.97 -4.66 2.32
N ALA A 15 -1.75 -5.23 1.39
CA ALA A 15 -1.61 -6.66 1.09
C ALA A 15 -0.59 -6.79 -0.03
N ALA A 16 0.35 -5.84 -0.04
CA ALA A 16 1.39 -5.80 -1.05
C ALA A 16 0.78 -5.36 -2.39
N LEU A 17 -0.03 -4.30 -2.35
CA LEU A 17 -0.68 -3.80 -3.57
C LEU A 17 -1.67 -4.85 -4.10
N ASP A 18 -1.97 -5.84 -3.28
CA ASP A 18 -2.90 -6.89 -3.66
C ASP A 18 -2.43 -7.60 -4.94
N HIS A 19 -2.66 -6.97 -6.08
CA HIS A 19 -2.26 -7.55 -7.35
C HIS A 19 -0.80 -7.98 -7.32
N LEU A 20 0.08 -7.05 -7.02
CA LEU A 20 1.52 -7.34 -6.96
C LEU A 20 2.26 -6.19 -6.30
N TRP A 1 11.48 -1.44 -6.18
CA TRP A 1 10.71 -1.27 -4.94
C TRP A 1 11.32 -0.16 -4.09
N LEU A 2 10.51 0.83 -3.73
CA LEU A 2 10.98 1.93 -2.91
C LEU A 2 11.31 1.44 -1.50
N ARG A 3 10.28 1.40 -0.67
CA ARG A 3 10.44 0.95 0.72
C ARG A 3 9.07 0.49 1.23
N ARG A 4 8.04 0.88 0.51
CA ARG A 4 6.68 0.52 0.86
C ARG A 4 5.75 0.79 -0.33
N ILE A 5 6.36 1.13 -1.47
CA ILE A 5 5.59 1.41 -2.68
C ILE A 5 4.52 2.47 -2.39
N GLY A 6 4.86 3.72 -2.64
CA GLY A 6 3.93 4.82 -2.43
C GLY A 6 3.21 4.72 -1.10
N LYS A 7 3.94 4.37 -0.06
CA LYS A 7 3.34 4.25 1.28
C LYS A 7 2.09 3.38 1.23
N GLY A 8 2.23 2.13 1.63
CA GLY A 8 1.10 1.21 1.65
C GLY A 8 -0.11 1.82 2.32
N VAL A 9 -1.29 1.54 1.78
CA VAL A 9 -2.53 2.06 2.35
C VAL A 9 -2.84 1.39 3.69
N LYS A 10 -3.44 0.20 3.63
CA LYS A 10 -3.79 -0.54 4.83
C LYS A 10 -4.26 -1.94 4.48
N ILE A 11 -4.77 -2.09 3.25
CA ILE A 11 -5.27 -3.39 2.77
C ILE A 11 -4.83 -3.59 1.32
N ILE A 12 -5.06 -2.58 0.51
CA ILE A 12 -4.68 -2.64 -0.91
C ILE A 12 -3.19 -2.44 -1.04
N GLY A 13 -2.77 -1.19 -1.29
CA GLY A 13 -1.35 -0.88 -1.35
C GLY A 13 -0.71 -1.35 -0.07
N GLY A 14 -1.59 -1.73 0.84
CA GLY A 14 -1.22 -2.26 2.13
C GLY A 14 -0.83 -3.72 2.01
N ALA A 15 -1.68 -4.51 1.33
CA ALA A 15 -1.36 -5.92 1.12
C ALA A 15 -0.48 -6.02 -0.11
N ALA A 16 0.28 -4.95 -0.35
CA ALA A 16 1.17 -4.87 -1.50
C ALA A 16 0.37 -4.58 -2.77
N LEU A 17 -0.66 -3.73 -2.64
CA LEU A 17 -1.48 -3.40 -3.80
C LEU A 17 -2.03 -4.68 -4.44
N ASP A 18 -2.55 -5.58 -3.61
CA ASP A 18 -3.10 -6.84 -4.09
C ASP A 18 -2.06 -7.58 -4.94
N HIS A 19 -1.99 -7.22 -6.22
CA HIS A 19 -1.03 -7.86 -7.13
C HIS A 19 -0.83 -7.01 -8.38
N LEU A 20 -0.58 -5.72 -8.17
CA LEU A 20 -0.36 -4.80 -9.30
C LEU A 20 -1.50 -4.94 -10.31
#